data_4P3S
# 
_entry.id   4P3S 
# 
_audit_conform.dict_name       mmcif_pdbx.dic 
_audit_conform.dict_version    5.383 
_audit_conform.dict_location   http://mmcif.pdb.org/dictionaries/ascii/mmcif_pdbx.dic 
# 
loop_
_database_2.database_id 
_database_2.database_code 
_database_2.pdbx_database_accession 
_database_2.pdbx_DOI 
PDB   4P3S         pdb_00004p3s 10.2210/pdb4p3s/pdb 
WWPDB D_1000200645 ?            ?                   
# 
loop_
_pdbx_audit_revision_history.ordinal 
_pdbx_audit_revision_history.data_content_type 
_pdbx_audit_revision_history.major_revision 
_pdbx_audit_revision_history.minor_revision 
_pdbx_audit_revision_history.revision_date 
1 'Structure model' 1 0 2016-05-04 
2 'Structure model' 1 1 2023-12-27 
# 
_pdbx_audit_revision_details.ordinal             1 
_pdbx_audit_revision_details.revision_ordinal    1 
_pdbx_audit_revision_details.data_content_type   'Structure model' 
_pdbx_audit_revision_details.provider            repository 
_pdbx_audit_revision_details.type                'Initial release' 
_pdbx_audit_revision_details.description         ? 
_pdbx_audit_revision_details.details             ? 
# 
loop_
_pdbx_audit_revision_group.ordinal 
_pdbx_audit_revision_group.revision_ordinal 
_pdbx_audit_revision_group.data_content_type 
_pdbx_audit_revision_group.group 
1 2 'Structure model' 'Data collection'      
2 2 'Structure model' 'Database references'  
3 2 'Structure model' 'Derived calculations' 
# 
loop_
_pdbx_audit_revision_category.ordinal 
_pdbx_audit_revision_category.revision_ordinal 
_pdbx_audit_revision_category.data_content_type 
_pdbx_audit_revision_category.category 
1 2 'Structure model' chem_comp_atom        
2 2 'Structure model' chem_comp_bond        
3 2 'Structure model' database_2            
4 2 'Structure model' diffrn_source         
5 2 'Structure model' pdbx_struct_oper_list 
# 
loop_
_pdbx_audit_revision_item.ordinal 
_pdbx_audit_revision_item.revision_ordinal 
_pdbx_audit_revision_item.data_content_type 
_pdbx_audit_revision_item.item 
1 2 'Structure model' '_database_2.pdbx_DOI'                      
2 2 'Structure model' '_database_2.pdbx_database_accession'       
3 2 'Structure model' '_diffrn_source.pdbx_synchrotron_site'      
4 2 'Structure model' '_pdbx_struct_oper_list.symmetry_operation' 
# 
_pdbx_database_status.status_code                     REL 
_pdbx_database_status.status_code_sf                  REL 
_pdbx_database_status.status_code_mr                  . 
_pdbx_database_status.entry_id                        4P3S 
_pdbx_database_status.recvd_initial_deposition_date   2014-03-10 
_pdbx_database_status.SG_entry                        N 
_pdbx_database_status.deposit_site                    RCSB 
_pdbx_database_status.process_site                    RCSB 
_pdbx_database_status.status_code_cs                  . 
_pdbx_database_status.methods_development_category    . 
_pdbx_database_status.pdb_format_compatible           Y 
_pdbx_database_status.status_code_nmr_data            ? 
# 
loop_
_pdbx_database_related.content_type 
_pdbx_database_related.db_id 
_pdbx_database_related.db_name 
_pdbx_database_related.details 
unspecified 4P20 PDB . 
unspecified 4P3T PDB . 
unspecified 4P3U PDB . 
unspecified 4P43 PDB . 
# 
loop_
_audit_author.name 
_audit_author.pdbx_ordinal 
'Kondo, J.'   1 
'Koganei, M.' 2 
# 
_citation.abstract                  . 
_citation.abstract_id_CAS           . 
_citation.book_id_ISBN              . 
_citation.book_publisher            . 
_citation.book_publisher_city       . 
_citation.book_title                . 
_citation.coordinate_linkage        . 
_citation.country                   ? 
_citation.database_id_Medline       . 
_citation.details                   . 
_citation.id                        primary 
_citation.journal_abbrev            'To Be Published' 
_citation.journal_id_ASTM           ? 
_citation.journal_id_CSD            0353 
_citation.journal_id_ISSN           ? 
_citation.journal_full              . 
_citation.journal_issue             . 
_citation.journal_volume            . 
_citation.language                  . 
_citation.page_first                . 
_citation.page_last                 . 
_citation.title                     
'Crystal structure of the bacterial A1408C-mutant ribosomal decoding site in complex with geneticin' 
_citation.year                      . 
_citation.database_id_CSD           . 
_citation.pdbx_database_id_DOI      . 
_citation.pdbx_database_id_PubMed   . 
_citation.unpublished_flag          . 
# 
loop_
_citation_author.citation_id 
_citation_author.name 
_citation_author.ordinal 
_citation_author.identifier_ORCID 
primary 'Kondo, J.'   1 ? 
primary 'Koganei, M.' 2 ? 
# 
loop_
_entity.id 
_entity.type 
_entity.src_method 
_entity.pdbx_description 
_entity.formula_weight 
_entity.pdbx_number_of_molecules 
_entity.pdbx_ec 
_entity.pdbx_mutation 
_entity.pdbx_fragment 
_entity.details 
1 polymer     syn "5'-R(*UP*UP*GP*CP*GP*UP*CP*CP*CP*GP*(5BU)P*CP*GP*AP*CP*GP*AP*AP*GP*UP*CP*GP*C)-3'" 7410.280 2   ? ? ? ? 
2 non-polymer syn GENETICIN                                                                           496.552  3   ? ? ? ? 
3 water       nat water                                                                               18.015   138 ? ? ? ? 
# 
_entity_poly.entity_id                      1 
_entity_poly.type                           polyribonucleotide 
_entity_poly.nstd_linkage                   no 
_entity_poly.nstd_monomer                   yes 
_entity_poly.pdbx_seq_one_letter_code       'UUGCGUCCCG(5BU)CGACGAAGUCGC' 
_entity_poly.pdbx_seq_one_letter_code_can   UUGCGUCCCGUCGACGAAGUCGC 
_entity_poly.pdbx_strand_id                 A,B 
_entity_poly.pdbx_target_identifier         ? 
# 
loop_
_pdbx_entity_nonpoly.entity_id 
_pdbx_entity_nonpoly.name 
_pdbx_entity_nonpoly.comp_id 
2 GENETICIN GET 
3 water     HOH 
# 
loop_
_entity_poly_seq.entity_id 
_entity_poly_seq.num 
_entity_poly_seq.mon_id 
_entity_poly_seq.hetero 
1 1  U   n 
1 2  U   n 
1 3  G   n 
1 4  C   n 
1 5  G   n 
1 6  U   n 
1 7  C   n 
1 8  C   n 
1 9  C   n 
1 10 G   n 
1 11 5BU n 
1 12 C   n 
1 13 G   n 
1 14 A   n 
1 15 C   n 
1 16 G   n 
1 17 A   n 
1 18 A   n 
1 19 G   n 
1 20 U   n 
1 21 C   n 
1 22 G   n 
1 23 C   n 
# 
_pdbx_entity_src_syn.entity_id              1 
_pdbx_entity_src_syn.pdbx_src_id            1 
_pdbx_entity_src_syn.pdbx_alt_source_flag   sample 
_pdbx_entity_src_syn.pdbx_beg_seq_num       1 
_pdbx_entity_src_syn.pdbx_end_seq_num       23 
_pdbx_entity_src_syn.organism_scientific    ? 
_pdbx_entity_src_syn.organism_common_name   ? 
_pdbx_entity_src_syn.ncbi_taxonomy_id       '32630 ' 
_pdbx_entity_src_syn.details                ? 
# 
loop_
_chem_comp.id 
_chem_comp.type 
_chem_comp.mon_nstd_flag 
_chem_comp.name 
_chem_comp.pdbx_synonyms 
_chem_comp.formula 
_chem_comp.formula_weight 
5BU 'RNA linking' n "5-BROMO-URIDINE-5'-MONOPHOSPHATE" ?    'C9 H12 Br N2 O9 P' 403.077 
A   'RNA linking' y "ADENOSINE-5'-MONOPHOSPHATE"       ?    'C10 H14 N5 O7 P'   347.221 
C   'RNA linking' y "CYTIDINE-5'-MONOPHOSPHATE"        ?    'C9 H14 N3 O8 P'    323.197 
G   'RNA linking' y "GUANOSINE-5'-MONOPHOSPHATE"       ?    'C10 H14 N5 O8 P'   363.221 
GET non-polymer   . GENETICIN                          G418 'C20 H40 N4 O10'    496.552 
HOH non-polymer   . WATER                              ?    'H2 O'              18.015  
U   'RNA linking' y "URIDINE-5'-MONOPHOSPHATE"         ?    'C9 H13 N2 O9 P'    324.181 
# 
loop_
_pdbx_poly_seq_scheme.asym_id 
_pdbx_poly_seq_scheme.entity_id 
_pdbx_poly_seq_scheme.seq_id 
_pdbx_poly_seq_scheme.mon_id 
_pdbx_poly_seq_scheme.ndb_seq_num 
_pdbx_poly_seq_scheme.pdb_seq_num 
_pdbx_poly_seq_scheme.auth_seq_num 
_pdbx_poly_seq_scheme.pdb_mon_id 
_pdbx_poly_seq_scheme.auth_mon_id 
_pdbx_poly_seq_scheme.pdb_strand_id 
_pdbx_poly_seq_scheme.pdb_ins_code 
_pdbx_poly_seq_scheme.hetero 
A 1 1  U   1  1  ?  ?   ?   A . n 
A 1 2  U   2  2  ?  ?   ?   A . n 
A 1 3  G   3  3  3  G   G   A . n 
A 1 4  C   4  4  4  C   C   A . n 
A 1 5  G   5  5  5  G   G   A . n 
A 1 6  U   6  6  6  U   U   A . n 
A 1 7  C   7  7  7  C   C   A . n 
A 1 8  C   8  8  8  C   C   A . n 
A 1 9  C   9  9  9  C   C   A . n 
A 1 10 G   10 10 10 G   G   A . n 
A 1 11 5BU 11 11 11 5BU 5BU A . n 
A 1 12 C   12 12 12 C   C   A . n 
A 1 13 G   13 13 13 G   G   A . n 
A 1 14 A   14 14 14 A   A   A . n 
A 1 15 C   15 15 15 C   C   A . n 
A 1 16 G   16 16 16 G   G   A . n 
A 1 17 A   17 17 17 A   A   A . n 
A 1 18 A   18 18 18 A   A   A . n 
A 1 19 G   19 19 19 G   G   A . n 
A 1 20 U   20 20 20 U   U   A . n 
A 1 21 C   21 21 21 C   C   A . n 
A 1 22 G   22 22 22 G   G   A . n 
A 1 23 C   23 23 23 C   C   A . n 
B 1 1  U   1  24 ?  ?   ?   B . n 
B 1 2  U   2  25 25 U   U   B . n 
B 1 3  G   3  26 26 G   G   B . n 
B 1 4  C   4  27 27 C   C   B . n 
B 1 5  G   5  28 28 G   G   B . n 
B 1 6  U   6  29 29 U   U   B . n 
B 1 7  C   7  30 30 C   C   B . n 
B 1 8  C   8  31 31 C   C   B . n 
B 1 9  C   9  32 32 C   C   B . n 
B 1 10 G   10 33 33 G   G   B . n 
B 1 11 5BU 11 34 34 5BU 5BU B . n 
B 1 12 C   12 35 35 C   C   B . n 
B 1 13 G   13 36 36 G   G   B . n 
B 1 14 A   14 37 37 A   A   B . n 
B 1 15 C   15 38 38 C   C   B . n 
B 1 16 G   16 39 39 G   G   B . n 
B 1 17 A   17 40 40 A   A   B . n 
B 1 18 A   18 41 41 A   A   B . n 
B 1 19 G   19 42 42 G   G   B . n 
B 1 20 U   20 43 43 U   U   B . n 
B 1 21 C   21 44 44 C   C   B . n 
B 1 22 G   22 45 45 G   G   B . n 
B 1 23 C   23 46 46 C   C   B . n 
# 
loop_
_pdbx_nonpoly_scheme.asym_id 
_pdbx_nonpoly_scheme.entity_id 
_pdbx_nonpoly_scheme.mon_id 
_pdbx_nonpoly_scheme.ndb_seq_num 
_pdbx_nonpoly_scheme.pdb_seq_num 
_pdbx_nonpoly_scheme.auth_seq_num 
_pdbx_nonpoly_scheme.pdb_mon_id 
_pdbx_nonpoly_scheme.auth_mon_id 
_pdbx_nonpoly_scheme.pdb_strand_id 
_pdbx_nonpoly_scheme.pdb_ins_code 
C 2 GET 1  101 50  GET GET A . 
D 2 GET 1  102 51  GET GET A . 
E 2 GET 1  103 52  GET GET A . 
F 3 HOH 1  201 117 HOH HOH A . 
F 3 HOH 2  202 236 HOH HOH A . 
F 3 HOH 3  203 146 HOH HOH A . 
F 3 HOH 4  204 127 HOH HOH A . 
F 3 HOH 5  205 104 HOH HOH A . 
F 3 HOH 6  206 139 HOH HOH A . 
F 3 HOH 7  207 129 HOH HOH A . 
F 3 HOH 8  208 125 HOH HOH A . 
F 3 HOH 9  209 110 HOH HOH A . 
F 3 HOH 10 210 186 HOH HOH A . 
F 3 HOH 11 211 179 HOH HOH A . 
F 3 HOH 12 212 108 HOH HOH A . 
F 3 HOH 13 213 102 HOH HOH A . 
F 3 HOH 14 214 142 HOH HOH A . 
F 3 HOH 15 215 219 HOH HOH A . 
F 3 HOH 16 216 234 HOH HOH A . 
F 3 HOH 17 217 211 HOH HOH A . 
F 3 HOH 18 218 137 HOH HOH A . 
F 3 HOH 19 219 224 HOH HOH A . 
F 3 HOH 20 220 159 HOH HOH A . 
F 3 HOH 21 221 163 HOH HOH A . 
F 3 HOH 22 222 120 HOH HOH A . 
F 3 HOH 23 223 172 HOH HOH A . 
F 3 HOH 24 224 207 HOH HOH A . 
F 3 HOH 25 225 187 HOH HOH A . 
F 3 HOH 26 226 158 HOH HOH A . 
F 3 HOH 27 227 221 HOH HOH A . 
F 3 HOH 28 228 227 HOH HOH A . 
F 3 HOH 29 229 232 HOH HOH A . 
F 3 HOH 30 230 208 HOH HOH A . 
F 3 HOH 31 231 103 HOH HOH A . 
F 3 HOH 32 232 113 HOH HOH A . 
F 3 HOH 33 233 114 HOH HOH A . 
F 3 HOH 34 234 115 HOH HOH A . 
F 3 HOH 35 235 116 HOH HOH A . 
F 3 HOH 36 236 121 HOH HOH A . 
F 3 HOH 37 237 123 HOH HOH A . 
F 3 HOH 38 238 131 HOH HOH A . 
F 3 HOH 39 239 133 HOH HOH A . 
F 3 HOH 40 240 143 HOH HOH A . 
F 3 HOH 41 241 144 HOH HOH A . 
F 3 HOH 42 242 147 HOH HOH A . 
F 3 HOH 43 243 151 HOH HOH A . 
F 3 HOH 44 244 155 HOH HOH A . 
F 3 HOH 45 245 157 HOH HOH A . 
F 3 HOH 46 246 165 HOH HOH A . 
F 3 HOH 47 247 166 HOH HOH A . 
F 3 HOH 48 248 168 HOH HOH A . 
F 3 HOH 49 249 171 HOH HOH A . 
F 3 HOH 50 250 173 HOH HOH A . 
F 3 HOH 51 251 175 HOH HOH A . 
F 3 HOH 52 252 176 HOH HOH A . 
F 3 HOH 53 253 177 HOH HOH A . 
F 3 HOH 54 254 178 HOH HOH A . 
F 3 HOH 55 255 180 HOH HOH A . 
F 3 HOH 56 256 182 HOH HOH A . 
F 3 HOH 57 257 184 HOH HOH A . 
F 3 HOH 58 258 185 HOH HOH A . 
F 3 HOH 59 259 189 HOH HOH A . 
F 3 HOH 60 260 190 HOH HOH A . 
F 3 HOH 61 261 191 HOH HOH A . 
F 3 HOH 62 262 192 HOH HOH A . 
F 3 HOH 63 263 194 HOH HOH A . 
F 3 HOH 64 264 195 HOH HOH A . 
F 3 HOH 65 265 196 HOH HOH A . 
F 3 HOH 66 266 202 HOH HOH A . 
F 3 HOH 67 267 203 HOH HOH A . 
F 3 HOH 68 268 213 HOH HOH A . 
F 3 HOH 69 269 225 HOH HOH A . 
F 3 HOH 70 270 226 HOH HOH A . 
F 3 HOH 71 271 229 HOH HOH A . 
F 3 HOH 72 272 230 HOH HOH A . 
G 3 HOH 1  101 101 HOH HOH B . 
G 3 HOH 2  102 118 HOH HOH B . 
G 3 HOH 3  103 217 HOH HOH B . 
G 3 HOH 4  104 188 HOH HOH B . 
G 3 HOH 5  105 140 HOH HOH B . 
G 3 HOH 6  106 135 HOH HOH B . 
G 3 HOH 7  107 109 HOH HOH B . 
G 3 HOH 8  108 122 HOH HOH B . 
G 3 HOH 9  109 210 HOH HOH B . 
G 3 HOH 10 110 112 HOH HOH B . 
G 3 HOH 11 111 216 HOH HOH B . 
G 3 HOH 12 112 106 HOH HOH B . 
G 3 HOH 13 113 233 HOH HOH B . 
G 3 HOH 14 114 231 HOH HOH B . 
G 3 HOH 15 115 220 HOH HOH B . 
G 3 HOH 16 116 128 HOH HOH B . 
G 3 HOH 17 117 237 HOH HOH B . 
G 3 HOH 18 118 160 HOH HOH B . 
G 3 HOH 19 119 212 HOH HOH B . 
G 3 HOH 20 120 204 HOH HOH B . 
G 3 HOH 21 121 209 HOH HOH B . 
G 3 HOH 22 122 154 HOH HOH B . 
G 3 HOH 23 123 161 HOH HOH B . 
G 3 HOH 24 124 153 HOH HOH B . 
G 3 HOH 25 125 162 HOH HOH B . 
G 3 HOH 26 126 206 HOH HOH B . 
G 3 HOH 27 127 201 HOH HOH B . 
G 3 HOH 28 128 200 HOH HOH B . 
G 3 HOH 29 129 105 HOH HOH B . 
G 3 HOH 30 130 107 HOH HOH B . 
G 3 HOH 31 131 111 HOH HOH B . 
G 3 HOH 32 132 119 HOH HOH B . 
G 3 HOH 33 133 124 HOH HOH B . 
G 3 HOH 34 134 126 HOH HOH B . 
G 3 HOH 35 135 130 HOH HOH B . 
G 3 HOH 36 136 132 HOH HOH B . 
G 3 HOH 37 137 134 HOH HOH B . 
G 3 HOH 38 138 136 HOH HOH B . 
G 3 HOH 39 139 138 HOH HOH B . 
G 3 HOH 40 140 141 HOH HOH B . 
G 3 HOH 41 141 145 HOH HOH B . 
G 3 HOH 42 142 148 HOH HOH B . 
G 3 HOH 43 143 149 HOH HOH B . 
G 3 HOH 44 144 150 HOH HOH B . 
G 3 HOH 45 145 152 HOH HOH B . 
G 3 HOH 46 146 156 HOH HOH B . 
G 3 HOH 47 147 164 HOH HOH B . 
G 3 HOH 48 148 167 HOH HOH B . 
G 3 HOH 49 149 169 HOH HOH B . 
G 3 HOH 50 150 170 HOH HOH B . 
G 3 HOH 51 151 174 HOH HOH B . 
G 3 HOH 52 152 181 HOH HOH B . 
G 3 HOH 53 153 183 HOH HOH B . 
G 3 HOH 54 154 193 HOH HOH B . 
G 3 HOH 55 155 197 HOH HOH B . 
G 3 HOH 56 156 198 HOH HOH B . 
G 3 HOH 57 157 199 HOH HOH B . 
G 3 HOH 58 158 205 HOH HOH B . 
G 3 HOH 59 159 214 HOH HOH B . 
G 3 HOH 60 160 215 HOH HOH B . 
G 3 HOH 61 161 218 HOH HOH B . 
G 3 HOH 62 162 222 HOH HOH B . 
G 3 HOH 63 163 223 HOH HOH B . 
G 3 HOH 64 164 228 HOH HOH B . 
G 3 HOH 65 165 235 HOH HOH B . 
G 3 HOH 66 166 238 HOH HOH B . 
# 
loop_
_software.citation_id 
_software.classification 
_software.compiler_name 
_software.compiler_version 
_software.contact_author 
_software.contact_author_email 
_software.date 
_software.description 
_software.dependencies 
_software.hardware 
_software.language 
_software.location 
_software.mods 
_software.name 
_software.os 
_software.os_version 
_software.type 
_software.version 
_software.pdbx_ordinal 
? 'data collection' . . . . . . . . . . . CrystalClear . . . .    1 
? phasing           . . . . . . . . . . . PHENIX       . . . .    2 
? refinement        . . . . . . . . . . . CNS          . . . .    3 
? 'data extraction' . . . . . . . . . . . PDB_EXTRACT  . . . 3.14 4 
? phasing           ? ? ? ? ? ? ? ? ? ? ? SOLVE        ? ? ? .    5 
? 'data scaling'    ? ? ? ? ? ? ? ? ? ? ? d*TREK       ? ? ? .    6 
# 
_cell.length_a           34.090 
_cell.length_b           88.830 
_cell.length_c           46.610 
_cell.angle_alpha        90.000 
_cell.angle_beta         90.000 
_cell.angle_gamma        90.000 
_cell.entry_id           4P3S 
_cell.Z_PDB              8 
_cell.pdbx_unique_axis   ? 
# 
_symmetry.entry_id                         4P3S 
_symmetry.cell_setting                     . 
_symmetry.Int_Tables_number                18 
_symmetry.space_group_name_Hall            . 
_symmetry.space_group_name_H-M             'P 21 21 2' 
_symmetry.pdbx_full_space_group_name_H-M   . 
# 
_exptl.absorpt_coefficient_mu     . 
_exptl.absorpt_correction_T_max   . 
_exptl.absorpt_correction_T_min   . 
_exptl.absorpt_correction_type    . 
_exptl.absorpt_process_details    . 
_exptl.entry_id                   4P3S 
_exptl.crystals_number            1 
_exptl.details                    . 
_exptl.method                     'X-RAY DIFFRACTION' 
_exptl.method_details             . 
# 
_exptl_crystal.colour                      . 
_exptl_crystal.density_diffrn              . 
_exptl_crystal.density_Matthews            2.41 
_exptl_crystal.density_method              . 
_exptl_crystal.density_percent_sol         48.89 
_exptl_crystal.description                 . 
_exptl_crystal.F_000                       . 
_exptl_crystal.id                          1 
_exptl_crystal.preparation                 . 
_exptl_crystal.size_max                    . 
_exptl_crystal.size_mid                    . 
_exptl_crystal.size_min                    . 
_exptl_crystal.size_rad                    . 
_exptl_crystal.colour_lustre               . 
_exptl_crystal.colour_modifier             . 
_exptl_crystal.colour_primary              . 
_exptl_crystal.density_meas                . 
_exptl_crystal.density_meas_esd            . 
_exptl_crystal.density_meas_gt             . 
_exptl_crystal.density_meas_lt             . 
_exptl_crystal.density_meas_temp           . 
_exptl_crystal.density_meas_temp_esd       . 
_exptl_crystal.density_meas_temp_gt        . 
_exptl_crystal.density_meas_temp_lt        . 
_exptl_crystal.pdbx_crystal_image_url      . 
_exptl_crystal.pdbx_crystal_image_format   . 
_exptl_crystal.pdbx_mosaicity              . 
_exptl_crystal.pdbx_mosaicity_esd          . 
# 
_exptl_crystal_grow.apparatus       . 
_exptl_crystal_grow.atmosphere      . 
_exptl_crystal_grow.crystal_id      1 
_exptl_crystal_grow.details         . 
_exptl_crystal_grow.method          'VAPOR DIFFUSION, HANGING DROP' 
_exptl_crystal_grow.method_ref      . 
_exptl_crystal_grow.pH              7.0 
_exptl_crystal_grow.pressure        . 
_exptl_crystal_grow.pressure_esd    . 
_exptl_crystal_grow.seeding         . 
_exptl_crystal_grow.seeding_ref     . 
_exptl_crystal_grow.temp            293 
_exptl_crystal_grow.temp_details    . 
_exptl_crystal_grow.temp_esd        . 
_exptl_crystal_grow.time            . 
_exptl_crystal_grow.pdbx_details    'Sodium Cacodylate (pH7), Spermine tetrahydrochloride, MPD, Sodium Chloride' 
_exptl_crystal_grow.pdbx_pH_range   . 
# 
_diffrn.ambient_environment    . 
_diffrn.ambient_temp           100 
_diffrn.ambient_temp_details   . 
_diffrn.ambient_temp_esd       . 
_diffrn.crystal_id             1 
_diffrn.crystal_support        . 
_diffrn.crystal_treatment      . 
_diffrn.details                . 
_diffrn.id                     1 
_diffrn.ambient_pressure       . 
_diffrn.ambient_pressure_esd   . 
_diffrn.ambient_pressure_gt    . 
_diffrn.ambient_pressure_lt    . 
_diffrn.ambient_temp_gt        . 
_diffrn.ambient_temp_lt        . 
# 
_diffrn_detector.details                      . 
_diffrn_detector.detector                     CCD 
_diffrn_detector.diffrn_id                    1 
_diffrn_detector.type                         'ADSC QUANTUM 210r' 
_diffrn_detector.area_resol_mean              . 
_diffrn_detector.dtime                        . 
_diffrn_detector.pdbx_frames_total            . 
_diffrn_detector.pdbx_collection_time_total   . 
_diffrn_detector.pdbx_collection_date         2012-12-11 
# 
_diffrn_radiation.collimation                      . 
_diffrn_radiation.diffrn_id                        1 
_diffrn_radiation.filter_edge                      . 
_diffrn_radiation.inhomogeneity                    . 
_diffrn_radiation.monochromator                    . 
_diffrn_radiation.polarisn_norm                    . 
_diffrn_radiation.polarisn_ratio                   . 
_diffrn_radiation.probe                            . 
_diffrn_radiation.type                             . 
_diffrn_radiation.xray_symbol                      . 
_diffrn_radiation.wavelength_id                    1 
_diffrn_radiation.pdbx_monochromatic_or_laue_m_l   M 
_diffrn_radiation.pdbx_wavelength_list             . 
_diffrn_radiation.pdbx_wavelength                  . 
_diffrn_radiation.pdbx_diffrn_protocol             MAD 
_diffrn_radiation.pdbx_analyzer                    . 
_diffrn_radiation.pdbx_scattering_type             x-ray 
# 
loop_
_diffrn_radiation_wavelength.id 
_diffrn_radiation_wavelength.wavelength 
_diffrn_radiation_wavelength.wt 
1 0.91938 1.0 
2 0.92004 1.0 
3 0.90659 1.0 
4 1.0     1.0 
# 
_diffrn_source.current                     . 
_diffrn_source.details                     . 
_diffrn_source.diffrn_id                   1 
_diffrn_source.power                       . 
_diffrn_source.size                        . 
_diffrn_source.source                      SYNCHROTRON 
_diffrn_source.target                      . 
_diffrn_source.type                        'PHOTON FACTORY BEAMLINE BL-5A' 
_diffrn_source.voltage                     . 
_diffrn_source.take-off_angle              . 
_diffrn_source.pdbx_wavelength_list        '0.91938, 0.92004, 0.90659, 1.0' 
_diffrn_source.pdbx_wavelength             . 
_diffrn_source.pdbx_synchrotron_beamline   BL-5A 
_diffrn_source.pdbx_synchrotron_site       'Photon Factory' 
# 
_reflns.B_iso_Wilson_estimate            . 
_reflns.entry_id                         4P3S 
_reflns.data_reduction_details           . 
_reflns.data_reduction_method            . 
_reflns.d_resolution_high                2.300 
_reflns.d_resolution_low                 44.420 
_reflns.details                          . 
_reflns.limit_h_max                      . 
_reflns.limit_h_min                      . 
_reflns.limit_k_max                      . 
_reflns.limit_k_min                      . 
_reflns.limit_l_max                      . 
_reflns.limit_l_min                      . 
_reflns.number_all                       . 
_reflns.number_obs                       6694 
_reflns.observed_criterion               . 
_reflns.observed_criterion_F_max         . 
_reflns.observed_criterion_F_min         . 
_reflns.observed_criterion_I_max         . 
_reflns.observed_criterion_I_min         . 
_reflns.observed_criterion_sigma_F       . 
_reflns.observed_criterion_sigma_I       . 
_reflns.percent_possible_obs             99.700 
_reflns.R_free_details                   . 
_reflns.Rmerge_F_all                     . 
_reflns.Rmerge_F_obs                     . 
_reflns.Friedel_coverage                 . 
_reflns.number_gt                        . 
_reflns.threshold_expression             . 
_reflns.pdbx_redundancy                  6.720 
_reflns.pdbx_Rmerge_I_obs                0.050 
_reflns.pdbx_Rmerge_I_all                . 
_reflns.pdbx_Rsym_value                  . 
_reflns.pdbx_netI_over_av_sigmaI         . 
_reflns.pdbx_netI_over_sigmaI            17.600 
_reflns.pdbx_res_netI_over_av_sigmaI_2   . 
_reflns.pdbx_res_netI_over_sigmaI_2      . 
_reflns.pdbx_chi_squared                 0.940 
_reflns.pdbx_scaling_rejects             340 
_reflns.pdbx_d_res_high_opt              . 
_reflns.pdbx_d_res_low_opt               . 
_reflns.pdbx_d_res_opt_method            . 
_reflns.phase_calculation_details        . 
_reflns.pdbx_Rrim_I_all                  . 
_reflns.pdbx_Rpim_I_all                  . 
_reflns.pdbx_d_opt                       . 
_reflns.pdbx_number_measured_all         45316 
_reflns.pdbx_diffrn_id                   1 
_reflns.pdbx_ordinal                     1 
# 
loop_
_reflns_shell.d_res_high 
_reflns_shell.d_res_low 
_reflns_shell.meanI_over_sigI_all 
_reflns_shell.meanI_over_sigI_obs 
_reflns_shell.number_measured_all 
_reflns_shell.number_measured_obs 
_reflns_shell.number_possible 
_reflns_shell.number_unique_all 
_reflns_shell.number_unique_obs 
_reflns_shell.percent_possible_all 
_reflns_shell.percent_possible_obs 
_reflns_shell.Rmerge_F_all 
_reflns_shell.Rmerge_F_obs 
_reflns_shell.Rmerge_I_all 
_reflns_shell.Rmerge_I_obs 
_reflns_shell.meanI_over_sigI_gt 
_reflns_shell.meanI_over_uI_all 
_reflns_shell.meanI_over_uI_gt 
_reflns_shell.number_measured_gt 
_reflns_shell.number_unique_gt 
_reflns_shell.percent_possible_gt 
_reflns_shell.Rmerge_F_gt 
_reflns_shell.Rmerge_I_gt 
_reflns_shell.pdbx_redundancy 
_reflns_shell.pdbx_Rsym_value 
_reflns_shell.pdbx_chi_squared 
_reflns_shell.pdbx_netI_over_sigmaI_all 
_reflns_shell.pdbx_netI_over_sigmaI_obs 
_reflns_shell.pdbx_Rrim_I_all 
_reflns_shell.pdbx_Rpim_I_all 
_reflns_shell.pdbx_rejects 
_reflns_shell.pdbx_ordinal 
_reflns_shell.pdbx_diffrn_id 
2.300 2.380  . 4.400  4663 . . 659 . 100.000 . . . . 0.347 . . . . . . . . 7.040 . 1.180 . . . . 21 1  1 
2.380 2.480  . 4.400  4492 . . 651 . 100.000 . . . . 0.324 . . . . . . . . 6.880 . 1.100 . . . . 10 2  1 
2.480 2.590  . 6.200  4646 . . 660 . 100.000 . . . . 0.227 . . . . . . . . 6.990 . 1.050 . . . . 31 3  1 
2.590 2.730  . 7.400  4452 . . 649 . 100.000 . . . . 0.192 . . . . . . . . 6.760 . 1.180 . . . . 63 4  1 
2.730 2.900  . 10.300 4558 . . 657 . 100.000 . . . . 0.123 . . . . . . . . 6.920 . 0.960 . . . . 14 5  1 
2.900 3.120  . 15.600 4669 . . 674 . 100.000 . . . . 0.076 . . . . . . . . 6.890 . 0.860 . . . . 23 6  1 
3.120 3.440  . 23.700 4524 . . 663 . 99.700  . . . . 0.046 . . . . . . . . 6.770 . 0.850 . . . . 37 7  1 
3.440 3.930  . 26.800 4438 . . 670 . 99.600  . . . . 0.042 . . . . . . . . 6.510 . 0.770 . . . . 77 8  1 
3.930 4.950  . 30.300 4438 . . 687 . 100.000 . . . . 0.038 . . . . . . . . 6.450 . 0.710 . . . . 10 9  1 
4.950 44.420 . 49.200 4436 . . 724 . 97.600  . . . . 0.023 . . . . . . . . 6.050 . 0.740 . . . . 54 10 1 
# 
_refine.aniso_B[1][1]                            0.4780 
_refine.aniso_B[1][2]                            0.0000 
_refine.aniso_B[1][3]                            0.0000 
_refine.aniso_B[2][2]                            7.4520 
_refine.aniso_B[2][3]                            0.0000 
_refine.aniso_B[3][3]                            -7.9300 
_refine.B_iso_max                                99.240 
_refine.B_iso_mean                               39.1932 
_refine.B_iso_min                                19.010 
_refine.correlation_coeff_Fo_to_Fc               . 
_refine.correlation_coeff_Fo_to_Fc_free          . 
_refine.details                                  . 
_refine.diff_density_max                         . 
_refine.diff_density_max_esd                     . 
_refine.diff_density_min                         . 
_refine.diff_density_min_esd                     . 
_refine.diff_density_rms                         . 
_refine.diff_density_rms_esd                     . 
_refine.entry_id                                 4P3S 
_refine.pdbx_refine_id                           'X-RAY DIFFRACTION' 
_refine.ls_abs_structure_details                 . 
_refine.ls_abs_structure_Flack                   . 
_refine.ls_abs_structure_Flack_esd               . 
_refine.ls_abs_structure_Rogers                  . 
_refine.ls_abs_structure_Rogers_esd              . 
_refine.ls_d_res_high                            2.3000 
_refine.ls_d_res_low                             100.0000 
_refine.ls_extinction_coef                       . 
_refine.ls_extinction_coef_esd                   . 
_refine.ls_extinction_expression                 . 
_refine.ls_extinction_method                     . 
_refine.ls_goodness_of_fit_all                   . 
_refine.ls_goodness_of_fit_all_esd               . 
_refine.ls_goodness_of_fit_obs                   . 
_refine.ls_goodness_of_fit_obs_esd               . 
_refine.ls_hydrogen_treatment                    . 
_refine.ls_matrix_type                           . 
_refine.ls_number_constraints                    . 
_refine.ls_number_parameters                     . 
_refine.ls_number_reflns_all                     . 
_refine.ls_number_reflns_obs                     6694 
_refine.ls_number_reflns_R_free                  726 
_refine.ls_number_reflns_R_work                  5968 
_refine.ls_number_restraints                     . 
_refine.ls_percent_reflns_obs                    99.6000 
_refine.ls_percent_reflns_R_free                 10.8000 
_refine.ls_R_factor_all                          . 
_refine.ls_R_factor_obs                          . 
_refine.ls_R_factor_R_free                       0.2646 
_refine.ls_R_factor_R_free_error                 . 
_refine.ls_R_factor_R_free_error_details         . 
_refine.ls_R_factor_R_work                       0.2194 
_refine.ls_R_Fsqd_factor_obs                     . 
_refine.ls_R_I_factor_obs                        . 
_refine.ls_redundancy_reflns_all                 . 
_refine.ls_redundancy_reflns_obs                 . 
_refine.ls_restrained_S_all                      . 
_refine.ls_restrained_S_obs                      . 
_refine.ls_shift_over_esd_max                    . 
_refine.ls_shift_over_esd_mean                   . 
_refine.ls_structure_factor_coef                 . 
_refine.ls_weighting_details                     . 
_refine.ls_weighting_scheme                      . 
_refine.ls_wR_factor_all                         . 
_refine.ls_wR_factor_obs                         . 
_refine.ls_wR_factor_R_free                      . 
_refine.ls_wR_factor_R_work                      . 
_refine.occupancy_max                            . 
_refine.occupancy_min                            . 
_refine.overall_SU_B                             . 
_refine.overall_SU_ML                            . 
_refine.overall_SU_R_Cruickshank_DPI             . 
_refine.overall_SU_R_free                        . 
_refine.overall_FOM_free_R_set                   . 
_refine.overall_FOM_work_R_set                   0.7962 
_refine.solvent_model_details                    . 
_refine.solvent_model_param_bsol                 65.1243 
_refine.solvent_model_param_ksol                 . 
_refine.ls_R_factor_gt                           . 
_refine.ls_goodness_of_fit_gt                    . 
_refine.ls_goodness_of_fit_ref                   . 
_refine.ls_shift_over_su_max                     . 
_refine.ls_shift_over_su_max_lt                  . 
_refine.ls_shift_over_su_mean                    . 
_refine.ls_shift_over_su_mean_lt                 . 
_refine.pdbx_ls_sigma_I                          . 
_refine.pdbx_ls_sigma_F                          0.000 
_refine.pdbx_ls_sigma_Fsqd                       . 
_refine.pdbx_data_cutoff_high_absF               . 
_refine.pdbx_data_cutoff_high_rms_absF           . 
_refine.pdbx_data_cutoff_low_absF                . 
_refine.pdbx_isotropic_thermal_model             . 
_refine.pdbx_ls_cross_valid_method               'FREE R-VALUE' 
_refine.pdbx_method_to_determine_struct          MAD 
_refine.pdbx_starting_model                      . 
_refine.pdbx_stereochemistry_target_values       . 
_refine.pdbx_R_Free_selection_details            . 
_refine.pdbx_stereochem_target_val_spec_case     . 
_refine.pdbx_overall_ESU_R                       . 
_refine.pdbx_overall_ESU_R_Free                  . 
_refine.pdbx_solvent_vdw_probe_radii             . 
_refine.pdbx_solvent_ion_probe_radii             . 
_refine.pdbx_solvent_shrinkage_radii             . 
_refine.pdbx_real_space_R                        . 
_refine.pdbx_density_correlation                 . 
_refine.pdbx_pd_number_of_powder_patterns        . 
_refine.pdbx_pd_number_of_points                 . 
_refine.pdbx_pd_meas_number_of_points            . 
_refine.pdbx_pd_proc_ls_prof_R_factor            . 
_refine.pdbx_pd_proc_ls_prof_wR_factor           . 
_refine.pdbx_pd_Marquardt_correlation_coeff      . 
_refine.pdbx_pd_Fsqrd_R_factor                   . 
_refine.pdbx_pd_ls_matrix_band_width             . 
_refine.pdbx_overall_phase_error                 . 
_refine.pdbx_overall_SU_R_free_Cruickshank_DPI   . 
_refine.pdbx_overall_SU_R_free_Blow_DPI          . 
_refine.pdbx_overall_SU_R_Blow_DPI               . 
_refine.pdbx_TLS_residual_ADP_flag               . 
_refine.pdbx_diffrn_id                           1 
# 
_refine_hist.cycle_id                         final 
_refine_hist.pdbx_refine_id                   'X-RAY DIFFRACTION' 
_refine_hist.d_res_high                       2.3000 
_refine_hist.d_res_low                        100.0000 
_refine_hist.pdbx_number_atoms_ligand         102 
_refine_hist.number_atoms_solvent             138 
_refine_hist.number_atoms_total               1156 
_refine_hist.pdbx_number_residues_total       43 
_refine_hist.pdbx_B_iso_mean_ligand           45.54 
_refine_hist.pdbx_B_iso_mean_solvent          46.94 
_refine_hist.pdbx_number_atoms_protein        0 
_refine_hist.pdbx_number_atoms_nucleic_acid   916 
# 
loop_
_refine_ls_restr.pdbx_refine_id 
_refine_ls_restr.criterion 
_refine_ls_restr.dev_ideal 
_refine_ls_restr.dev_ideal_target 
_refine_ls_restr.number 
_refine_ls_restr.rejects 
_refine_ls_restr.type 
_refine_ls_restr.weight 
_refine_ls_restr.pdbx_restraint_function 
'X-RAY DIFFRACTION' . 0.006 .     . . c_bond_d     . . 
'X-RAY DIFFRACTION' . 0.910 .     . . c_angle_d    . . 
'X-RAY DIFFRACTION' . 0.000 1.500 . . c_mcbond_it  . . 
'X-RAY DIFFRACTION' . 1.717 2.000 . . c_scbond_it  . . 
'X-RAY DIFFRACTION' . 0.000 2.000 . . c_mcangle_it . . 
'X-RAY DIFFRACTION' . 2.442 2.500 . . c_scangle_it . . 
# 
loop_
_refine_ls_shell.pdbx_refine_id 
_refine_ls_shell.d_res_high 
_refine_ls_shell.d_res_low 
_refine_ls_shell.number_reflns_all 
_refine_ls_shell.number_reflns_obs 
_refine_ls_shell.number_reflns_R_free 
_refine_ls_shell.number_reflns_R_work 
_refine_ls_shell.percent_reflns_obs 
_refine_ls_shell.percent_reflns_R_free 
_refine_ls_shell.R_factor_all 
_refine_ls_shell.R_factor_obs 
_refine_ls_shell.R_factor_R_free 
_refine_ls_shell.R_factor_R_free_error 
_refine_ls_shell.R_factor_R_work 
_refine_ls_shell.redundancy_reflns_all 
_refine_ls_shell.redundancy_reflns_obs 
_refine_ls_shell.wR_factor_all 
_refine_ls_shell.wR_factor_obs 
_refine_ls_shell.wR_factor_R_free 
_refine_ls_shell.wR_factor_R_work 
_refine_ls_shell.pdbx_total_number_of_bins_used 
_refine_ls_shell.pdbx_phase_error 
'X-RAY DIFFRACTION' 2.3000 2.3800   656 . 67 589 100.0000 . . . 0.4083 . 0.3967 . . . . . . 10 . 
'X-RAY DIFFRACTION' 2.3800 2.4800   650 . 84 566 100.0000 . . . 0.5019 . 0.4463 . . . . . . 10 . 
'X-RAY DIFFRACTION' 2.4800 2.5900   663 . 66 597 100.0000 . . . 0.4026 . 0.3508 . . . . . . 10 . 
'X-RAY DIFFRACTION' 2.5900 2.7300   647 . 67 580 100.0000 . . . 0.3122 . 0.3121 . . . . . . 10 . 
'X-RAY DIFFRACTION' 2.7300 2.9000   660 . 60 600 100.0000 . . . 0.3791 . 0.3008 . . . . . . 10 . 
'X-RAY DIFFRACTION' 2.9000 3.1200   669 . 86 583 100.0000 . . . 0.3026 . 0.2213 . . . . . . 10 . 
'X-RAY DIFFRACTION' 3.1200 3.4400   668 . 70 598 99.7000  . . . 0.2478 . 0.2099 . . . . . . 10 . 
'X-RAY DIFFRACTION' 3.4400 3.9300   670 . 77 593 99.6000  . . . 0.2233 . 0.1821 . . . . . . 10 . 
'X-RAY DIFFRACTION' 3.9300 4.9600   687 . 75 612 100.0000 . . . 0.2207 . 0.1545 . . . . . . 10 . 
'X-RAY DIFFRACTION' 4.9600 100.0000 724 . 74 650 97.3000  . . . 0.2057 . 0.1904 . . . . . . 10 . 
# 
loop_
_pdbx_xplor_file.pdbx_refine_id 
_pdbx_xplor_file.serial_no 
_pdbx_xplor_file.param_file 
_pdbx_xplor_file.topol_file 
'X-RAY DIFFRACTION' 1 dna-rna_free.param         ? 
'X-RAY DIFFRACTION' 2 CNS_TOPPAR:water_rep.param ? 
'X-RAY DIFFRACTION' 3 CNS_TOPPAR:ion.param       ? 
'X-RAY DIFFRACTION' 4 bru.param                  ? 
'X-RAY DIFFRACTION' 5 get_xplor.param            ? 
# 
_struct.entry_id                     4P3S 
_struct.title                        
'Crystal structure of the bacterial A1408C-mutant ribosomal decoding site in complex with geneticin' 
_struct.pdbx_model_details           . 
_struct.pdbx_formula_weight          . 
_struct.pdbx_formula_weight_method   . 
_struct.pdbx_model_type_details      . 
_struct.pdbx_CASP_flag               . 
# 
_struct_keywords.entry_id        4P3S 
_struct_keywords.text            'ribosome, antibiotic-resistance, aminoglycoside, decoding, RNA-ANTIBIOTIC complex' 
_struct_keywords.pdbx_keywords   RNA/ANTIBIOTIC 
# 
loop_
_struct_asym.id 
_struct_asym.pdbx_blank_PDB_chainid_flag 
_struct_asym.pdbx_modified 
_struct_asym.entity_id 
_struct_asym.details 
A N N 1 ? 
B N N 1 ? 
C N N 2 ? 
D N N 2 ? 
E N N 2 ? 
F N N 3 ? 
G N N 3 ? 
# 
_struct_ref.id                         1 
_struct_ref.db_name                    PDB 
_struct_ref.db_code                    4P3S 
_struct_ref.pdbx_db_accession          4P3S 
_struct_ref.entity_id                  1 
_struct_ref.pdbx_seq_one_letter_code   ? 
_struct_ref.pdbx_align_begin           ? 
_struct_ref.pdbx_db_isoform            ? 
# 
loop_
_struct_ref_seq.align_id 
_struct_ref_seq.ref_id 
_struct_ref_seq.pdbx_PDB_id_code 
_struct_ref_seq.pdbx_strand_id 
_struct_ref_seq.seq_align_beg 
_struct_ref_seq.pdbx_seq_align_beg_ins_code 
_struct_ref_seq.seq_align_end 
_struct_ref_seq.pdbx_seq_align_end_ins_code 
_struct_ref_seq.pdbx_db_accession 
_struct_ref_seq.db_align_beg 
_struct_ref_seq.pdbx_db_align_beg_ins_code 
_struct_ref_seq.db_align_end 
_struct_ref_seq.pdbx_db_align_end_ins_code 
_struct_ref_seq.pdbx_auth_seq_align_beg 
_struct_ref_seq.pdbx_auth_seq_align_end 
1 1 4P3S A 1 ? 23 ? 4P3S 1  ? 23 ? 1  23 
2 1 4P3S B 1 ? 23 ? 4P3S 24 ? 46 ? 24 46 
# 
_pdbx_struct_assembly.id                   1 
_pdbx_struct_assembly.details              author_and_software_defined_assembly 
_pdbx_struct_assembly.method_details       PISA 
_pdbx_struct_assembly.oligomeric_details   dimeric 
_pdbx_struct_assembly.oligomeric_count     2 
# 
loop_
_pdbx_struct_assembly_prop.biol_id 
_pdbx_struct_assembly_prop.type 
_pdbx_struct_assembly_prop.value 
_pdbx_struct_assembly_prop.details 
1 'ABSA (A^2)' 4460 ? 
1 MORE         -62  ? 
1 'SSA (A^2)'  8150 ? 
# 
_pdbx_struct_assembly_gen.assembly_id       1 
_pdbx_struct_assembly_gen.oper_expression   1 
_pdbx_struct_assembly_gen.asym_id_list      A,B,C,D,E,F,G 
# 
_pdbx_struct_oper_list.id                   1 
_pdbx_struct_oper_list.type                 'identity operation' 
_pdbx_struct_oper_list.name                 1_555 
_pdbx_struct_oper_list.symmetry_operation   x,y,z 
_pdbx_struct_oper_list.matrix[1][1]         1.0000000000 
_pdbx_struct_oper_list.matrix[1][2]         0.0000000000 
_pdbx_struct_oper_list.matrix[1][3]         0.0000000000 
_pdbx_struct_oper_list.vector[1]            0.0000000000 
_pdbx_struct_oper_list.matrix[2][1]         0.0000000000 
_pdbx_struct_oper_list.matrix[2][2]         1.0000000000 
_pdbx_struct_oper_list.matrix[2][3]         0.0000000000 
_pdbx_struct_oper_list.vector[2]            0.0000000000 
_pdbx_struct_oper_list.matrix[3][1]         0.0000000000 
_pdbx_struct_oper_list.matrix[3][2]         0.0000000000 
_pdbx_struct_oper_list.matrix[3][3]         1.0000000000 
_pdbx_struct_oper_list.vector[3]            0.0000000000 
# 
loop_
_struct_conn.id 
_struct_conn.conn_type_id 
_struct_conn.pdbx_leaving_atom_flag 
_struct_conn.pdbx_PDB_id 
_struct_conn.ptnr1_label_asym_id 
_struct_conn.ptnr1_label_comp_id 
_struct_conn.ptnr1_label_seq_id 
_struct_conn.ptnr1_label_atom_id 
_struct_conn.pdbx_ptnr1_label_alt_id 
_struct_conn.pdbx_ptnr1_PDB_ins_code 
_struct_conn.pdbx_ptnr1_standard_comp_id 
_struct_conn.ptnr1_symmetry 
_struct_conn.ptnr2_label_asym_id 
_struct_conn.ptnr2_label_comp_id 
_struct_conn.ptnr2_label_seq_id 
_struct_conn.ptnr2_label_atom_id 
_struct_conn.pdbx_ptnr2_label_alt_id 
_struct_conn.pdbx_ptnr2_PDB_ins_code 
_struct_conn.ptnr1_auth_asym_id 
_struct_conn.ptnr1_auth_comp_id 
_struct_conn.ptnr1_auth_seq_id 
_struct_conn.ptnr2_auth_asym_id 
_struct_conn.ptnr2_auth_comp_id 
_struct_conn.ptnr2_auth_seq_id 
_struct_conn.ptnr2_symmetry 
_struct_conn.pdbx_ptnr3_label_atom_id 
_struct_conn.pdbx_ptnr3_label_seq_id 
_struct_conn.pdbx_ptnr3_label_comp_id 
_struct_conn.pdbx_ptnr3_label_asym_id 
_struct_conn.pdbx_ptnr3_label_alt_id 
_struct_conn.pdbx_ptnr3_PDB_ins_code 
_struct_conn.details 
_struct_conn.pdbx_dist_value 
_struct_conn.pdbx_value_order 
_struct_conn.pdbx_role 
covale1  covale both ? A G   10 "O3'" ? ? ? 1_555 A 5BU 11 P  ? ? A G   10 A 5BU 11 1_555 ? ? ? ? ? ? ?             1.615 ? ? 
covale2  covale both ? A 5BU 11 "O3'" ? ? ? 1_555 A C   12 P  ? ? A 5BU 11 A C   12 1_555 ? ? ? ? ? ? ?             1.613 ? ? 
covale3  covale both ? B G   10 "O3'" ? ? ? 1_555 B 5BU 11 P  ? ? B G   33 B 5BU 34 1_555 ? ? ? ? ? ? ?             1.609 ? ? 
covale4  covale both ? B 5BU 11 "O3'" ? ? ? 1_555 B C   12 P  ? ? B 5BU 34 B C   35 1_555 ? ? ? ? ? ? ?             1.610 ? ? 
hydrog1  hydrog ?    ? A G   3  N1    ? ? ? 1_555 B C   23 N3 ? ? A G   3  B C   46 1_555 ? ? ? ? ? ? WATSON-CRICK  ?     ? ? 
hydrog2  hydrog ?    ? A G   3  N2    ? ? ? 1_555 B C   23 O2 ? ? A G   3  B C   46 1_555 ? ? ? ? ? ? WATSON-CRICK  ?     ? ? 
hydrog3  hydrog ?    ? A G   3  O6    ? ? ? 1_555 B C   23 N4 ? ? A G   3  B C   46 1_555 ? ? ? ? ? ? WATSON-CRICK  ?     ? ? 
hydrog4  hydrog ?    ? A C   4  N3    ? ? ? 1_555 B G   22 N1 ? ? A C   4  B G   45 1_555 ? ? ? ? ? ? WATSON-CRICK  ?     ? ? 
hydrog5  hydrog ?    ? A C   4  N4    ? ? ? 1_555 B G   22 O6 ? ? A C   4  B G   45 1_555 ? ? ? ? ? ? WATSON-CRICK  ?     ? ? 
hydrog6  hydrog ?    ? A C   4  O2    ? ? ? 1_555 B G   22 N2 ? ? A C   4  B G   45 1_555 ? ? ? ? ? ? WATSON-CRICK  ?     ? ? 
hydrog7  hydrog ?    ? A G   5  N1    ? ? ? 1_555 B C   21 N3 ? ? A G   5  B C   44 1_555 ? ? ? ? ? ? WATSON-CRICK  ?     ? ? 
hydrog8  hydrog ?    ? A G   5  N2    ? ? ? 1_555 B C   21 O2 ? ? A G   5  B C   44 1_555 ? ? ? ? ? ? WATSON-CRICK  ?     ? ? 
hydrog9  hydrog ?    ? A G   5  O6    ? ? ? 1_555 B C   21 N4 ? ? A G   5  B C   44 1_555 ? ? ? ? ? ? WATSON-CRICK  ?     ? ? 
hydrog10 hydrog ?    ? A U   6  O4    ? ? ? 1_555 B U   20 N3 ? ? A U   6  B U   43 1_555 ? ? ? ? ? ? 'U-U MISPAIR' ?     ? ? 
hydrog11 hydrog ?    ? A C   7  N3    ? ? ? 1_555 B G   19 N1 ? ? A C   7  B G   42 1_555 ? ? ? ? ? ? WATSON-CRICK  ?     ? ? 
hydrog12 hydrog ?    ? A C   7  N4    ? ? ? 1_555 B G   19 O6 ? ? A C   7  B G   42 1_555 ? ? ? ? ? ? WATSON-CRICK  ?     ? ? 
hydrog13 hydrog ?    ? A C   7  O2    ? ? ? 1_555 B G   19 N2 ? ? A C   7  B G   42 1_555 ? ? ? ? ? ? WATSON-CRICK  ?     ? ? 
hydrog14 hydrog ?    ? A C   9  N3    ? ? ? 1_555 B G   16 N1 ? ? A C   9  B G   39 1_555 ? ? ? ? ? ? WATSON-CRICK  ?     ? ? 
hydrog15 hydrog ?    ? A C   9  N4    ? ? ? 1_555 B G   16 O6 ? ? A C   9  B G   39 1_555 ? ? ? ? ? ? WATSON-CRICK  ?     ? ? 
hydrog16 hydrog ?    ? A C   9  O2    ? ? ? 1_555 B G   16 N2 ? ? A C   9  B G   39 1_555 ? ? ? ? ? ? WATSON-CRICK  ?     ? ? 
hydrog17 hydrog ?    ? A G   10 N1    ? ? ? 1_555 B C   15 N3 ? ? A G   10 B C   38 1_555 ? ? ? ? ? ? WATSON-CRICK  ?     ? ? 
hydrog18 hydrog ?    ? A G   10 N2    ? ? ? 1_555 B C   15 O2 ? ? A G   10 B C   38 1_555 ? ? ? ? ? ? WATSON-CRICK  ?     ? ? 
hydrog19 hydrog ?    ? A G   10 O6    ? ? ? 1_555 B C   15 N4 ? ? A G   10 B C   38 1_555 ? ? ? ? ? ? WATSON-CRICK  ?     ? ? 
hydrog20 hydrog ?    ? A 5BU 11 N3    ? ? ? 1_555 B A   14 N1 ? ? A 5BU 11 B A   37 1_555 ? ? ? ? ? ? WATSON-CRICK  ?     ? ? 
hydrog21 hydrog ?    ? A 5BU 11 O4    ? ? ? 1_555 B A   14 N6 ? ? A 5BU 11 B A   37 1_555 ? ? ? ? ? ? WATSON-CRICK  ?     ? ? 
hydrog22 hydrog ?    ? A C   12 N3    ? ? ? 1_555 B G   13 N1 ? ? A C   12 B G   36 1_555 ? ? ? ? ? ? WATSON-CRICK  ?     ? ? 
hydrog23 hydrog ?    ? A C   12 N4    ? ? ? 1_555 B G   13 O6 ? ? A C   12 B G   36 1_555 ? ? ? ? ? ? WATSON-CRICK  ?     ? ? 
hydrog24 hydrog ?    ? A C   12 O2    ? ? ? 1_555 B G   13 N2 ? ? A C   12 B G   36 1_555 ? ? ? ? ? ? WATSON-CRICK  ?     ? ? 
hydrog25 hydrog ?    ? A G   13 N1    ? ? ? 1_555 B C   12 N3 ? ? A G   13 B C   35 1_555 ? ? ? ? ? ? WATSON-CRICK  ?     ? ? 
hydrog26 hydrog ?    ? A G   13 N2    ? ? ? 1_555 B C   12 O2 ? ? A G   13 B C   35 1_555 ? ? ? ? ? ? WATSON-CRICK  ?     ? ? 
hydrog27 hydrog ?    ? A G   13 O6    ? ? ? 1_555 B C   12 N4 ? ? A G   13 B C   35 1_555 ? ? ? ? ? ? WATSON-CRICK  ?     ? ? 
hydrog28 hydrog ?    ? A A   14 N1    ? ? ? 1_555 B 5BU 11 N3 ? ? A A   14 B 5BU 34 1_555 ? ? ? ? ? ? WATSON-CRICK  ?     ? ? 
hydrog29 hydrog ?    ? A A   14 N6    ? ? ? 1_555 B 5BU 11 O4 ? ? A A   14 B 5BU 34 1_555 ? ? ? ? ? ? WATSON-CRICK  ?     ? ? 
hydrog30 hydrog ?    ? A C   15 N3    ? ? ? 1_555 B G   10 N1 ? ? A C   15 B G   33 1_555 ? ? ? ? ? ? WATSON-CRICK  ?     ? ? 
hydrog31 hydrog ?    ? A C   15 N4    ? ? ? 1_555 B G   10 O6 ? ? A C   15 B G   33 1_555 ? ? ? ? ? ? WATSON-CRICK  ?     ? ? 
hydrog32 hydrog ?    ? A C   15 O2    ? ? ? 1_555 B G   10 N2 ? ? A C   15 B G   33 1_555 ? ? ? ? ? ? WATSON-CRICK  ?     ? ? 
hydrog33 hydrog ?    ? A G   16 N1    ? ? ? 1_555 B C   9  N3 ? ? A G   16 B C   32 1_555 ? ? ? ? ? ? WATSON-CRICK  ?     ? ? 
hydrog34 hydrog ?    ? A G   16 N2    ? ? ? 1_555 B C   9  O2 ? ? A G   16 B C   32 1_555 ? ? ? ? ? ? WATSON-CRICK  ?     ? ? 
hydrog35 hydrog ?    ? A G   16 O6    ? ? ? 1_555 B C   9  N4 ? ? A G   16 B C   32 1_555 ? ? ? ? ? ? WATSON-CRICK  ?     ? ? 
hydrog36 hydrog ?    ? A G   19 N1    ? ? ? 1_555 B C   7  N3 ? ? A G   19 B C   30 1_555 ? ? ? ? ? ? WATSON-CRICK  ?     ? ? 
hydrog37 hydrog ?    ? A G   19 N2    ? ? ? 1_555 B C   7  O2 ? ? A G   19 B C   30 1_555 ? ? ? ? ? ? WATSON-CRICK  ?     ? ? 
hydrog38 hydrog ?    ? A G   19 O6    ? ? ? 1_555 B C   7  N4 ? ? A G   19 B C   30 1_555 ? ? ? ? ? ? WATSON-CRICK  ?     ? ? 
hydrog39 hydrog ?    ? A U   20 N3    ? ? ? 1_555 B U   6  O4 ? ? A U   20 B U   29 1_555 ? ? ? ? ? ? 'U-U MISPAIR' ?     ? ? 
hydrog40 hydrog ?    ? A C   21 N3    ? ? ? 1_555 B G   5  N1 ? ? A C   21 B G   28 1_555 ? ? ? ? ? ? WATSON-CRICK  ?     ? ? 
hydrog41 hydrog ?    ? A C   21 N4    ? ? ? 1_555 B G   5  O6 ? ? A C   21 B G   28 1_555 ? ? ? ? ? ? WATSON-CRICK  ?     ? ? 
hydrog42 hydrog ?    ? A C   21 O2    ? ? ? 1_555 B G   5  N2 ? ? A C   21 B G   28 1_555 ? ? ? ? ? ? WATSON-CRICK  ?     ? ? 
hydrog43 hydrog ?    ? A G   22 N1    ? ? ? 1_555 B C   4  N3 ? ? A G   22 B C   27 1_555 ? ? ? ? ? ? WATSON-CRICK  ?     ? ? 
hydrog44 hydrog ?    ? A G   22 N2    ? ? ? 1_555 B C   4  O2 ? ? A G   22 B C   27 1_555 ? ? ? ? ? ? WATSON-CRICK  ?     ? ? 
hydrog45 hydrog ?    ? A G   22 O6    ? ? ? 1_555 B C   4  N4 ? ? A G   22 B C   27 1_555 ? ? ? ? ? ? WATSON-CRICK  ?     ? ? 
hydrog46 hydrog ?    ? A C   23 N3    ? ? ? 1_555 B G   3  N1 ? ? A C   23 B G   26 1_555 ? ? ? ? ? ? WATSON-CRICK  ?     ? ? 
hydrog47 hydrog ?    ? A C   23 N4    ? ? ? 1_555 B G   3  O6 ? ? A C   23 B G   26 1_555 ? ? ? ? ? ? WATSON-CRICK  ?     ? ? 
hydrog48 hydrog ?    ? A C   23 O2    ? ? ? 1_555 B G   3  N2 ? ? A C   23 B G   26 1_555 ? ? ? ? ? ? WATSON-CRICK  ?     ? ? 
# 
loop_
_struct_conn_type.id 
_struct_conn_type.criteria 
_struct_conn_type.reference 
covale ? ? 
hydrog ? ? 
# 
loop_
_struct_site.id 
_struct_site.pdbx_evidence_code 
_struct_site.pdbx_auth_asym_id 
_struct_site.pdbx_auth_comp_id 
_struct_site.pdbx_auth_seq_id 
_struct_site.pdbx_auth_ins_code 
_struct_site.pdbx_num_residues 
_struct_site.details 
AC1 Software A GET 101 ? 17 'binding site for residue GET A 101' 
AC2 Software A GET 102 ? 16 'binding site for residue GET A 102' 
AC3 Software A GET 103 ? 10 'binding site for residue GET A 103' 
# 
loop_
_struct_site_gen.id 
_struct_site_gen.site_id 
_struct_site_gen.pdbx_num_res 
_struct_site_gen.label_comp_id 
_struct_site_gen.label_asym_id 
_struct_site_gen.label_seq_id 
_struct_site_gen.pdbx_auth_ins_code 
_struct_site_gen.auth_comp_id 
_struct_site_gen.auth_asym_id 
_struct_site_gen.auth_seq_id 
_struct_site_gen.label_atom_id 
_struct_site_gen.label_alt_id 
_struct_site_gen.symmetry 
_struct_site_gen.details 
1  AC1 17 C   A 4  ? C   A 4   . ? 1_555 ? 
2  AC1 17 G   A 5  ? G   A 5   . ? 1_555 ? 
3  AC1 17 U   A 6  ? U   A 6   . ? 1_555 ? 
4  AC1 17 C   A 7  ? C   A 7   . ? 1_555 ? 
5  AC1 17 C   A 8  ? C   A 8   . ? 1_555 ? 
6  AC1 17 C   A 9  ? C   A 9   . ? 1_555 ? 
7  AC1 17 HOH F .  ? HOH A 208 . ? 1_555 ? 
8  AC1 17 HOH F .  ? HOH A 251 . ? 1_555 ? 
9  AC1 17 HOH F .  ? HOH A 264 . ? 1_555 ? 
10 AC1 17 HOH F .  ? HOH A 265 . ? 1_555 ? 
11 AC1 17 G   B 16 ? G   B 39  . ? 1_555 ? 
12 AC1 17 A   B 17 ? A   B 40  . ? 1_555 ? 
13 AC1 17 A   B 18 ? A   B 41  . ? 1_555 ? 
14 AC1 17 G   B 19 ? G   B 42  . ? 1_555 ? 
15 AC1 17 U   B 20 ? U   B 43  . ? 1_555 ? 
16 AC1 17 HOH G .  ? HOH B 105 . ? 1_555 ? 
17 AC1 17 HOH G .  ? HOH B 136 . ? 1_555 ? 
18 AC2 16 G   A 16 ? G   A 16  . ? 1_555 ? 
19 AC2 16 A   A 17 ? A   A 17  . ? 1_555 ? 
20 AC2 16 A   A 18 ? A   A 18  . ? 1_555 ? 
21 AC2 16 G   A 19 ? G   A 19  . ? 1_555 ? 
22 AC2 16 U   A 20 ? U   A 20  . ? 1_555 ? 
23 AC2 16 HOH F .  ? HOH A 231 . ? 1_555 ? 
24 AC2 16 HOH F .  ? HOH A 235 . ? 1_555 ? 
25 AC2 16 HOH F .  ? HOH A 236 . ? 1_555 ? 
26 AC2 16 HOH F .  ? HOH A 241 . ? 1_555 ? 
27 AC2 16 HOH F .  ? HOH A 259 . ? 1_555 ? 
28 AC2 16 C   B 4  ? C   B 27  . ? 1_555 ? 
29 AC2 16 G   B 5  ? G   B 28  . ? 1_555 ? 
30 AC2 16 U   B 6  ? U   B 29  . ? 1_555 ? 
31 AC2 16 C   B 7  ? C   B 30  . ? 1_555 ? 
32 AC2 16 C   B 8  ? C   B 31  . ? 1_555 ? 
33 AC2 16 C   B 9  ? C   B 32  . ? 1_555 ? 
34 AC3 10 U   A 6  ? U   A 6   . ? 1_555 ? 
35 AC3 10 C   A 7  ? C   A 7   . ? 1_555 ? 
36 AC3 10 C   A 8  ? C   A 8   . ? 1_555 ? 
37 AC3 10 HOH F .  ? HOH A 237 . ? 1_555 ? 
38 AC3 10 HOH F .  ? HOH A 240 . ? 1_555 ? 
39 AC3 10 HOH F .  ? HOH A 244 . ? 1_555 ? 
40 AC3 10 HOH F .  ? HOH A 263 . ? 1_555 ? 
41 AC3 10 C   B 12 ? C   B 35  . ? 1_555 ? 
42 AC3 10 G   B 13 ? G   B 36  . ? 1_555 ? 
43 AC3 10 HOH G .  ? HOH B 129 . ? 1_555 ? 
# 
_pdbx_validate_close_contact.id               1 
_pdbx_validate_close_contact.PDB_model_num    1 
_pdbx_validate_close_contact.auth_atom_id_1   C71 
_pdbx_validate_close_contact.auth_asym_id_1   A 
_pdbx_validate_close_contact.auth_comp_id_1   GET 
_pdbx_validate_close_contact.auth_seq_id_1    103 
_pdbx_validate_close_contact.PDB_ins_code_1   ? 
_pdbx_validate_close_contact.label_alt_id_1   ? 
_pdbx_validate_close_contact.auth_atom_id_2   O 
_pdbx_validate_close_contact.auth_asym_id_2   A 
_pdbx_validate_close_contact.auth_comp_id_2   HOH 
_pdbx_validate_close_contact.auth_seq_id_2    244 
_pdbx_validate_close_contact.PDB_ins_code_2   ? 
_pdbx_validate_close_contact.label_alt_id_2   ? 
_pdbx_validate_close_contact.dist             2.08 
# 
loop_
_pdbx_struct_special_symmetry.id 
_pdbx_struct_special_symmetry.PDB_model_num 
_pdbx_struct_special_symmetry.auth_asym_id 
_pdbx_struct_special_symmetry.auth_comp_id 
_pdbx_struct_special_symmetry.auth_seq_id 
_pdbx_struct_special_symmetry.PDB_ins_code 
_pdbx_struct_special_symmetry.label_asym_id 
_pdbx_struct_special_symmetry.label_comp_id 
_pdbx_struct_special_symmetry.label_seq_id 
1 1 A HOH 226 ? F HOH . 
2 1 A HOH 266 ? F HOH . 
3 1 B HOH 124 ? G HOH . 
# 
_phasing.method   MAD 
# 
_pdbx_distant_solvent_atoms.id                                1 
_pdbx_distant_solvent_atoms.PDB_model_num                     1 
_pdbx_distant_solvent_atoms.auth_atom_id                      O 
_pdbx_distant_solvent_atoms.label_alt_id                      ? 
_pdbx_distant_solvent_atoms.auth_asym_id                      A 
_pdbx_distant_solvent_atoms.auth_comp_id                      HOH 
_pdbx_distant_solvent_atoms.auth_seq_id                       266 
_pdbx_distant_solvent_atoms.PDB_ins_code                      ? 
_pdbx_distant_solvent_atoms.neighbor_macromolecule_distance   6.61 
_pdbx_distant_solvent_atoms.neighbor_ligand_distance          . 
# 
loop_
_pdbx_unobs_or_zero_occ_residues.id 
_pdbx_unobs_or_zero_occ_residues.PDB_model_num 
_pdbx_unobs_or_zero_occ_residues.polymer_flag 
_pdbx_unobs_or_zero_occ_residues.occupancy_flag 
_pdbx_unobs_or_zero_occ_residues.auth_asym_id 
_pdbx_unobs_or_zero_occ_residues.auth_comp_id 
_pdbx_unobs_or_zero_occ_residues.auth_seq_id 
_pdbx_unobs_or_zero_occ_residues.PDB_ins_code 
_pdbx_unobs_or_zero_occ_residues.label_asym_id 
_pdbx_unobs_or_zero_occ_residues.label_comp_id 
_pdbx_unobs_or_zero_occ_residues.label_seq_id 
1 1 Y 1 A U 1  ? A U 1 
2 1 Y 1 A U 2  ? A U 2 
3 1 Y 1 B U 24 ? B U 1 
# 
loop_
_chem_comp_atom.comp_id 
_chem_comp_atom.atom_id 
_chem_comp_atom.type_symbol 
_chem_comp_atom.pdbx_aromatic_flag 
_chem_comp_atom.pdbx_stereo_config 
_chem_comp_atom.pdbx_ordinal 
5BU P      P  N N 1   
5BU OP1    O  N N 2   
5BU OP2    O  N N 3   
5BU OP3    O  N N 4   
5BU "O5'"  O  N N 5   
5BU "C5'"  C  N N 6   
5BU "C4'"  C  N R 7   
5BU "O4'"  O  N N 8   
5BU "C3'"  C  N S 9   
5BU "O3'"  O  N N 10  
5BU "C2'"  C  N R 11  
5BU "O2'"  O  N N 12  
5BU "C1'"  C  N R 13  
5BU N1     N  N N 14  
5BU C2     C  N N 15  
5BU O2     O  N N 16  
5BU N3     N  N N 17  
5BU C4     C  N N 18  
5BU O4     O  N N 19  
5BU C5     C  N N 20  
5BU C6     C  N N 21  
5BU BR     BR N N 22  
5BU HOP2   H  N N 23  
5BU HOP3   H  N N 24  
5BU "H5'"  H  N N 25  
5BU "H5''" H  N N 26  
5BU "H4'"  H  N N 27  
5BU "H3'"  H  N N 28  
5BU "HO3'" H  N N 29  
5BU "H2'"  H  N N 30  
5BU "HO2'" H  N N 31  
5BU "H1'"  H  N N 32  
5BU H3     H  N N 33  
5BU H6     H  N N 34  
A   OP3    O  N N 35  
A   P      P  N N 36  
A   OP1    O  N N 37  
A   OP2    O  N N 38  
A   "O5'"  O  N N 39  
A   "C5'"  C  N N 40  
A   "C4'"  C  N R 41  
A   "O4'"  O  N N 42  
A   "C3'"  C  N S 43  
A   "O3'"  O  N N 44  
A   "C2'"  C  N R 45  
A   "O2'"  O  N N 46  
A   "C1'"  C  N R 47  
A   N9     N  Y N 48  
A   C8     C  Y N 49  
A   N7     N  Y N 50  
A   C5     C  Y N 51  
A   C6     C  Y N 52  
A   N6     N  N N 53  
A   N1     N  Y N 54  
A   C2     C  Y N 55  
A   N3     N  Y N 56  
A   C4     C  Y N 57  
A   HOP3   H  N N 58  
A   HOP2   H  N N 59  
A   "H5'"  H  N N 60  
A   "H5''" H  N N 61  
A   "H4'"  H  N N 62  
A   "H3'"  H  N N 63  
A   "HO3'" H  N N 64  
A   "H2'"  H  N N 65  
A   "HO2'" H  N N 66  
A   "H1'"  H  N N 67  
A   H8     H  N N 68  
A   H61    H  N N 69  
A   H62    H  N N 70  
A   H2     H  N N 71  
C   OP3    O  N N 72  
C   P      P  N N 73  
C   OP1    O  N N 74  
C   OP2    O  N N 75  
C   "O5'"  O  N N 76  
C   "C5'"  C  N N 77  
C   "C4'"  C  N R 78  
C   "O4'"  O  N N 79  
C   "C3'"  C  N S 80  
C   "O3'"  O  N N 81  
C   "C2'"  C  N R 82  
C   "O2'"  O  N N 83  
C   "C1'"  C  N R 84  
C   N1     N  N N 85  
C   C2     C  N N 86  
C   O2     O  N N 87  
C   N3     N  N N 88  
C   C4     C  N N 89  
C   N4     N  N N 90  
C   C5     C  N N 91  
C   C6     C  N N 92  
C   HOP3   H  N N 93  
C   HOP2   H  N N 94  
C   "H5'"  H  N N 95  
C   "H5''" H  N N 96  
C   "H4'"  H  N N 97  
C   "H3'"  H  N N 98  
C   "HO3'" H  N N 99  
C   "H2'"  H  N N 100 
C   "HO2'" H  N N 101 
C   "H1'"  H  N N 102 
C   H41    H  N N 103 
C   H42    H  N N 104 
C   H5     H  N N 105 
C   H6     H  N N 106 
G   OP3    O  N N 107 
G   P      P  N N 108 
G   OP1    O  N N 109 
G   OP2    O  N N 110 
G   "O5'"  O  N N 111 
G   "C5'"  C  N N 112 
G   "C4'"  C  N R 113 
G   "O4'"  O  N N 114 
G   "C3'"  C  N S 115 
G   "O3'"  O  N N 116 
G   "C2'"  C  N R 117 
G   "O2'"  O  N N 118 
G   "C1'"  C  N R 119 
G   N9     N  Y N 120 
G   C8     C  Y N 121 
G   N7     N  Y N 122 
G   C5     C  Y N 123 
G   C6     C  N N 124 
G   O6     O  N N 125 
G   N1     N  N N 126 
G   C2     C  N N 127 
G   N2     N  N N 128 
G   N3     N  N N 129 
G   C4     C  Y N 130 
G   HOP3   H  N N 131 
G   HOP2   H  N N 132 
G   "H5'"  H  N N 133 
G   "H5''" H  N N 134 
G   "H4'"  H  N N 135 
G   "H3'"  H  N N 136 
G   "HO3'" H  N N 137 
G   "H2'"  H  N N 138 
G   "HO2'" H  N N 139 
G   "H1'"  H  N N 140 
G   H8     H  N N 141 
G   H1     H  N N 142 
G   H21    H  N N 143 
G   H22    H  N N 144 
GET C11    C  N S 145 
GET O11    O  N N 146 
GET C21    C  N R 147 
GET N21    N  N N 148 
GET C31    C  N R 149 
GET O31    O  N N 150 
GET C41    C  N S 151 
GET O41    O  N N 152 
GET C51    C  N R 153 
GET O51    O  N N 154 
GET C61    C  N R 155 
GET O61    O  N N 156 
GET C71    C  N N 157 
GET C12    C  N R 158 
GET N12    N  N N 159 
GET C22    C  N N 160 
GET C32    C  N S 161 
GET N32    N  N N 162 
GET C42    C  N R 163 
GET C52    C  N S 164 
GET O52    O  N N 165 
GET C62    C  N S 166 
GET O62    O  N N 167 
GET C13    C  N R 168 
GET C23    C  N R 169 
GET O23    O  N N 170 
GET C33    C  N R 171 
GET N33    N  N N 172 
GET C93    C  N N 173 
GET C43    C  N R 174 
GET O43    O  N N 175 
GET C83    C  N N 176 
GET C53    C  N N 177 
GET O53    O  N N 178 
GET H111   H  N N 179 
GET H21    H  N N 180 
GET H211   H  N N 181 
GET H212   H  N N 182 
GET H311   H  N N 183 
GET H31    H  N N 184 
GET H411   H  N N 185 
GET H41    H  N N 186 
GET H511   H  N N 187 
GET H611   H  N N 188 
GET H61    H  N N 189 
GET H711   H  N N 190 
GET H712   H  N N 191 
GET H713   H  N N 192 
GET H12    H  N N 193 
GET H121   H  N N 194 
GET H122   H  N N 195 
GET H221   H  N N 196 
GET H222   H  N N 197 
GET H32    H  N N 198 
GET H321   H  N N 199 
GET H322   H  N N 200 
GET H421   H  N N 201 
GET H521   H  N N 202 
GET H52    H  N N 203 
GET H621   H  N N 204 
GET H131   H  N N 205 
GET H231   H  N N 206 
GET H23    H  N N 207 
GET H331   H  N N 208 
GET H33    H  N N 209 
GET H931   H  N N 210 
GET H932   H  N N 211 
GET H933   H  N N 212 
GET H43    H  N N 213 
GET H831   H  N N 214 
GET H832   H  N N 215 
GET H833   H  N N 216 
GET H531   H  N N 217 
GET H532   H  N N 218 
HOH O      O  N N 219 
HOH H1     H  N N 220 
HOH H2     H  N N 221 
U   OP3    O  N N 222 
U   P      P  N N 223 
U   OP1    O  N N 224 
U   OP2    O  N N 225 
U   "O5'"  O  N N 226 
U   "C5'"  C  N N 227 
U   "C4'"  C  N R 228 
U   "O4'"  O  N N 229 
U   "C3'"  C  N S 230 
U   "O3'"  O  N N 231 
U   "C2'"  C  N R 232 
U   "O2'"  O  N N 233 
U   "C1'"  C  N R 234 
U   N1     N  N N 235 
U   C2     C  N N 236 
U   O2     O  N N 237 
U   N3     N  N N 238 
U   C4     C  N N 239 
U   O4     O  N N 240 
U   C5     C  N N 241 
U   C6     C  N N 242 
U   HOP3   H  N N 243 
U   HOP2   H  N N 244 
U   "H5'"  H  N N 245 
U   "H5''" H  N N 246 
U   "H4'"  H  N N 247 
U   "H3'"  H  N N 248 
U   "HO3'" H  N N 249 
U   "H2'"  H  N N 250 
U   "HO2'" H  N N 251 
U   "H1'"  H  N N 252 
U   H3     H  N N 253 
U   H5     H  N N 254 
U   H6     H  N N 255 
# 
loop_
_chem_comp_bond.comp_id 
_chem_comp_bond.atom_id_1 
_chem_comp_bond.atom_id_2 
_chem_comp_bond.value_order 
_chem_comp_bond.pdbx_aromatic_flag 
_chem_comp_bond.pdbx_stereo_config 
_chem_comp_bond.pdbx_ordinal 
5BU P     OP1    doub N N 1   
5BU P     OP2    sing N N 2   
5BU P     OP3    sing N N 3   
5BU P     "O5'"  sing N N 4   
5BU OP2   HOP2   sing N N 5   
5BU OP3   HOP3   sing N N 6   
5BU "O5'" "C5'"  sing N N 7   
5BU "C5'" "C4'"  sing N N 8   
5BU "C5'" "H5'"  sing N N 9   
5BU "C5'" "H5''" sing N N 10  
5BU "C4'" "O4'"  sing N N 11  
5BU "C4'" "C3'"  sing N N 12  
5BU "C4'" "H4'"  sing N N 13  
5BU "O4'" "C1'"  sing N N 14  
5BU "C3'" "O3'"  sing N N 15  
5BU "C3'" "C2'"  sing N N 16  
5BU "C3'" "H3'"  sing N N 17  
5BU "O3'" "HO3'" sing N N 18  
5BU "C2'" "O2'"  sing N N 19  
5BU "C2'" "C1'"  sing N N 20  
5BU "C2'" "H2'"  sing N N 21  
5BU "O2'" "HO2'" sing N N 22  
5BU "C1'" N1     sing N N 23  
5BU "C1'" "H1'"  sing N N 24  
5BU N1    C2     sing N N 25  
5BU N1    C6     sing N N 26  
5BU C2    O2     doub N N 27  
5BU C2    N3     sing N N 28  
5BU N3    C4     sing N N 29  
5BU N3    H3     sing N N 30  
5BU C4    O4     doub N N 31  
5BU C4    C5     sing N N 32  
5BU C5    C6     doub N N 33  
5BU C5    BR     sing N N 34  
5BU C6    H6     sing N N 35  
A   OP3   P      sing N N 36  
A   OP3   HOP3   sing N N 37  
A   P     OP1    doub N N 38  
A   P     OP2    sing N N 39  
A   P     "O5'"  sing N N 40  
A   OP2   HOP2   sing N N 41  
A   "O5'" "C5'"  sing N N 42  
A   "C5'" "C4'"  sing N N 43  
A   "C5'" "H5'"  sing N N 44  
A   "C5'" "H5''" sing N N 45  
A   "C4'" "O4'"  sing N N 46  
A   "C4'" "C3'"  sing N N 47  
A   "C4'" "H4'"  sing N N 48  
A   "O4'" "C1'"  sing N N 49  
A   "C3'" "O3'"  sing N N 50  
A   "C3'" "C2'"  sing N N 51  
A   "C3'" "H3'"  sing N N 52  
A   "O3'" "HO3'" sing N N 53  
A   "C2'" "O2'"  sing N N 54  
A   "C2'" "C1'"  sing N N 55  
A   "C2'" "H2'"  sing N N 56  
A   "O2'" "HO2'" sing N N 57  
A   "C1'" N9     sing N N 58  
A   "C1'" "H1'"  sing N N 59  
A   N9    C8     sing Y N 60  
A   N9    C4     sing Y N 61  
A   C8    N7     doub Y N 62  
A   C8    H8     sing N N 63  
A   N7    C5     sing Y N 64  
A   C5    C6     sing Y N 65  
A   C5    C4     doub Y N 66  
A   C6    N6     sing N N 67  
A   C6    N1     doub Y N 68  
A   N6    H61    sing N N 69  
A   N6    H62    sing N N 70  
A   N1    C2     sing Y N 71  
A   C2    N3     doub Y N 72  
A   C2    H2     sing N N 73  
A   N3    C4     sing Y N 74  
C   OP3   P      sing N N 75  
C   OP3   HOP3   sing N N 76  
C   P     OP1    doub N N 77  
C   P     OP2    sing N N 78  
C   P     "O5'"  sing N N 79  
C   OP2   HOP2   sing N N 80  
C   "O5'" "C5'"  sing N N 81  
C   "C5'" "C4'"  sing N N 82  
C   "C5'" "H5'"  sing N N 83  
C   "C5'" "H5''" sing N N 84  
C   "C4'" "O4'"  sing N N 85  
C   "C4'" "C3'"  sing N N 86  
C   "C4'" "H4'"  sing N N 87  
C   "O4'" "C1'"  sing N N 88  
C   "C3'" "O3'"  sing N N 89  
C   "C3'" "C2'"  sing N N 90  
C   "C3'" "H3'"  sing N N 91  
C   "O3'" "HO3'" sing N N 92  
C   "C2'" "O2'"  sing N N 93  
C   "C2'" "C1'"  sing N N 94  
C   "C2'" "H2'"  sing N N 95  
C   "O2'" "HO2'" sing N N 96  
C   "C1'" N1     sing N N 97  
C   "C1'" "H1'"  sing N N 98  
C   N1    C2     sing N N 99  
C   N1    C6     sing N N 100 
C   C2    O2     doub N N 101 
C   C2    N3     sing N N 102 
C   N3    C4     doub N N 103 
C   C4    N4     sing N N 104 
C   C4    C5     sing N N 105 
C   N4    H41    sing N N 106 
C   N4    H42    sing N N 107 
C   C5    C6     doub N N 108 
C   C5    H5     sing N N 109 
C   C6    H6     sing N N 110 
G   OP3   P      sing N N 111 
G   OP3   HOP3   sing N N 112 
G   P     OP1    doub N N 113 
G   P     OP2    sing N N 114 
G   P     "O5'"  sing N N 115 
G   OP2   HOP2   sing N N 116 
G   "O5'" "C5'"  sing N N 117 
G   "C5'" "C4'"  sing N N 118 
G   "C5'" "H5'"  sing N N 119 
G   "C5'" "H5''" sing N N 120 
G   "C4'" "O4'"  sing N N 121 
G   "C4'" "C3'"  sing N N 122 
G   "C4'" "H4'"  sing N N 123 
G   "O4'" "C1'"  sing N N 124 
G   "C3'" "O3'"  sing N N 125 
G   "C3'" "C2'"  sing N N 126 
G   "C3'" "H3'"  sing N N 127 
G   "O3'" "HO3'" sing N N 128 
G   "C2'" "O2'"  sing N N 129 
G   "C2'" "C1'"  sing N N 130 
G   "C2'" "H2'"  sing N N 131 
G   "O2'" "HO2'" sing N N 132 
G   "C1'" N9     sing N N 133 
G   "C1'" "H1'"  sing N N 134 
G   N9    C8     sing Y N 135 
G   N9    C4     sing Y N 136 
G   C8    N7     doub Y N 137 
G   C8    H8     sing N N 138 
G   N7    C5     sing Y N 139 
G   C5    C6     sing N N 140 
G   C5    C4     doub Y N 141 
G   C6    O6     doub N N 142 
G   C6    N1     sing N N 143 
G   N1    C2     sing N N 144 
G   N1    H1     sing N N 145 
G   C2    N2     sing N N 146 
G   C2    N3     doub N N 147 
G   N2    H21    sing N N 148 
G   N2    H22    sing N N 149 
G   N3    C4     sing N N 150 
GET C11   O11    sing N N 151 
GET C11   C21    sing N N 152 
GET C11   O51    sing N N 153 
GET C11   H111   sing N N 154 
GET O11   C42    sing N N 155 
GET C21   N21    sing N N 156 
GET C21   C31    sing N N 157 
GET C21   H21    sing N N 158 
GET N21   H211   sing N N 159 
GET N21   H212   sing N N 160 
GET C31   O31    sing N N 161 
GET C31   C41    sing N N 162 
GET C31   H311   sing N N 163 
GET O31   H31    sing N N 164 
GET C41   O41    sing N N 165 
GET C41   C51    sing N N 166 
GET C41   H411   sing N N 167 
GET O41   H41    sing N N 168 
GET C51   O51    sing N N 169 
GET C51   C61    sing N N 170 
GET C51   H511   sing N N 171 
GET C61   O61    sing N N 172 
GET C61   C71    sing N N 173 
GET C61   H611   sing N N 174 
GET O61   H61    sing N N 175 
GET C71   H711   sing N N 176 
GET C71   H712   sing N N 177 
GET C71   H713   sing N N 178 
GET C12   N12    sing N N 179 
GET C12   C22    sing N N 180 
GET C12   C62    sing N N 181 
GET C12   H12    sing N N 182 
GET N12   H121   sing N N 183 
GET N12   H122   sing N N 184 
GET C22   C32    sing N N 185 
GET C22   H221   sing N N 186 
GET C22   H222   sing N N 187 
GET C32   N32    sing N N 188 
GET C32   C42    sing N N 189 
GET C32   H32    sing N N 190 
GET N32   H321   sing N N 191 
GET N32   H322   sing N N 192 
GET C42   C52    sing N N 193 
GET C42   H421   sing N N 194 
GET C52   O52    sing N N 195 
GET C52   C62    sing N N 196 
GET C52   H521   sing N N 197 
GET O52   H52    sing N N 198 
GET C62   O62    sing N N 199 
GET C62   H621   sing N N 200 
GET O62   C13    sing N N 201 
GET C13   C23    sing N N 202 
GET C13   O53    sing N N 203 
GET C13   H131   sing N N 204 
GET C23   O23    sing N N 205 
GET C23   C33    sing N N 206 
GET C23   H231   sing N N 207 
GET O23   H23    sing N N 208 
GET C33   N33    sing N N 209 
GET C33   C43    sing N N 210 
GET C33   H331   sing N N 211 
GET N33   C93    sing N N 212 
GET N33   H33    sing N N 213 
GET C93   H931   sing N N 214 
GET C93   H932   sing N N 215 
GET C93   H933   sing N N 216 
GET C43   O43    sing N N 217 
GET C43   C83    sing N N 218 
GET C43   C53    sing N N 219 
GET O43   H43    sing N N 220 
GET C83   H831   sing N N 221 
GET C83   H832   sing N N 222 
GET C83   H833   sing N N 223 
GET C53   O53    sing N N 224 
GET C53   H531   sing N N 225 
GET C53   H532   sing N N 226 
HOH O     H1     sing N N 227 
HOH O     H2     sing N N 228 
U   OP3   P      sing N N 229 
U   OP3   HOP3   sing N N 230 
U   P     OP1    doub N N 231 
U   P     OP2    sing N N 232 
U   P     "O5'"  sing N N 233 
U   OP2   HOP2   sing N N 234 
U   "O5'" "C5'"  sing N N 235 
U   "C5'" "C4'"  sing N N 236 
U   "C5'" "H5'"  sing N N 237 
U   "C5'" "H5''" sing N N 238 
U   "C4'" "O4'"  sing N N 239 
U   "C4'" "C3'"  sing N N 240 
U   "C4'" "H4'"  sing N N 241 
U   "O4'" "C1'"  sing N N 242 
U   "C3'" "O3'"  sing N N 243 
U   "C3'" "C2'"  sing N N 244 
U   "C3'" "H3'"  sing N N 245 
U   "O3'" "HO3'" sing N N 246 
U   "C2'" "O2'"  sing N N 247 
U   "C2'" "C1'"  sing N N 248 
U   "C2'" "H2'"  sing N N 249 
U   "O2'" "HO2'" sing N N 250 
U   "C1'" N1     sing N N 251 
U   "C1'" "H1'"  sing N N 252 
U   N1    C2     sing N N 253 
U   N1    C6     sing N N 254 
U   C2    O2     doub N N 255 
U   C2    N3     sing N N 256 
U   N3    C4     sing N N 257 
U   N3    H3     sing N N 258 
U   C4    O4     doub N N 259 
U   C4    C5     sing N N 260 
U   C5    C6     doub N N 261 
U   C5    H5     sing N N 262 
U   C6    H6     sing N N 263 
# 
loop_
_ndb_struct_conf_na.entry_id 
_ndb_struct_conf_na.feature 
4P3S 'double helix'        
4P3S 'a-form double helix' 
# 
loop_
_ndb_struct_na_base_pair.model_number 
_ndb_struct_na_base_pair.i_label_asym_id 
_ndb_struct_na_base_pair.i_label_comp_id 
_ndb_struct_na_base_pair.i_label_seq_id 
_ndb_struct_na_base_pair.i_symmetry 
_ndb_struct_na_base_pair.j_label_asym_id 
_ndb_struct_na_base_pair.j_label_comp_id 
_ndb_struct_na_base_pair.j_label_seq_id 
_ndb_struct_na_base_pair.j_symmetry 
_ndb_struct_na_base_pair.shear 
_ndb_struct_na_base_pair.stretch 
_ndb_struct_na_base_pair.stagger 
_ndb_struct_na_base_pair.buckle 
_ndb_struct_na_base_pair.propeller 
_ndb_struct_na_base_pair.opening 
_ndb_struct_na_base_pair.pair_number 
_ndb_struct_na_base_pair.pair_name 
_ndb_struct_na_base_pair.i_auth_asym_id 
_ndb_struct_na_base_pair.i_auth_seq_id 
_ndb_struct_na_base_pair.i_PDB_ins_code 
_ndb_struct_na_base_pair.j_auth_asym_id 
_ndb_struct_na_base_pair.j_auth_seq_id 
_ndb_struct_na_base_pair.j_PDB_ins_code 
_ndb_struct_na_base_pair.hbond_type_28 
_ndb_struct_na_base_pair.hbond_type_12 
1 A G   3  1_555 B C   23 1_555 -0.677 -0.046 0.064  -4.236 -1.318  5.399   1  A_G3:C46_B    A 3  ? B 46 ? 19 1 
1 A C   4  1_555 B G   22 1_555 0.239  -0.086 0.098  6.912  -6.315  -1.748  2  A_C4:G45_B    A 4  ? B 45 ? 19 1 
1 A G   5  1_555 B C   21 1_555 -0.285 -0.198 -0.397 -5.817 -9.024  3.547   3  A_G5:C44_B    A 5  ? B 44 ? 19 1 
1 A U   6  1_555 B U   20 1_555 -2.360 -1.595 -0.366 14.393 -10.447 -4.381  4  A_U6:U43_B    A 6  ? B 43 ? ?  ? 
1 A C   7  1_555 B G   19 1_555 0.148  -0.175 -0.487 4.099  -1.682  2.510   5  A_C7:G42_B    A 7  ? B 42 ? 19 1 
1 A C   9  1_555 B G   16 1_555 0.327  -0.041 -0.130 6.624  -14.216 0.894   6  A_C9:G39_B    A 9  ? B 39 ? 19 1 
1 A G   10 1_555 B C   15 1_555 -0.230 -0.103 0.288  -2.562 -10.087 2.109   7  A_G10:C38_B   A 10 ? B 38 ? 19 1 
1 A 5BU 11 1_555 B A   14 1_555 -0.261 -0.104 0.092  -2.341 -11.603 -3.047  8  A_5BU11:A37_B A 11 ? B 37 ? 20 1 
1 A C   12 1_555 B G   13 1_555 0.346  -0.081 0.089  3.134  -12.921 2.415   9  A_C12:G36_B   A 12 ? B 36 ? 19 1 
1 A G   13 1_555 B C   12 1_555 -0.180 -0.125 0.016  -0.090 -10.337 -1.014  10 A_G13:C35_B   A 13 ? B 35 ? 19 1 
1 A A   14 1_555 B 5BU 11 1_555 0.086  -0.109 0.248  4.843  -15.631 -0.260  11 A_A14:5BU34_B A 14 ? B 34 ? 20 1 
1 A C   15 1_555 B G   10 1_555 0.223  -0.027 0.101  -1.887 -15.593 6.739   12 A_C15:G33_B   A 15 ? B 33 ? 19 1 
1 A G   16 1_555 B C   9  1_555 -0.209 -0.145 -0.010 0.417  -7.309  2.652   13 A_G16:C32_B   A 16 ? B 32 ? 19 1 
1 A G   19 1_555 B C   7  1_555 -0.133 -0.208 -0.272 4.522  8.296   -0.192  14 A_G19:C30_B   A 19 ? B 30 ? 19 1 
1 A U   20 1_555 B U   6  1_555 2.056  -1.475 -0.316 -7.155 -7.333  -10.339 15 A_U20:U29_B   A 20 ? B 29 ? ?  ? 
1 A C   21 1_555 B G   5  1_555 0.065  -0.286 -0.248 0.937  -5.606  -0.681  16 A_C21:G28_B   A 21 ? B 28 ? 19 1 
1 A G   22 1_555 B C   4  1_555 -0.235 -0.284 0.267  -0.889 -10.134 -3.401  17 A_G22:C27_B   A 22 ? B 27 ? 19 1 
1 A C   23 1_555 B G   3  1_555 0.323  -0.252 0.207  -2.221 -2.281  -0.536  18 A_C23:G26_B   A 23 ? B 26 ? 19 1 
# 
loop_
_ndb_struct_na_base_pair_step.model_number 
_ndb_struct_na_base_pair_step.i_label_asym_id_1 
_ndb_struct_na_base_pair_step.i_label_comp_id_1 
_ndb_struct_na_base_pair_step.i_label_seq_id_1 
_ndb_struct_na_base_pair_step.i_symmetry_1 
_ndb_struct_na_base_pair_step.j_label_asym_id_1 
_ndb_struct_na_base_pair_step.j_label_comp_id_1 
_ndb_struct_na_base_pair_step.j_label_seq_id_1 
_ndb_struct_na_base_pair_step.j_symmetry_1 
_ndb_struct_na_base_pair_step.i_label_asym_id_2 
_ndb_struct_na_base_pair_step.i_label_comp_id_2 
_ndb_struct_na_base_pair_step.i_label_seq_id_2 
_ndb_struct_na_base_pair_step.i_symmetry_2 
_ndb_struct_na_base_pair_step.j_label_asym_id_2 
_ndb_struct_na_base_pair_step.j_label_comp_id_2 
_ndb_struct_na_base_pair_step.j_label_seq_id_2 
_ndb_struct_na_base_pair_step.j_symmetry_2 
_ndb_struct_na_base_pair_step.shift 
_ndb_struct_na_base_pair_step.slide 
_ndb_struct_na_base_pair_step.rise 
_ndb_struct_na_base_pair_step.tilt 
_ndb_struct_na_base_pair_step.roll 
_ndb_struct_na_base_pair_step.twist 
_ndb_struct_na_base_pair_step.x_displacement 
_ndb_struct_na_base_pair_step.y_displacement 
_ndb_struct_na_base_pair_step.helical_rise 
_ndb_struct_na_base_pair_step.inclination 
_ndb_struct_na_base_pair_step.tip 
_ndb_struct_na_base_pair_step.helical_twist 
_ndb_struct_na_base_pair_step.step_number 
_ndb_struct_na_base_pair_step.step_name 
_ndb_struct_na_base_pair_step.i_auth_asym_id_1 
_ndb_struct_na_base_pair_step.i_auth_seq_id_1 
_ndb_struct_na_base_pair_step.i_PDB_ins_code_1 
_ndb_struct_na_base_pair_step.j_auth_asym_id_1 
_ndb_struct_na_base_pair_step.j_auth_seq_id_1 
_ndb_struct_na_base_pair_step.j_PDB_ins_code_1 
_ndb_struct_na_base_pair_step.i_auth_asym_id_2 
_ndb_struct_na_base_pair_step.i_auth_seq_id_2 
_ndb_struct_na_base_pair_step.i_PDB_ins_code_2 
_ndb_struct_na_base_pair_step.j_auth_asym_id_2 
_ndb_struct_na_base_pair_step.j_auth_seq_id_2 
_ndb_struct_na_base_pair_step.j_PDB_ins_code_2 
1 A G   3  1_555 B C   23 1_555 A C   4  1_555 B G   22 1_555 -1.030 -1.194 3.038 -1.967 4.039  35.718 -2.460 1.411  2.941 6.553  
3.191  35.991 1  AA_G3C4:G45C46_BB     A 3  ? B 46 ? A 4  ? B 45 ? 
1 A C   4  1_555 B G   22 1_555 A G   5  1_555 B C   21 1_555 0.696  -1.601 3.577 1.680  7.338  30.778 -4.348 -0.951 3.154 13.572 
-3.108 31.664 2  AA_C4G5:C44G45_BB     A 4  ? B 45 ? A 5  ? B 44 ? 
1 A G   5  1_555 B C   21 1_555 A U   6  1_555 B U   20 1_555 -0.448 -1.651 2.602 -2.688 1.081  22.942 -4.417 0.377  2.558 2.703  
6.723  23.122 3  AA_G5U6:U43C44_BB     A 5  ? B 44 ? A 6  ? B 43 ? 
1 A U   6  1_555 B U   20 1_555 A C   7  1_555 B G   19 1_555 0.702  -2.338 3.748 -1.258 5.910  42.333 -3.857 -1.101 3.386 8.133  
1.732  42.743 4  AA_U6C7:G42U43_BB     A 6  ? B 43 ? A 7  ? B 42 ? 
1 A C   9  1_555 B G   16 1_555 A G   10 1_555 B C   15 1_555 -0.347 -2.104 3.465 -6.433 11.080 27.113 -6.254 -0.594 2.454 22.133 
12.850 29.936 5  AA_C9G10:C38G39_BB    A 9  ? B 39 ? A 10 ? B 38 ? 
1 A G   10 1_555 B C   15 1_555 A 5BU 11 1_555 B A   14 1_555 -0.780 -1.499 3.177 -0.726 5.437  32.726 -3.481 1.252  2.913 9.566  
1.277  33.170 6  AA_G105BU11:A37C38_BB A 10 ? B 38 ? A 11 ? B 37 ? 
1 A 5BU 11 1_555 B A   14 1_555 A C   12 1_555 B G   13 1_555 0.938  -1.477 3.154 0.347  5.114  32.959 -3.366 -1.582 2.908 8.946  
-0.606 33.344 7  AA_5BU11C12:G36A37_BB A 11 ? B 37 ? A 12 ? B 36 ? 
1 A C   12 1_555 B G   13 1_555 A G   13 1_555 B C   12 1_555 -0.584 -1.575 3.295 0.099  9.184  30.503 -4.448 1.082  2.716 16.978 
-0.183 31.825 8  AA_C12G13:C35G36_BB   A 12 ? B 36 ? A 13 ? B 35 ? 
1 A G   13 1_555 B C   12 1_555 A A   14 1_555 B 5BU 11 1_555 0.054  -1.368 3.090 -1.860 5.622  32.300 -3.297 -0.386 2.811 10.001 
3.308  32.824 9  AA_G13A14:5BU34C35_BB A 13 ? B 35 ? A 14 ? B 34 ? 
1 A A   14 1_555 B 5BU 11 1_555 A C   15 1_555 B G   10 1_555 0.919  -1.825 3.347 3.239  3.249  32.819 -3.754 -1.060 3.229 5.716  
-5.697 33.129 10 AA_A14C15:G335BU34_BB A 14 ? B 34 ? A 15 ? B 33 ? 
1 A C   15 1_555 B G   10 1_555 A G   16 1_555 B C   9  1_555 -0.583 -1.926 3.176 0.260  8.704  27.427 -5.601 1.225  2.456 17.797 
-0.532 28.751 11 AA_C15G16:C32G33_BB   A 15 ? B 33 ? A 16 ? B 32 ? 
1 A G   19 1_555 B C   7  1_555 A U   20 1_555 B U   6  1_555 -1.044 -2.434 3.799 0.862  2.796  41.624 -3.752 1.569  3.614 3.929  
-1.211 41.722 12 AA_G19U20:U29C30_BB   A 19 ? B 30 ? A 20 ? B 29 ? 
1 A U   20 1_555 B U   6  1_555 A C   21 1_555 B G   5  1_555 0.379  -2.010 2.989 1.512  1.448  25.183 -4.975 -0.469 2.888 3.315  
-3.459 25.269 13 AA_U20C21:G28U29_BB   A 20 ? B 29 ? A 21 ? B 28 ? 
1 A C   21 1_555 B G   5  1_555 A G   22 1_555 B C   4  1_555 -0.048 -1.640 3.237 -1.751 6.863  31.236 -4.137 -0.210 2.821 12.545 
3.201  32.010 14 AA_C21G22:C27G28_BB   A 21 ? B 28 ? A 22 ? B 27 ? 
1 A G   22 1_555 B C   4  1_555 A C   23 1_555 B G   3  1_555 0.727  -2.058 3.361 2.468  1.633  34.197 -3.750 -0.837 3.305 2.771  
-4.187 34.321 15 AA_G22C23:G26C27_BB   A 22 ? B 27 ? A 23 ? B 26 ? 
# 
_pdbx_audit_support.funding_organization   MEXT 
_pdbx_audit_support.country                Japan 
_pdbx_audit_support.grant_number           23790054 
_pdbx_audit_support.ordinal                1 
# 
_atom_sites.entry_id                    4P3S 
_atom_sites.fract_transf_matrix[1][1]   -0.02840198 
_atom_sites.fract_transf_matrix[1][2]   -0.00559626 
_atom_sites.fract_transf_matrix[1][3]   0.00474269 
_atom_sites.fract_transf_matrix[2][1]   -0.00281106 
_atom_sites.fract_transf_matrix[2][2]   0.00869083 
_atom_sites.fract_transf_matrix[2][3]   -0.00657932 
_atom_sites.fract_transf_matrix[3][1]   -0.00028577 
_atom_sites.fract_transf_matrix[3][2]   -0.01300750 
_atom_sites.fract_transf_matrix[3][3]   -0.01705990 
_atom_sites.fract_transf_vector[1]      0.430409 
_atom_sites.fract_transf_vector[2]      0.370250 
_atom_sites.fract_transf_vector[3]      0.474100 
# 
loop_
_atom_type.symbol 
BR 
C  
N  
O  
P  
# 
loop_
_atom_site.group_PDB 
_atom_site.id 
_atom_site.type_symbol 
_atom_site.label_atom_id 
_atom_site.label_alt_id 
_atom_site.label_comp_id 
_atom_site.label_asym_id 
_atom_site.label_entity_id 
_atom_site.label_seq_id 
_atom_site.pdbx_PDB_ins_code 
_atom_site.Cartn_x 
_atom_site.Cartn_y 
_atom_site.Cartn_z 
_atom_site.occupancy 
_atom_site.B_iso_or_equiv 
_atom_site.pdbx_formal_charge 
_atom_site.auth_seq_id 
_atom_site.auth_comp_id 
_atom_site.auth_asym_id 
_atom_site.auth_atom_id 
_atom_site.pdbx_PDB_model_num 
ATOM   1    P  P     . G   A 1 3  ? 11.081  22.873  10.972  1.00 68.70 ? 3   G   A P     1 
ATOM   2    O  OP1   . G   A 1 3  ? 10.322  23.694  9.930   1.00 67.03 ? 3   G   A OP1   1 
ATOM   3    O  OP2   . G   A 1 3  ? 10.859  23.336  12.407  1.00 64.54 ? 3   G   A OP2   1 
ATOM   4    O  "O5'" . G   A 1 3  ? 12.664  23.127  10.678  1.00 64.85 ? 3   G   A "O5'" 1 
ATOM   5    C  "C5'" . G   A 1 3  ? 13.143  23.357  9.340   1.00 60.78 ? 3   G   A "C5'" 1 
ATOM   6    C  "C4'" . G   A 1 3  ? 14.433  22.609  9.114   1.00 56.08 ? 3   G   A "C4'" 1 
ATOM   7    O  "O4'" . G   A 1 3  ? 15.167  22.539  10.366  1.00 55.90 ? 3   G   A "O4'" 1 
ATOM   8    C  "C3'" . G   A 1 3  ? 14.269  21.161  8.692   1.00 54.98 ? 3   G   A "C3'" 1 
ATOM   9    O  "O3'" . G   A 1 3  ? 14.181  21.078  7.281   1.00 54.50 ? 3   G   A "O3'" 1 
ATOM   10   C  "C2'" . G   A 1 3  ? 15.566  20.534  9.179   1.00 53.50 ? 3   G   A "C2'" 1 
ATOM   11   O  "O2'" . G   A 1 3  ? 16.649  20.791  8.313   1.00 54.50 ? 3   G   A "O2'" 1 
ATOM   12   C  "C1'" . G   A 1 3  ? 15.765  21.260  10.505  1.00 52.29 ? 3   G   A "C1'" 1 
ATOM   13   N  N9    . G   A 1 3  ? 15.139  20.584  11.638  1.00 49.64 ? 3   G   A N9    1 
ATOM   14   C  C8    . G   A 1 3  ? 13.992  20.958  12.294  1.00 46.81 ? 3   G   A C8    1 
ATOM   15   N  N7    . G   A 1 3  ? 13.693  20.172  13.292  1.00 45.56 ? 3   G   A N7    1 
ATOM   16   C  C5    . G   A 1 3  ? 14.701  19.218  13.292  1.00 44.95 ? 3   G   A C5    1 
ATOM   17   C  C6    . G   A 1 3  ? 14.916  18.114  14.148  1.00 43.66 ? 3   G   A C6    1 
ATOM   18   O  O6    . G   A 1 3  ? 14.238  17.741  15.111  1.00 43.54 ? 3   G   A O6    1 
ATOM   19   N  N1    . G   A 1 3  ? 16.063  17.407  13.795  1.00 43.86 ? 3   G   A N1    1 
ATOM   20   C  C2    . G   A 1 3  ? 16.891  17.722  12.748  1.00 43.20 ? 3   G   A C2    1 
ATOM   21   N  N2    . G   A 1 3  ? 17.947  16.924  12.566  1.00 42.73 ? 3   G   A N2    1 
ATOM   22   N  N3    . G   A 1 3  ? 16.700  18.748  11.940  1.00 44.87 ? 3   G   A N3    1 
ATOM   23   C  C4    . G   A 1 3  ? 15.596  19.452  12.272  1.00 46.21 ? 3   G   A C4    1 
ATOM   24   P  P     . C   A 1 4  ? 13.439  19.827  6.613   1.00 55.33 ? 4   C   A P     1 
ATOM   25   O  OP1   . C   A 1 4  ? 13.276  20.116  5.166   1.00 53.06 ? 4   C   A OP1   1 
ATOM   26   O  OP2   . C   A 1 4  ? 12.241  19.543  7.451   1.00 51.98 ? 4   C   A OP2   1 
ATOM   27   O  "O5'" . C   A 1 4  ? 14.493  18.637  6.764   1.00 51.37 ? 4   C   A "O5'" 1 
ATOM   28   C  "C5'" . C   A 1 4  ? 15.689  18.621  5.987   1.00 48.25 ? 4   C   A "C5'" 1 
ATOM   29   C  "C4'" . C   A 1 4  ? 16.521  17.400  6.318   1.00 44.95 ? 4   C   A "C4'" 1 
ATOM   30   O  "O4'" . C   A 1 4  ? 17.047  17.493  7.672   1.00 44.21 ? 4   C   A "O4'" 1 
ATOM   31   C  "C3'" . C   A 1 4  ? 15.789  16.071  6.305   1.00 42.42 ? 4   C   A "C3'" 1 
ATOM   32   O  "O3'" . C   A 1 4  ? 15.672  15.538  5.005   1.00 40.56 ? 4   C   A "O3'" 1 
ATOM   33   C  "C2'" . C   A 1 4  ? 16.698  15.218  7.171   1.00 42.80 ? 4   C   A "C2'" 1 
ATOM   34   O  "O2'" . C   A 1 4  ? 17.868  14.795  6.494   1.00 44.08 ? 4   C   A "O2'" 1 
ATOM   35   C  "C1'" . C   A 1 4  ? 17.028  16.209  8.281   1.00 41.46 ? 4   C   A "C1'" 1 
ATOM   36   N  N1    . C   A 1 4  ? 15.991  16.213  9.322   1.00 40.28 ? 4   C   A N1    1 
ATOM   37   C  C2    . C   A 1 4  ? 16.056  15.258  10.333  1.00 37.17 ? 4   C   A C2    1 
ATOM   38   O  O2    . C   A 1 4  ? 16.968  14.421  10.300  1.00 37.16 ? 4   C   A O2    1 
ATOM   39   N  N3    . C   A 1 4  ? 15.123  15.264  11.309  1.00 34.97 ? 4   C   A N3    1 
ATOM   40   C  C4    . C   A 1 4  ? 14.141  16.168  11.290  1.00 34.60 ? 4   C   A C4    1 
ATOM   41   N  N4    . C   A 1 4  ? 13.246  16.141  12.276  1.00 32.50 ? 4   C   A N4    1 
ATOM   42   C  C5    . C   A 1 4  ? 14.037  17.142  10.258  1.00 36.28 ? 4   C   A C5    1 
ATOM   43   C  C6    . C   A 1 4  ? 14.978  17.131  9.305   1.00 38.31 ? 4   C   A C6    1 
ATOM   44   P  P     . G   A 1 5  ? 14.492  14.502  4.691   1.00 41.53 ? 5   G   A P     1 
ATOM   45   O  OP1   . G   A 1 5  ? 14.605  14.137  3.256   1.00 38.35 ? 5   G   A OP1   1 
ATOM   46   O  OP2   . G   A 1 5  ? 13.233  15.093  5.213   1.00 37.44 ? 5   G   A OP2   1 
ATOM   47   O  "O5'" . G   A 1 5  ? 14.843  13.228  5.588   1.00 38.52 ? 5   G   A "O5'" 1 
ATOM   48   C  "C5'" . G   A 1 5  ? 15.970  12.407  5.292   1.00 34.89 ? 5   G   A "C5'" 1 
ATOM   49   C  "C4'" . G   A 1 5  ? 16.125  11.330  6.344   1.00 33.43 ? 5   G   A "C4'" 1 
ATOM   50   O  "O4'" . G   A 1 5  ? 16.390  11.946  7.634   1.00 33.00 ? 5   G   A "O4'" 1 
ATOM   51   C  "C3'" . G   A 1 5  ? 14.909  10.458  6.623   1.00 33.01 ? 5   G   A "C3'" 1 
ATOM   52   O  "O3'" . G   A 1 5  ? 14.779  9.408   5.683   1.00 33.78 ? 5   G   A "O3'" 1 
ATOM   53   C  "C2'" . G   A 1 5  ? 15.257  9.907   7.992   1.00 33.74 ? 5   G   A "C2'" 1 
ATOM   54   O  "O2'" . G   A 1 5  ? 16.243  8.896   7.930   1.00 32.21 ? 5   G   A "O2'" 1 
ATOM   55   C  "C1'" . G   A 1 5  ? 15.800  11.165  8.666   1.00 32.14 ? 5   G   A "C1'" 1 
ATOM   56   N  N9    . G   A 1 5  ? 14.720  11.938  9.266   1.00 28.02 ? 5   G   A N9    1 
ATOM   57   C  C8    . G   A 1 5  ? 14.167  13.109  8.799   1.00 27.28 ? 5   G   A C8    1 
ATOM   58   N  N7    . G   A 1 5  ? 13.170  13.534  9.528   1.00 24.28 ? 5   G   A N7    1 
ATOM   59   C  C5    . G   A 1 5  ? 13.063  12.591  10.544  1.00 27.02 ? 5   G   A C5    1 
ATOM   60   C  C6    . G   A 1 5  ? 12.152  12.502  11.628  1.00 25.73 ? 5   G   A C6    1 
ATOM   61   O  O6    . G   A 1 5  ? 11.230  13.266  11.925  1.00 27.07 ? 5   G   A O6    1 
ATOM   62   N  N1    . G   A 1 5  ? 12.394  11.375  12.408  1.00 27.06 ? 5   G   A N1    1 
ATOM   63   C  C2    . G   A 1 5  ? 13.384  10.451  12.174  1.00 25.99 ? 5   G   A C2    1 
ATOM   64   N  N2    . G   A 1 5  ? 13.433  9.418   13.017  1.00 27.90 ? 5   G   A N2    1 
ATOM   65   N  N3    . G   A 1 5  ? 14.249  10.530  11.180  1.00 24.62 ? 5   G   A N3    1 
ATOM   66   C  C4    . G   A 1 5  ? 14.029  11.611  10.406  1.00 27.23 ? 5   G   A C4    1 
ATOM   67   P  P     . U   A 1 6  ? 13.333  8.759   5.416   1.00 33.80 ? 6   U   A P     1 
ATOM   68   O  OP1   . U   A 1 6  ? 13.452  7.950   4.177   1.00 32.29 ? 6   U   A OP1   1 
ATOM   69   O  OP2   . U   A 1 6  ? 12.291  9.807   5.509   1.00 32.37 ? 6   U   A OP2   1 
ATOM   70   O  "O5'" . U   A 1 6  ? 13.134  7.778   6.654   1.00 34.21 ? 6   U   A "O5'" 1 
ATOM   71   C  "C5'" . U   A 1 6  ? 14.018  6.685   6.869   1.00 30.62 ? 6   U   A "C5'" 1 
ATOM   72   C  "C4'" . U   A 1 6  ? 13.654  5.968   8.145   1.00 29.51 ? 6   U   A "C4'" 1 
ATOM   73   O  "O4'" . U   A 1 6  ? 13.772  6.878   9.273   1.00 27.82 ? 6   U   A "O4'" 1 
ATOM   74   C  "C3'" . U   A 1 6  ? 12.212  5.515   8.259   1.00 29.14 ? 6   U   A "C3'" 1 
ATOM   75   O  "O3'" . U   A 1 6  ? 11.941  4.348   7.502   1.00 28.94 ? 6   U   A "O3'" 1 
ATOM   76   C  "C2'" . U   A 1 6  ? 12.096  5.282   9.754   1.00 28.31 ? 6   U   A "C2'" 1 
ATOM   77   O  "O2'" . U   A 1 6  ? 12.763  4.115   10.172  1.00 31.50 ? 6   U   A "O2'" 1 
ATOM   78   C  "C1'" . U   A 1 6  ? 12.850  6.497   10.285  1.00 28.16 ? 6   U   A "C1'" 1 
ATOM   79   N  N1    . U   A 1 6  ? 11.934  7.615   10.546  1.00 27.81 ? 6   U   A N1    1 
ATOM   80   C  C2    . U   A 1 6  ? 11.245  7.598   11.744  1.00 28.04 ? 6   U   A C2    1 
ATOM   81   O  O2    . U   A 1 6  ? 11.402  6.726   12.591  1.00 27.27 ? 6   U   A O2    1 
ATOM   82   N  N3    . U   A 1 6  ? 10.370  8.639   11.923  1.00 26.31 ? 6   U   A N3    1 
ATOM   83   C  C4    . U   A 1 6  ? 10.126  9.683   11.056  1.00 28.15 ? 6   U   A C4    1 
ATOM   84   O  O4    . U   A 1 6  ? 9.281   10.537  11.359  1.00 26.28 ? 6   U   A O4    1 
ATOM   85   C  C5    . U   A 1 6  ? 10.896  9.643   9.843   1.00 28.17 ? 6   U   A C5    1 
ATOM   86   C  C6    . U   A 1 6  ? 11.752  8.633   9.633   1.00 28.38 ? 6   U   A C6    1 
ATOM   87   P  P     . C   A 1 7  ? 10.498  4.184   6.814   1.00 29.00 ? 7   C   A P     1 
ATOM   88   O  OP1   . C   A 1 7  ? 10.544  2.917   6.050   1.00 29.55 ? 7   C   A OP1   1 
ATOM   89   O  OP2   . C   A 1 7  ? 10.184  5.449   6.116   1.00 28.42 ? 7   C   A OP2   1 
ATOM   90   O  "O5'" . C   A 1 7  ? 9.491   4.067   8.046   1.00 30.30 ? 7   C   A "O5'" 1 
ATOM   91   C  "C5'" . C   A 1 7  ? 9.608   3.001   8.985   1.00 29.89 ? 7   C   A "C5'" 1 
ATOM   92   C  "C4'" . C   A 1 7  ? 8.591   3.152   10.094  1.00 28.84 ? 7   C   A "C4'" 1 
ATOM   93   O  "O4'" . C   A 1 7  ? 8.852   4.339   10.889  1.00 30.23 ? 7   C   A "O4'" 1 
ATOM   94   C  "C3'" . C   A 1 7  ? 7.129   3.270   9.703   1.00 28.04 ? 7   C   A "C3'" 1 
ATOM   95   O  "O3'" . C   A 1 7  ? 6.604   1.970   9.473   1.00 31.39 ? 7   C   A "O3'" 1 
ATOM   96   C  "C2'" . C   A 1 7  ? 6.532   3.863   10.974  1.00 28.79 ? 7   C   A "C2'" 1 
ATOM   97   O  "O2'" . C   A 1 7  ? 6.320   2.897   11.982  1.00 31.38 ? 7   C   A "O2'" 1 
ATOM   98   C  "C1'" . C   A 1 7  ? 7.630   4.838   11.405  1.00 28.60 ? 7   C   A "C1'" 1 
ATOM   99   N  N1    . C   A 1 7  ? 7.416   6.190   10.863  1.00 30.49 ? 7   C   A N1    1 
ATOM   100  C  C2    . C   A 1 7  ? 6.451   7.010   11.465  1.00 29.68 ? 7   C   A C2    1 
ATOM   101  O  O2    . C   A 1 7  ? 5.819   6.572   12.445  1.00 28.76 ? 7   C   A O2    1 
ATOM   102  N  N3    . C   A 1 7  ? 6.233   8.249   10.965  1.00 26.85 ? 7   C   A N3    1 
ATOM   103  C  C4    . C   A 1 7  ? 6.933   8.674   9.909   1.00 27.83 ? 7   C   A C4    1 
ATOM   104  N  N4    . C   A 1 7  ? 6.668   9.902   9.431   1.00 29.68 ? 7   C   A N4    1 
ATOM   105  C  C5    . C   A 1 7  ? 7.929   7.865   9.287   1.00 26.86 ? 7   C   A C5    1 
ATOM   106  C  C6    . C   A 1 7  ? 8.135   6.643   9.790   1.00 27.52 ? 7   C   A C6    1 
ATOM   107  P  P     . C   A 1 8  ? 5.202   1.781   8.702   1.00 32.59 ? 8   C   A P     1 
ATOM   108  O  OP1   . C   A 1 8  ? 4.959   0.319   8.751   1.00 33.01 ? 8   C   A OP1   1 
ATOM   109  O  OP2   . C   A 1 8  ? 5.238   2.474   7.389   1.00 32.18 ? 8   C   A OP2   1 
ATOM   110  O  "O5'" . C   A 1 8  ? 4.128   2.546   9.607   1.00 29.63 ? 8   C   A "O5'" 1 
ATOM   111  C  "C5'" . C   A 1 8  ? 3.717   2.033   10.869  1.00 28.86 ? 8   C   A "C5'" 1 
ATOM   112  C  "C4'" . C   A 1 8  ? 2.557   2.842   11.414  1.00 29.23 ? 8   C   A "C4'" 1 
ATOM   113  O  "O4'" . C   A 1 8  ? 2.965   4.206   11.677  1.00 30.60 ? 8   C   A "O4'" 1 
ATOM   114  C  "C3'" . C   A 1 8  ? 1.357   3.037   10.504  1.00 30.15 ? 8   C   A "C3'" 1 
ATOM   115  O  "O3'" . C   A 1 8  ? 0.519   1.894   10.492  1.00 31.39 ? 8   C   A "O3'" 1 
ATOM   116  C  "C2'" . C   A 1 8  ? 0.643   4.193   11.185  1.00 30.50 ? 8   C   A "C2'" 1 
ATOM   117  O  "O2'" . C   A 1 8  ? -0.119  3.787   12.299  1.00 30.67 ? 8   C   A "O2'" 1 
ATOM   118  C  "C1'" . C   A 1 8  ? 1.822   5.052   11.641  1.00 30.19 ? 8   C   A "C1'" 1 
ATOM   119  N  N1    . C   A 1 8  ? 2.074   6.169   10.713  1.00 28.49 ? 8   C   A N1    1 
ATOM   120  C  C2    . C   A 1 8  ? 1.225   7.283   10.767  1.00 30.76 ? 8   C   A C2    1 
ATOM   121  O  O2    . C   A 1 8  ? 0.292   7.289   11.592  1.00 31.38 ? 8   C   A O2    1 
ATOM   122  N  N3    . C   A 1 8  ? 1.441   8.326   9.926   1.00 30.87 ? 8   C   A N3    1 
ATOM   123  C  C4    . C   A 1 8  ? 2.457   8.282   9.063   1.00 31.49 ? 8   C   A C4    1 
ATOM   124  N  N4    . C   A 1 8  ? 2.649   9.341   8.267   1.00 31.11 ? 8   C   A N4    1 
ATOM   125  C  C5    . C   A 1 8  ? 3.329   7.152   8.981   1.00 31.84 ? 8   C   A C5    1 
ATOM   126  C  C6    . C   A 1 8  ? 3.102   6.128   9.818   1.00 27.54 ? 8   C   A C6    1 
ATOM   127  P  P     . C   A 1 9  ? -0.339  1.560   9.181   1.00 30.45 ? 9   C   A P     1 
ATOM   128  O  OP1   . C   A 1 9  ? -1.095  0.317   9.470   1.00 35.07 ? 9   C   A OP1   1 
ATOM   129  O  OP2   . C   A 1 9  ? 0.556   1.612   7.997   1.00 30.10 ? 9   C   A OP2   1 
ATOM   130  O  "O5'" . C   A 1 9  ? -1.371  2.769   9.072   1.00 32.38 ? 9   C   A "O5'" 1 
ATOM   131  C  "C5'" . C   A 1 9  ? -2.412  2.937   10.031  1.00 32.54 ? 9   C   A "C5'" 1 
ATOM   132  C  "C4'" . C   A 1 9  ? -3.250  4.149   9.683   1.00 31.64 ? 9   C   A "C4'" 1 
ATOM   133  O  "O4'" . C   A 1 9  ? -2.470  5.365   9.848   1.00 32.85 ? 9   C   A "O4'" 1 
ATOM   134  C  "C3'" . C   A 1 9  ? -3.722  4.218   8.243   1.00 32.35 ? 9   C   A "C3'" 1 
ATOM   135  O  "O3'" . C   A 1 9  ? -4.875  3.418   8.044   1.00 32.78 ? 9   C   A "O3'" 1 
ATOM   136  C  "C2'" . C   A 1 9  ? -4.011  5.704   8.088   1.00 33.03 ? 9   C   A "C2'" 1 
ATOM   137  O  "O2'" . C   A 1 9  ? -5.227  6.103   8.695   1.00 34.74 ? 9   C   A "O2'" 1 
ATOM   138  C  "C1'" . C   A 1 9  ? -2.823  6.303   8.838   1.00 32.93 ? 9   C   A "C1'" 1 
ATOM   139  N  N1    . C   A 1 9  ? -1.651  6.509   7.976   1.00 32.54 ? 9   C   A N1    1 
ATOM   140  C  C2    . C   A 1 9  ? -1.620  7.625   7.128   1.00 33.88 ? 9   C   A C2    1 
ATOM   141  O  O2    . C   A 1 9  ? -2.599  8.386   7.099   1.00 33.56 ? 9   C   A O2    1 
ATOM   142  N  N3    . C   A 1 9  ? -0.524  7.841   6.361   1.00 33.60 ? 9   C   A N3    1 
ATOM   143  C  C4    . C   A 1 9  ? 0.503   6.986   6.410   1.00 31.93 ? 9   C   A C4    1 
ATOM   144  N  N4    . C   A 1 9  ? 1.574   7.245   5.654   1.00 32.15 ? 9   C   A N4    1 
ATOM   145  C  C5    . C   A 1 9  ? 0.482   5.833   7.241   1.00 29.26 ? 9   C   A C5    1 
ATOM   146  C  C6    . C   A 1 9  ? -0.602  5.636   8.002   1.00 29.97 ? 9   C   A C6    1 
ATOM   147  P  P     . G   A 1 10 ? -5.133  2.746   6.616   1.00 30.52 ? 10  G   A P     1 
ATOM   148  O  OP1   . G   A 1 10 ? -6.281  1.824   6.779   1.00 34.54 ? 10  G   A OP1   1 
ATOM   149  O  OP2   . G   A 1 10 ? -3.851  2.235   6.073   1.00 33.26 ? 10  G   A OP2   1 
ATOM   150  O  "O5'" . G   A 1 10 ? -5.589  3.962   5.700   1.00 30.97 ? 10  G   A "O5'" 1 
ATOM   151  C  "C5'" . G   A 1 10 ? -6.742  4.730   6.021   1.00 29.24 ? 10  G   A "C5'" 1 
ATOM   152  C  "C4'" . G   A 1 10 ? -6.879  5.879   5.055   1.00 28.59 ? 10  G   A "C4'" 1 
ATOM   153  O  "O4'" . G   A 1 10 ? -5.740  6.777   5.205   1.00 29.50 ? 10  G   A "O4'" 1 
ATOM   154  C  "C3'" . G   A 1 10 ? -6.845  5.494   3.586   1.00 28.67 ? 10  G   A "C3'" 1 
ATOM   155  O  "O3'" . G   A 1 10 ? -8.125  5.028   3.153   1.00 28.97 ? 10  G   A "O3'" 1 
ATOM   156  C  "C2'" . G   A 1 10 ? -6.433  6.809   2.929   1.00 29.36 ? 10  G   A "C2'" 1 
ATOM   157  O  "O2'" . G   A 1 10 ? -7.502  7.725   2.793   1.00 29.88 ? 10  G   A "O2'" 1 
ATOM   158  C  "C1'" . G   A 1 10 ? -5.434  7.363   3.950   1.00 29.39 ? 10  G   A "C1'" 1 
ATOM   159  N  N9    . G   A 1 10 ? -4.033  7.091   3.637   1.00 29.20 ? 10  G   A N9    1 
ATOM   160  C  C8    . G   A 1 10 ? -3.192  6.213   4.283   1.00 29.84 ? 10  G   A C8    1 
ATOM   161  N  N7    . G   A 1 10 ? -1.978  6.211   3.794   1.00 27.81 ? 10  G   A N7    1 
ATOM   162  C  C5    . G   A 1 10 ? -2.019  7.138   2.760   1.00 28.60 ? 10  G   A C5    1 
ATOM   163  C  C6    . G   A 1 10 ? -0.996  7.574   1.875   1.00 26.70 ? 10  G   A C6    1 
ATOM   164  O  O6    . G   A 1 10 ? 0.186   7.244   1.850   1.00 28.99 ? 10  G   A O6    1 
ATOM   165  N  N1    . G   A 1 10 ? -1.469  8.508   0.960   1.00 27.58 ? 10  G   A N1    1 
ATOM   166  C  C2    . G   A 1 10 ? -2.757  8.986   0.918   1.00 29.96 ? 10  G   A C2    1 
ATOM   167  N  N2    . G   A 1 10 ? -3.014  9.889   -0.034  1.00 30.70 ? 10  G   A N2    1 
ATOM   168  N  N3    . G   A 1 10 ? -3.720  8.606   1.753   1.00 29.61 ? 10  G   A N3    1 
ATOM   169  C  C4    . G   A 1 10 ? -3.283  7.683   2.640   1.00 30.27 ? 10  G   A C4    1 
HETATM 170  P  P     . 5BU A 1 11 ? -8.236  4.067   1.860   1.00 29.63 ? 11  5BU A P     1 
HETATM 171  O  OP1   . 5BU A 1 11 ? -9.661  3.673   1.754   1.00 32.56 ? 11  5BU A OP1   1 
HETATM 172  O  OP2   . 5BU A 1 11 ? -7.188  3.018   1.906   1.00 29.23 ? 11  5BU A OP2   1 
HETATM 173  O  "O5'" . 5BU A 1 11 ? -7.885  5.018   0.628   1.00 32.15 ? 11  5BU A "O5'" 1 
HETATM 174  C  "C5'" . 5BU A 1 11 ? -8.832  5.957   0.127   1.00 29.20 ? 11  5BU A "C5'" 1 
HETATM 175  C  "C4'" . 5BU A 1 11 ? -8.250  6.706   -1.052  1.00 31.66 ? 11  5BU A "C4'" 1 
HETATM 176  O  "O4'" . 5BU A 1 11 ? -7.090  7.483   -0.631  1.00 31.71 ? 11  5BU A "O4'" 1 
HETATM 177  C  "C3'" . 5BU A 1 11 ? -7.696  5.858   -2.184  1.00 32.96 ? 11  5BU A "C3'" 1 
HETATM 178  O  "O3'" . 5BU A 1 11 ? -8.717  5.312   -3.014  1.00 33.32 ? 11  5BU A "O3'" 1 
HETATM 179  C  "C2'" . 5BU A 1 11 ? -6.803  6.868   -2.896  1.00 32.24 ? 11  5BU A "C2'" 1 
HETATM 180  O  "O2'" . 5BU A 1 11 ? -7.541  7.832   -3.609  1.00 32.13 ? 11  5BU A "O2'" 1 
HETATM 181  C  "C1'" . 5BU A 1 11 ? -6.158  7.570   -1.704  1.00 32.23 ? 11  5BU A "C1'" 1 
HETATM 182  N  N1    . 5BU A 1 11 ? -4.885  6.953   -1.295  1.00 33.15 ? 11  5BU A N1    1 
HETATM 183  C  C2    . 5BU A 1 11 ? -3.754  7.292   -2.021  1.00 35.54 ? 11  5BU A C2    1 
HETATM 184  O  O2    . 5BU A 1 11 ? -3.783  8.073   -2.956  1.00 34.88 ? 11  5BU A O2    1 
HETATM 185  N  N3    . 5BU A 1 11 ? -2.591  6.681   -1.612  1.00 35.80 ? 11  5BU A N3    1 
HETATM 186  C  C4    . 5BU A 1 11 ? -2.445  5.782   -0.568  1.00 37.22 ? 11  5BU A C4    1 
HETATM 187  O  O4    . 5BU A 1 11 ? -1.331  5.302   -0.325  1.00 33.84 ? 11  5BU A O4    1 
HETATM 188  C  C5    . 5BU A 1 11 ? -3.661  5.485   0.137   1.00 37.75 ? 11  5BU A C5    1 
HETATM 189  C  C6    . 5BU A 1 11 ? -4.811  6.069   -0.244  1.00 34.46 ? 11  5BU A C6    1 
HETATM 190  BR BR    . 5BU A 1 11 ? -3.683  4.075   1.470   1.00 39.84 ? 11  5BU A BR    1 
ATOM   191  P  P     . C   A 1 12 ? -8.518  3.845   -3.655  1.00 34.22 ? 12  C   A P     1 
ATOM   192  O  OP1   . C   A 1 12 ? -9.785  3.469   -4.330  1.00 37.32 ? 12  C   A OP1   1 
ATOM   193  O  OP2   . C   A 1 12 ? -7.967  2.954   -2.605  1.00 35.50 ? 12  C   A OP2   1 
ATOM   194  O  "O5'" . C   A 1 12 ? -7.397  4.070   -4.768  1.00 33.15 ? 12  C   A "O5'" 1 
ATOM   195  C  "C5'" . C   A 1 12 ? -7.617  4.976   -5.852  1.00 31.93 ? 12  C   A "C5'" 1 
ATOM   196  C  "C4'" . C   A 1 12 ? -6.311  5.352   -6.504  1.00 30.33 ? 12  C   A "C4'" 1 
ATOM   197  O  "O4'" . C   A 1 12 ? -5.397  5.850   -5.496  1.00 33.48 ? 12  C   A "O4'" 1 
ATOM   198  C  "C3'" . C   A 1 12 ? -5.534  4.223   -7.151  1.00 32.45 ? 12  C   A "C3'" 1 
ATOM   199  O  "O3'" . C   A 1 12 ? -6.045  3.986   -8.458  1.00 35.34 ? 12  C   A "O3'" 1 
ATOM   200  C  "C2'" . C   A 1 12 ? -4.123  4.801   -7.210  1.00 33.07 ? 12  C   A "C2'" 1 
ATOM   201  O  "O2'" . C   A 1 12 ? -3.913  5.662   -8.315  1.00 34.10 ? 12  C   A "O2'" 1 
ATOM   202  C  "C1'" . C   A 1 12 ? -4.058  5.602   -5.906  1.00 32.06 ? 12  C   A "C1'" 1 
ATOM   203  N  N1    . C   A 1 12 ? -3.361  4.868   -4.838  1.00 30.07 ? 12  C   A N1    1 
ATOM   204  C  C2    . C   A 1 12 ? -1.957  4.816   -4.860  1.00 29.90 ? 12  C   A C2    1 
ATOM   205  O  O2    . C   A 1 12 ? -1.343  5.442   -5.736  1.00 27.80 ? 12  C   A O2    1 
ATOM   206  N  N3    . C   A 1 12 ? -1.307  4.084   -3.924  1.00 30.04 ? 12  C   A N3    1 
ATOM   207  C  C4    . C   A 1 12 ? -1.999  3.431   -2.984  1.00 30.20 ? 12  C   A C4    1 
ATOM   208  N  N4    . C   A 1 12 ? -1.313  2.700   -2.100  1.00 26.21 ? 12  C   A N4    1 
ATOM   209  C  C5    . C   A 1 12 ? -3.429  3.496   -2.916  1.00 30.14 ? 12  C   A C5    1 
ATOM   210  C  C6    . C   A 1 12 ? -4.061  4.222   -3.854  1.00 30.81 ? 12  C   A C6    1 
ATOM   211  P  P     . G   A 1 13 ? -5.887  2.531   -9.125  1.00 35.67 ? 13  G   A P     1 
ATOM   212  O  OP1   . G   A 1 13 ? -6.787  2.485   -10.302 1.00 37.55 ? 13  G   A OP1   1 
ATOM   213  O  OP2   . G   A 1 13 ? -6.022  1.516   -8.055  1.00 35.42 ? 13  G   A OP2   1 
ATOM   214  O  "O5'" . G   A 1 13 ? -4.385  2.504   -9.652  1.00 35.90 ? 13  G   A "O5'" 1 
ATOM   215  C  "C5'" . G   A 1 13 ? -3.983  3.309   -10.752 1.00 35.76 ? 13  G   A "C5'" 1 
ATOM   216  C  "C4'" . G   A 1 13 ? -2.486  3.229   -10.941 1.00 36.41 ? 13  G   A "C4'" 1 
ATOM   217  O  "O4'" . G   A 1 13 ? -1.814  3.745   -9.759  1.00 36.55 ? 13  G   A "O4'" 1 
ATOM   218  C  "C3'" . G   A 1 13 ? -1.904  1.832   -11.082 1.00 37.28 ? 13  G   A "C3'" 1 
ATOM   219  O  "O3'" . G   A 1 13 ? -2.085  1.297   -12.385 1.00 39.80 ? 13  G   A "O3'" 1 
ATOM   220  C  "C2'" . G   A 1 13 ? -0.441  2.067   -10.729 1.00 35.21 ? 13  G   A "C2'" 1 
ATOM   221  O  "O2'" . G   A 1 13 ? 0.337   2.643   -11.761 1.00 36.26 ? 13  G   A "O2'" 1 
ATOM   222  C  "C1'" . G   A 1 13 ? -0.583  3.059   -9.578  1.00 34.03 ? 13  G   A "C1'" 1 
ATOM   223  N  N9    . G   A 1 13 ? -0.615  2.394   -8.282  1.00 33.19 ? 13  G   A N9    1 
ATOM   224  C  C8    . G   A 1 13 ? -1.716  2.122   -7.506  1.00 31.29 ? 13  G   A C8    1 
ATOM   225  N  N7    . G   A 1 13 ? -1.415  1.544   -6.376  1.00 29.39 ? 13  G   A N7    1 
ATOM   226  C  C5    . G   A 1 13 ? -0.029  1.423   -6.411  1.00 29.60 ? 13  G   A C5    1 
ATOM   227  C  C6    . G   A 1 13 ? 0.871   0.883   -5.459  1.00 25.97 ? 13  G   A C6    1 
ATOM   228  O  O6    . G   A 1 13 ? 0.617   0.405   -4.358  1.00 25.36 ? 13  G   A O6    1 
ATOM   229  N  N1    . G   A 1 13 ? 2.192   0.944   -5.904  1.00 25.18 ? 13  G   A N1    1 
ATOM   230  C  C2    . G   A 1 13 ? 2.592   1.460   -7.112  1.00 28.11 ? 13  G   A C2    1 
ATOM   231  N  N2    . G   A 1 13 ? 3.908   1.421   -7.370  1.00 27.73 ? 13  G   A N2    1 
ATOM   232  N  N3    . G   A 1 13 ? 1.762   1.973   -8.007  1.00 28.75 ? 13  G   A N3    1 
ATOM   233  C  C4    . G   A 1 13 ? 0.476   1.926   -7.590  1.00 31.20 ? 13  G   A C4    1 
ATOM   234  P  P     . A   A 1 14 ? -2.275  -0.285  -12.563 1.00 40.26 ? 14  A   A P     1 
ATOM   235  O  OP1   . A   A 1 14 ? -2.733  -0.536  -13.952 1.00 42.27 ? 14  A   A OP1   1 
ATOM   236  O  OP2   . A   A 1 14 ? -3.091  -0.767  -11.425 1.00 40.27 ? 14  A   A OP2   1 
ATOM   237  O  "O5'" . A   A 1 14 ? -0.804  -0.869  -12.390 1.00 40.32 ? 14  A   A "O5'" 1 
ATOM   238  C  "C5'" . A   A 1 14 ? 0.237   -0.510  -13.290 1.00 39.80 ? 14  A   A "C5'" 1 
ATOM   239  C  "C4'" . A   A 1 14 ? 1.577   -0.911  -12.722 1.00 39.65 ? 14  A   A "C4'" 1 
ATOM   240  O  "O4'" . A   A 1 14 ? 1.790   -0.227  -11.454 1.00 39.58 ? 14  A   A "O4'" 1 
ATOM   241  C  "C3'" . A   A 1 14 ? 1.733   -2.371  -12.332 1.00 38.84 ? 14  A   A "C3'" 1 
ATOM   242  O  "O3'" . A   A 1 14 ? 1.975   -3.219  -13.448 1.00 40.48 ? 14  A   A "O3'" 1 
ATOM   243  C  "C2'" . A   A 1 14 ? 2.931   -2.298  -11.401 1.00 38.34 ? 14  A   A "C2'" 1 
ATOM   244  O  "O2'" . A   A 1 14 ? 4.156   -2.143  -12.087 1.00 39.04 ? 14  A   A "O2'" 1 
ATOM   245  C  "C1'" . A   A 1 14 ? 2.593   -1.038  -10.604 1.00 36.70 ? 14  A   A "C1'" 1 
ATOM   246  N  N9    . A   A 1 14 ? 1.817   -1.352  -9.406  1.00 35.04 ? 14  A   A N9    1 
ATOM   247  C  C8    . A   A 1 14 ? 0.459   -1.254  -9.234  1.00 33.36 ? 14  A   A C8    1 
ATOM   248  N  N7    . A   A 1 14 ? 0.047   -1.631  -8.049  1.00 30.75 ? 14  A   A N7    1 
ATOM   249  C  C5    . A   A 1 14 ? 1.211   -1.994  -7.392  1.00 30.45 ? 14  A   A C5    1 
ATOM   250  C  C6    . A   A 1 14 ? 1.450   -2.488  -6.103  1.00 30.11 ? 14  A   A C6    1 
ATOM   251  N  N6    . A   A 1 14 ? 0.483   -2.686  -5.201  1.00 28.39 ? 14  A   A N6    1 
ATOM   252  N  N1    . A   A 1 14 ? 2.729   -2.768  -5.764  1.00 29.89 ? 14  A   A N1    1 
ATOM   253  C  C2    . A   A 1 14 ? 3.694   -2.546  -6.666  1.00 29.21 ? 14  A   A C2    1 
ATOM   254  N  N3    . A   A 1 14 ? 3.593   -2.078  -7.908  1.00 30.60 ? 14  A   A N3    1 
ATOM   255  C  C4    . A   A 1 14 ? 2.311   -1.823  -8.215  1.00 31.49 ? 14  A   A C4    1 
ATOM   256  P  P     . C   A 1 15 ? 1.471   -4.747  -13.403 1.00 38.68 ? 15  C   A P     1 
ATOM   257  O  OP1   . C   A 1 15 ? 1.714   -5.329  -14.749 1.00 42.14 ? 15  C   A OP1   1 
ATOM   258  O  OP2   . C   A 1 15 ? 0.103   -4.780  -12.825 1.00 39.52 ? 15  C   A OP2   1 
ATOM   259  O  "O5'" . C   A 1 15 ? 2.428   -5.444  -12.339 1.00 36.76 ? 15  C   A "O5'" 1 
ATOM   260  C  "C5'" . C   A 1 15 ? 3.838   -5.403  -12.473 1.00 32.77 ? 15  C   A "C5'" 1 
ATOM   261  C  "C4'" . C   A 1 15 ? 4.491   -5.886  -11.199 1.00 33.62 ? 15  C   A "C4'" 1 
ATOM   262  O  "O4'" . C   A 1 15 ? 4.189   -4.981  -10.100 1.00 33.36 ? 15  C   A "O4'" 1 
ATOM   263  C  "C3'" . C   A 1 15 ? 4.033   -7.229  -10.650 1.00 33.82 ? 15  C   A "C3'" 1 
ATOM   264  O  "O3'" . C   A 1 15 ? 4.607   -8.309  -11.374 1.00 34.44 ? 15  C   A "O3'" 1 
ATOM   265  C  "C2'" . C   A 1 15 ? 4.574   -7.147  -9.231  1.00 33.21 ? 15  C   A "C2'" 1 
ATOM   266  O  "O2'" . C   A 1 15 ? 5.980   -7.291  -9.207  1.00 32.57 ? 15  C   A "O2'" 1 
ATOM   267  C  "C1'" . C   A 1 15 ? 4.213   -5.704  -8.872  1.00 32.31 ? 15  C   A "C1'" 1 
ATOM   268  N  N1    . C   A 1 15 ? 2.887   -5.602  -8.242  1.00 31.67 ? 15  C   A N1    1 
ATOM   269  C  C2    . C   A 1 15 ? 2.761   -5.928  -6.891  1.00 29.95 ? 15  C   A C2    1 
ATOM   270  O  O2    . C   A 1 15 ? 3.778   -6.244  -6.257  1.00 33.04 ? 15  C   A O2    1 
ATOM   271  N  N3    . C   A 1 15 ? 1.544   -5.888  -6.308  1.00 28.57 ? 15  C   A N3    1 
ATOM   272  C  C4    . C   A 1 15 ? 0.477   -5.517  -7.020  1.00 29.67 ? 15  C   A C4    1 
ATOM   273  N  N4    . C   A 1 15 ? -0.705  -5.485  -6.402  1.00 25.27 ? 15  C   A N4    1 
ATOM   274  C  C5    . C   A 1 15 ? 0.579   -5.159  -8.402  1.00 28.46 ? 15  C   A C5    1 
ATOM   275  C  C6    . C   A 1 15 ? 1.791   -5.213  -8.964  1.00 28.84 ? 15  C   A C6    1 
ATOM   276  P  P     . G   A 1 16 ? 3.848   -9.729  -11.429 1.00 35.41 ? 16  G   A P     1 
ATOM   277  O  OP1   . G   A 1 16 ? 4.545   -10.548 -12.452 1.00 35.92 ? 16  G   A OP1   1 
ATOM   278  O  OP2   . G   A 1 16 ? 2.389   -9.506  -11.549 1.00 36.80 ? 16  G   A OP2   1 
ATOM   279  O  "O5'" . G   A 1 16 ? 4.136   -10.358 -9.994  1.00 35.12 ? 16  G   A "O5'" 1 
ATOM   280  C  "C5'" . G   A 1 16 ? 5.470   -10.506 -9.517  1.00 31.75 ? 16  G   A "C5'" 1 
ATOM   281  C  "C4'" . G   A 1 16 ? 5.461   -11.128 -8.145  1.00 32.92 ? 16  G   A "C4'" 1 
ATOM   282  O  "O4'" . G   A 1 16 ? 5.011   -10.182 -7.141  1.00 32.71 ? 16  G   A "O4'" 1 
ATOM   283  C  "C3'" . G   A 1 16 ? 4.515   -12.301 -7.991  1.00 32.37 ? 16  G   A "C3'" 1 
ATOM   284  O  "O3'" . G   A 1 16 ? 5.118   -13.464 -8.521  1.00 34.72 ? 16  G   A "O3'" 1 
ATOM   285  C  "C2'" . G   A 1 16 ? 4.324   -12.364 -6.482  1.00 32.84 ? 16  G   A "C2'" 1 
ATOM   286  O  "O2'" . G   A 1 16 ? 5.366   -13.049 -5.820  1.00 35.84 ? 16  G   A "O2'" 1 
ATOM   287  C  "C1'" . G   A 1 16 ? 4.328   -10.877 -6.108  1.00 32.43 ? 16  G   A "C1'" 1 
ATOM   288  N  N9    . G   A 1 16 ? 2.983   -10.319 -6.015  1.00 30.35 ? 16  G   A N9    1 
ATOM   289  C  C8    . G   A 1 16 ? 2.269   -9.724  -7.024  1.00 30.99 ? 16  G   A C8    1 
ATOM   290  N  N7    . G   A 1 16 ? 1.083   -9.327  -6.650  1.00 30.40 ? 16  G   A N7    1 
ATOM   291  C  C5    . G   A 1 16 ? 1.014   -9.671  -5.311  1.00 28.65 ? 16  G   A C5    1 
ATOM   292  C  C6    . G   A 1 16 ? -0.028  -9.489  -4.378  1.00 29.19 ? 16  G   A C6    1 
ATOM   293  O  O6    . G   A 1 16 ? -1.124  -8.938  -4.548  1.00 31.74 ? 16  G   A O6    1 
ATOM   294  N  N1    . G   A 1 16 ? 0.302   -10.017 -3.136  1.00 27.69 ? 16  G   A N1    1 
ATOM   295  C  C2    . G   A 1 16 ? 1.494   -10.625 -2.830  1.00 28.55 ? 16  G   A C2    1 
ATOM   296  N  N2    . G   A 1 16 ? 1.617   -11.080 -1.582  1.00 27.72 ? 16  G   A N2    1 
ATOM   297  N  N3    . G   A 1 16 ? 2.486   -10.778 -3.686  1.00 28.08 ? 16  G   A N3    1 
ATOM   298  C  C4    . G   A 1 16 ? 2.178   -10.287 -4.902  1.00 29.91 ? 16  G   A C4    1 
ATOM   299  P  P     . A   A 1 17 ? 4.228   -14.770 -8.771  1.00 35.30 ? 17  A   A P     1 
ATOM   300  O  OP1   . A   A 1 17 ? 4.905   -15.629 -9.769  1.00 36.91 ? 17  A   A OP1   1 
ATOM   301  O  OP2   . A   A 1 17 ? 2.836   -14.320 -9.026  1.00 35.28 ? 17  A   A OP2   1 
ATOM   302  O  "O5'" . A   A 1 17 ? 4.330   -15.501 -7.360  1.00 36.55 ? 17  A   A "O5'" 1 
ATOM   303  C  "C5'" . A   A 1 17 ? 3.217   -16.166 -6.807  1.00 35.22 ? 17  A   A "C5'" 1 
ATOM   304  C  "C4'" . A   A 1 17 ? 3.102   -17.544 -7.396  1.00 33.51 ? 17  A   A "C4'" 1 
ATOM   305  O  "O4'" . A   A 1 17 ? 4.235   -18.358 -7.037  1.00 32.29 ? 17  A   A "O4'" 1 
ATOM   306  C  "C3'" . A   A 1 17 ? 1.926   -18.329 -6.871  1.00 32.63 ? 17  A   A "C3'" 1 
ATOM   307  O  "O3'" . A   A 1 17 ? 0.817   -17.926 -7.638  1.00 31.19 ? 17  A   A "O3'" 1 
ATOM   308  C  "C2'" . A   A 1 17 ? 2.319   -19.775 -7.158  1.00 32.61 ? 17  A   A "C2'" 1 
ATOM   309  O  "O2'" . A   A 1 17 ? 1.898   -20.209 -8.436  1.00 32.82 ? 17  A   A "O2'" 1 
ATOM   310  C  "C1'" . A   A 1 17 ? 3.848   -19.717 -7.058  1.00 32.43 ? 17  A   A "C1'" 1 
ATOM   311  N  N9    . A   A 1 17 ? 4.391   -20.349 -5.859  1.00 32.73 ? 17  A   A N9    1 
ATOM   312  C  C8    . A   A 1 17 ? 4.783   -19.751 -4.686  1.00 30.34 ? 17  A   A C8    1 
ATOM   313  N  N7    . A   A 1 17 ? 5.292   -20.588 -3.812  1.00 31.99 ? 17  A   A N7    1 
ATOM   314  C  C5    . A   A 1 17 ? 5.217   -21.820 -4.450  1.00 33.67 ? 17  A   A C5    1 
ATOM   315  C  C6    . A   A 1 17 ? 5.603   -23.119 -4.064  1.00 34.23 ? 17  A   A C6    1 
ATOM   316  N  N6    . A   A 1 17 ? 6.187   -23.408 -2.899  1.00 33.21 ? 17  A   A N6    1 
ATOM   317  N  N1    . A   A 1 17 ? 5.370   -24.124 -4.933  1.00 34.86 ? 17  A   A N1    1 
ATOM   318  C  C2    . A   A 1 17 ? 4.797   -23.837 -6.107  1.00 34.35 ? 17  A   A C2    1 
ATOM   319  N  N3    . A   A 1 17 ? 4.402   -22.663 -6.586  1.00 31.57 ? 17  A   A N3    1 
ATOM   320  C  C4    . A   A 1 17 ? 4.644   -21.687 -5.703  1.00 31.69 ? 17  A   A C4    1 
ATOM   321  P  P     . A   A 1 18 ? -0.494  -17.423 -6.896  1.00 28.27 ? 18  A   A P     1 
ATOM   322  O  OP1   . A   A 1 18 ? -1.285  -16.620 -7.865  1.00 30.68 ? 18  A   A OP1   1 
ATOM   323  O  OP2   . A   A 1 18 ? -0.090  -16.828 -5.600  1.00 26.50 ? 18  A   A OP2   1 
ATOM   324  O  "O5'" . A   A 1 18 ? -1.269  -18.774 -6.618  1.00 27.84 ? 18  A   A "O5'" 1 
ATOM   325  C  "C5'" . A   A 1 18 ? -1.553  -19.668 -7.682  1.00 28.23 ? 18  A   A "C5'" 1 
ATOM   326  C  "C4'" . A   A 1 18 ? -1.789  -21.036 -7.121  1.00 28.12 ? 18  A   A "C4'" 1 
ATOM   327  O  "O4'" . A   A 1 18 ? -0.524  -21.528 -6.615  1.00 26.83 ? 18  A   A "O4'" 1 
ATOM   328  C  "C3'" . A   A 1 18 ? -2.740  -21.018 -5.933  1.00 28.19 ? 18  A   A "C3'" 1 
ATOM   329  O  "O3'" . A   A 1 18 ? -4.057  -21.297 -6.403  1.00 31.14 ? 18  A   A "O3'" 1 
ATOM   330  C  "C2'" . A   A 1 18 ? -2.222  -22.164 -5.066  1.00 27.42 ? 18  A   A "C2'" 1 
ATOM   331  O  "O2'" . A   A 1 18 ? -2.776  -23.405 -5.442  1.00 29.91 ? 18  A   A "O2'" 1 
ATOM   332  C  "C1'" . A   A 1 18 ? -0.719  -22.161 -5.369  1.00 26.23 ? 18  A   A "C1'" 1 
ATOM   333  N  N9    . A   A 1 18 ? 0.101   -21.484 -4.364  1.00 24.85 ? 18  A   A N9    1 
ATOM   334  C  C8    . A   A 1 18 ? 0.001   -20.189 -3.901  1.00 25.41 ? 18  A   A C8    1 
ATOM   335  N  N7    . A   A 1 18 ? 0.859   -19.900 -2.947  1.00 24.55 ? 18  A   A N7    1 
ATOM   336  C  C5    . A   A 1 18 ? 1.574   -21.079 -2.776  1.00 23.72 ? 18  A   A C5    1 
ATOM   337  C  C6    . A   A 1 18 ? 2.617   -21.441 -1.892  1.00 23.34 ? 18  A   A C6    1 
ATOM   338  N  N6    . A   A 1 18 ? 3.126   -20.626 -0.968  1.00 19.79 ? 18  A   A N6    1 
ATOM   339  N  N1    . A   A 1 18 ? 3.116   -22.690 -1.990  1.00 23.82 ? 18  A   A N1    1 
ATOM   340  C  C2    . A   A 1 18 ? 2.593   -23.521 -2.903  1.00 26.08 ? 18  A   A C2    1 
ATOM   341  N  N3    . A   A 1 18 ? 1.605   -23.304 -3.777  1.00 25.66 ? 18  A   A N3    1 
ATOM   342  C  C4    . A   A 1 18 ? 1.133   -22.053 -3.658  1.00 23.48 ? 18  A   A C4    1 
ATOM   343  P  P     . G   A 1 19 ? -5.161  -20.122 -6.476  1.00 29.74 ? 19  G   A P     1 
ATOM   344  O  OP1   . G   A 1 19 ? -6.309  -20.684 -7.230  1.00 29.23 ? 19  G   A OP1   1 
ATOM   345  O  OP2   . G   A 1 19 ? -4.487  -18.888 -6.971  1.00 31.08 ? 19  G   A OP2   1 
ATOM   346  O  "O5'" . G   A 1 19 ? -5.611  -19.867 -4.970  1.00 29.42 ? 19  G   A "O5'" 1 
ATOM   347  C  "C5'" . G   A 1 19 ? -5.841  -20.949 -4.069  1.00 30.13 ? 19  G   A "C5'" 1 
ATOM   348  C  "C4'" . G   A 1 19 ? -6.564  -20.460 -2.836  1.00 29.01 ? 19  G   A "C4'" 1 
ATOM   349  O  "O4'" . G   A 1 19 ? -5.768  -19.439 -2.172  1.00 32.09 ? 19  G   A "O4'" 1 
ATOM   350  C  "C3'" . G   A 1 19 ? -7.921  -19.817 -3.073  1.00 30.14 ? 19  G   A "C3'" 1 
ATOM   351  O  "O3'" . G   A 1 19 ? -8.926  -20.819 -2.999  1.00 33.63 ? 19  G   A "O3'" 1 
ATOM   352  C  "C2'" . G   A 1 19 ? -8.033  -18.859 -1.895  1.00 29.57 ? 19  G   A "C2'" 1 
ATOM   353  O  "O2'" . G   A 1 19 ? -8.443  -19.504 -0.708  1.00 29.95 ? 19  G   A "O2'" 1 
ATOM   354  C  "C1'" . G   A 1 19 ? -6.595  -18.351 -1.781  1.00 29.22 ? 19  G   A "C1'" 1 
ATOM   355  N  N9    . G   A 1 19 ? -6.326  -17.235 -2.685  1.00 28.80 ? 19  G   A N9    1 
ATOM   356  C  C8    . G   A 1 19 ? -5.421  -17.218 -3.717  1.00 27.58 ? 19  G   A C8    1 
ATOM   357  N  N7    . G   A 1 19 ? -5.467  -16.122 -4.420  1.00 27.43 ? 19  G   A N7    1 
ATOM   358  C  C5    . G   A 1 19 ? -6.449  -15.357 -3.802  1.00 28.00 ? 19  G   A C5    1 
ATOM   359  C  C6    . G   A 1 19 ? -6.971  -14.068 -4.138  1.00 28.16 ? 19  G   A C6    1 
ATOM   360  O  O6    . G   A 1 19 ? -6.678  -13.339 -5.090  1.00 25.69 ? 19  G   A O6    1 
ATOM   361  N  N1    . G   A 1 19 ? -7.947  -13.664 -3.237  1.00 27.70 ? 19  G   A N1    1 
ATOM   362  C  C2    . G   A 1 19 ? -8.382  -14.401 -2.170  1.00 27.03 ? 19  G   A C2    1 
ATOM   363  N  N2    . G   A 1 19 ? -9.334  -13.836 -1.425  1.00 28.96 ? 19  G   A N2    1 
ATOM   364  N  N3    . G   A 1 19 ? -7.922  -15.602 -1.857  1.00 27.22 ? 19  G   A N3    1 
ATOM   365  C  C4    . G   A 1 19 ? -6.965  -16.015 -2.711  1.00 25.66 ? 19  G   A C4    1 
ATOM   366  P  P     . U   A 1 20 ? -10.264 -20.675 -3.872  1.00 32.29 ? 20  U   A P     1 
ATOM   367  O  OP1   . U   A 1 20 ? -11.104 -21.859 -3.559  1.00 33.34 ? 20  U   A OP1   1 
ATOM   368  O  OP2   . U   A 1 20 ? -9.902  -20.394 -5.281  1.00 35.85 ? 20  U   A OP2   1 
ATOM   369  O  "O5'" . U   A 1 20 ? -10.952 -19.377 -3.268  1.00 34.42 ? 20  U   A "O5'" 1 
ATOM   370  C  "C5'" . U   A 1 20 ? -11.291 -19.308 -1.888  1.00 36.27 ? 20  U   A "C5'" 1 
ATOM   371  C  "C4'" . U   A 1 20 ? -12.091 -18.062 -1.616  1.00 36.22 ? 20  U   A "C4'" 1 
ATOM   372  O  "O4'" . U   A 1 20 ? -11.239 -16.888 -1.703  1.00 35.39 ? 20  U   A "O4'" 1 
ATOM   373  C  "C3'" . U   A 1 20 ? -13.230 -17.802 -2.590  1.00 36.62 ? 20  U   A "C3'" 1 
ATOM   374  O  "O3'" . U   A 1 20 ? -14.393 -18.510 -2.165  1.00 38.76 ? 20  U   A "O3'" 1 
ATOM   375  C  "C2'" . U   A 1 20 ? -13.407 -16.293 -2.462  1.00 37.73 ? 20  U   A "C2'" 1 
ATOM   376  O  "O2'" . U   A 1 20 ? -14.150 -15.928 -1.315  1.00 42.35 ? 20  U   A "O2'" 1 
ATOM   377  C  "C1'" . U   A 1 20 ? -11.956 -15.827 -2.316  1.00 35.46 ? 20  U   A "C1'" 1 
ATOM   378  N  N1    . U   A 1 20 ? -11.314 -15.533 -3.602  1.00 33.89 ? 20  U   A N1    1 
ATOM   379  C  C2    . U   A 1 20 ? -11.664 -14.365 -4.250  1.00 33.10 ? 20  U   A C2    1 
ATOM   380  O  O2    . U   A 1 20 ? -12.488 -13.588 -3.811  1.00 34.10 ? 20  U   A O2    1 
ATOM   381  N  N3    . U   A 1 20 ? -11.010 -14.145 -5.437  1.00 29.87 ? 20  U   A N3    1 
ATOM   382  C  C4    . U   A 1 20 ? -10.068 -14.961 -6.027  1.00 29.27 ? 20  U   A C4    1 
ATOM   383  O  O4    . U   A 1 20 ? -9.558  -14.625 -7.093  1.00 28.94 ? 20  U   A O4    1 
ATOM   384  C  C5    . U   A 1 20 ? -9.773  -16.152 -5.301  1.00 31.29 ? 20  U   A C5    1 
ATOM   385  C  C6    . U   A 1 20 ? -10.391 -16.392 -4.142  1.00 32.00 ? 20  U   A C6    1 
ATOM   386  P  P     . C   A 1 21 ? -15.411 -19.118 -3.254  1.00 38.54 ? 21  C   A P     1 
ATOM   387  O  OP1   . C   A 1 21 ? -16.285 -20.073 -2.527  1.00 41.39 ? 21  C   A OP1   1 
ATOM   388  O  OP2   . C   A 1 21 ? -14.653 -19.589 -4.445  1.00 37.41 ? 21  C   A OP2   1 
ATOM   389  O  "O5'" . C   A 1 21 ? -16.300 -17.865 -3.674  1.00 38.89 ? 21  C   A "O5'" 1 
ATOM   390  C  "C5'" . C   A 1 21 ? -17.060 -17.160 -2.702  1.00 38.25 ? 21  C   A "C5'" 1 
ATOM   391  C  "C4'" . C   A 1 21 ? -17.464 -15.808 -3.231  1.00 40.21 ? 21  C   A "C4'" 1 
ATOM   392  O  "O4'" . C   A 1 21 ? -16.287 -14.980 -3.419  1.00 40.34 ? 21  C   A "O4'" 1 
ATOM   393  C  "C3'" . C   A 1 21 ? -18.136 -15.784 -4.594  1.00 41.45 ? 21  C   A "C3'" 1 
ATOM   394  O  "O3'" . C   A 1 21 ? -19.515 -16.093 -4.501  1.00 44.50 ? 21  C   A "O3'" 1 
ATOM   395  C  "C2'" . C   A 1 21 ? -17.927 -14.335 -5.001  1.00 40.48 ? 21  C   A "C2'" 1 
ATOM   396  O  "O2'" . C   A 1 21 ? -18.801 -13.451 -4.332  1.00 41.62 ? 21  C   A "O2'" 1 
ATOM   397  C  "C1'" . C   A 1 21 ? -16.496 -14.108 -4.520  1.00 38.41 ? 21  C   A "C1'" 1 
ATOM   398  N  N1    . C   A 1 21 ? -15.499 -14.417 -5.551  1.00 36.61 ? 21  C   A N1    1 
ATOM   399  C  C2    . C   A 1 21 ? -15.247 -13.463 -6.541  1.00 37.08 ? 21  C   A C2    1 
ATOM   400  O  O2    . C   A 1 21 ? -15.895 -12.407 -6.525  1.00 36.49 ? 21  C   A O2    1 
ATOM   401  N  N3    . C   A 1 21 ? -14.307 -13.718 -7.482  1.00 35.09 ? 21  C   A N3    1 
ATOM   402  C  C4    . C   A 1 21 ? -13.632 -14.872 -7.454  1.00 34.15 ? 21  C   A C4    1 
ATOM   403  N  N4    . C   A 1 21 ? -12.697 -15.079 -8.387  1.00 32.41 ? 21  C   A N4    1 
ATOM   404  C  C5    . C   A 1 21 ? -13.885 -15.868 -6.465  1.00 33.22 ? 21  C   A C5    1 
ATOM   405  C  C6    . C   A 1 21 ? -14.819 -15.601 -5.544  1.00 33.26 ? 21  C   A C6    1 
ATOM   406  P  P     . G   A 1 22 ? -20.260 -16.768 -5.748  1.00 44.22 ? 22  G   A P     1 
ATOM   407  O  OP1   . G   A 1 22 ? -21.615 -17.134 -5.276  1.00 48.35 ? 22  G   A OP1   1 
ATOM   408  O  OP2   . G   A 1 22 ? -19.379 -17.816 -6.322  1.00 47.38 ? 22  G   A OP2   1 
ATOM   409  O  "O5'" . G   A 1 22 ? -20.413 -15.583 -6.802  1.00 45.61 ? 22  G   A "O5'" 1 
ATOM   410  C  "C5'" . G   A 1 22 ? -21.223 -14.445 -6.508  1.00 44.62 ? 22  G   A "C5'" 1 
ATOM   411  C  "C4'" . G   A 1 22 ? -21.022 -13.363 -7.550  1.00 45.91 ? 22  G   A "C4'" 1 
ATOM   412  O  "O4'" . G   A 1 22 ? -19.640 -12.902 -7.542  1.00 43.31 ? 22  G   A "O4'" 1 
ATOM   413  C  "C3'" . G   A 1 22 ? -21.245 -13.747 -9.005  1.00 45.86 ? 22  G   A "C3'" 1 
ATOM   414  O  "O3'" . G   A 1 22 ? -22.619 -13.765 -9.364  1.00 48.41 ? 22  G   A "O3'" 1 
ATOM   415  C  "C2'" . G   A 1 22 ? -20.529 -12.611 -9.715  1.00 45.83 ? 22  G   A "C2'" 1 
ATOM   416  O  "O2'" . G   A 1 22 ? -21.266 -11.410 -9.705  1.00 46.51 ? 22  G   A "O2'" 1 
ATOM   417  C  "C1'" . G   A 1 22 ? -19.278 -12.476 -8.848  1.00 43.53 ? 22  G   A "C1'" 1 
ATOM   418  N  N9    . G   A 1 22 ? -18.215 -13.345 -9.334  1.00 40.83 ? 22  G   A N9    1 
ATOM   419  C  C8    . G   A 1 22 ? -17.814 -14.542 -8.798  1.00 39.29 ? 22  G   A C8    1 
ATOM   420  N  N7    . G   A 1 22 ? -16.836 -15.095 -9.456  1.00 38.95 ? 22  G   A N7    1 
ATOM   421  C  C5    . G   A 1 22 ? -16.572 -14.204 -10.485 1.00 39.63 ? 22  G   A C5    1 
ATOM   422  C  C6    . G   A 1 22 ? -15.599 -14.255 -11.513 1.00 38.91 ? 22  G   A C6    1 
ATOM   423  O  O6    . G   A 1 22 ? -14.749 -15.123 -11.722 1.00 38.65 ? 22  G   A O6    1 
ATOM   424  N  N1    . G   A 1 22 ? -15.678 -13.145 -12.346 1.00 40.15 ? 22  G   A N1    1 
ATOM   425  C  C2    . G   A 1 22 ? -16.577 -12.115 -12.208 1.00 39.15 ? 22  G   A C2    1 
ATOM   426  N  N2    . G   A 1 22 ? -16.503 -11.140 -13.124 1.00 38.06 ? 22  G   A N2    1 
ATOM   427  N  N3    . G   A 1 22 ? -17.482 -12.051 -11.242 1.00 37.97 ? 22  G   A N3    1 
ATOM   428  C  C4    . G   A 1 22 ? -17.422 -13.122 -10.426 1.00 38.46 ? 22  G   A C4    1 
ATOM   429  P  P     . C   A 1 23 ? -23.110 -14.714 -10.567 1.00 50.56 ? 23  C   A P     1 
ATOM   430  O  OP1   . C   A 1 23 ? -24.550 -14.421 -10.783 1.00 52.01 ? 23  C   A OP1   1 
ATOM   431  O  OP2   . C   A 1 23 ? -22.673 -16.106 -10.290 1.00 47.69 ? 23  C   A OP2   1 
ATOM   432  O  "O5'" . C   A 1 23 ? -22.336 -14.165 -11.843 1.00 49.94 ? 23  C   A "O5'" 1 
ATOM   433  C  "C5'" . C   A 1 23 ? -22.678 -12.901 -12.394 1.00 51.31 ? 23  C   A "C5'" 1 
ATOM   434  C  "C4'" . C   A 1 23 ? -21.829 -12.611 -13.603 1.00 51.56 ? 23  C   A "C4'" 1 
ATOM   435  O  "O4'" . C   A 1 23 ? -20.431 -12.675 -13.233 1.00 49.79 ? 23  C   A "O4'" 1 
ATOM   436  C  "C3'" . C   A 1 23 ? -21.911 -13.597 -14.755 1.00 51.75 ? 23  C   A "C3'" 1 
ATOM   437  O  "O3'" . C   A 1 23 ? -23.093 -13.503 -15.561 1.00 54.35 ? 23  C   A "O3'" 1 
ATOM   438  C  "C2'" . C   A 1 23 ? -20.648 -13.251 -15.524 1.00 50.78 ? 23  C   A "C2'" 1 
ATOM   439  O  "O2'" . C   A 1 23 ? -20.805 -12.063 -16.273 1.00 53.51 ? 23  C   A "O2'" 1 
ATOM   440  C  "C1'" . C   A 1 23 ? -19.664 -13.005 -14.378 1.00 48.90 ? 23  C   A "C1'" 1 
ATOM   441  N  N1    . C   A 1 23 ? -18.842 -14.180 -14.062 1.00 46.23 ? 23  C   A N1    1 
ATOM   442  C  C2    . C   A 1 23 ? -17.744 -14.461 -14.876 1.00 45.88 ? 23  C   A C2    1 
ATOM   443  O  O2    . C   A 1 23 ? -17.503 -13.711 -15.838 1.00 46.71 ? 23  C   A O2    1 
ATOM   444  N  N3    . C   A 1 23 ? -16.976 -15.540 -14.604 1.00 43.41 ? 23  C   A N3    1 
ATOM   445  C  C4    . C   A 1 23 ? -17.272 -16.322 -13.571 1.00 42.89 ? 23  C   A C4    1 
ATOM   446  N  N4    . C   A 1 23 ? -16.488 -17.377 -13.350 1.00 43.15 ? 23  C   A N4    1 
ATOM   447  C  C5    . C   A 1 23 ? -18.387 -16.060 -12.719 1.00 44.01 ? 23  C   A C5    1 
ATOM   448  C  C6    . C   A 1 23 ? -19.139 -14.988 -13.000 1.00 44.86 ? 23  C   A C6    1 
ATOM   449  P  P     . U   B 1 2  ? -12.766 -20.415 -20.728 1.00 99.24 ? 25  U   B P     1 
ATOM   450  O  OP1   . U   B 1 2  ? -12.674 -20.549 -19.212 1.00 98.63 ? 25  U   B OP1   1 
ATOM   451  O  OP2   . U   B 1 2  ? -12.585 -18.978 -21.208 1.00 98.60 ? 25  U   B OP2   1 
ATOM   452  O  "O5'" . U   B 1 2  ? -11.522 -21.277 -21.348 1.00 97.12 ? 25  U   B "O5'" 1 
ATOM   453  C  "C5'" . U   B 1 2  ? -10.145 -20.856 -21.189 1.00 92.32 ? 25  U   B "C5'" 1 
ATOM   454  C  "C4'" . U   B 1 2  ? -9.690  -21.065 -19.762 1.00 88.32 ? 25  U   B "C4'" 1 
ATOM   455  O  "O4'" . U   B 1 2  ? -10.469 -22.119 -19.165 1.00 87.98 ? 25  U   B "O4'" 1 
ATOM   456  C  "C3'" . U   B 1 2  ? -8.245  -21.508 -19.572 1.00 85.79 ? 25  U   B "C3'" 1 
ATOM   457  O  "O3'" . U   B 1 2  ? -7.331  -20.408 -19.608 1.00 81.85 ? 25  U   B "O3'" 1 
ATOM   458  C  "C2'" . U   B 1 2  ? -8.256  -22.376 -18.304 1.00 85.97 ? 25  U   B "C2'" 1 
ATOM   459  O  "O2'" . U   B 1 2  ? -7.665  -21.813 -17.153 1.00 86.02 ? 25  U   B "O2'" 1 
ATOM   460  C  "C1'" . U   B 1 2  ? -9.747  -22.677 -18.092 1.00 86.58 ? 25  U   B "C1'" 1 
ATOM   461  N  N1    . U   B 1 2  ? -10.044 -24.114 -18.056 1.00 86.47 ? 25  U   B N1    1 
ATOM   462  C  C2    . U   B 1 2  ? -10.047 -24.741 -16.826 1.00 86.70 ? 25  U   B C2    1 
ATOM   463  O  O2    . U   B 1 2  ? -9.828  -24.148 -15.780 1.00 86.97 ? 25  U   B O2    1 
ATOM   464  N  N3    . U   B 1 2  ? -10.317 -26.087 -16.867 1.00 86.09 ? 25  U   B N3    1 
ATOM   465  C  C4    . U   B 1 2  ? -10.580 -26.848 -17.987 1.00 85.21 ? 25  U   B C4    1 
ATOM   466  O  O4    . U   B 1 2  ? -10.757 -28.061 -17.866 1.00 84.90 ? 25  U   B O4    1 
ATOM   467  C  C5    . U   B 1 2  ? -10.570 -26.121 -19.220 1.00 84.96 ? 25  U   B C5    1 
ATOM   468  C  C6    . U   B 1 2  ? -10.309 -24.812 -19.212 1.00 85.07 ? 25  U   B C6    1 
ATOM   469  P  P     . G   B 1 3  ? -7.323  -19.307 -18.426 1.00 78.60 ? 26  G   B P     1 
ATOM   470  O  OP1   . G   B 1 3  ? -5.972  -19.289 -17.805 1.00 77.98 ? 26  G   B OP1   1 
ATOM   471  O  OP2   . G   B 1 3  ? -8.520  -19.472 -17.565 1.00 78.56 ? 26  G   B OP2   1 
ATOM   472  O  "O5'" . G   B 1 3  ? -7.486  -17.938 -19.221 1.00 72.48 ? 26  G   B "O5'" 1 
ATOM   473  C  "C5'" . G   B 1 3  ? -7.869  -16.752 -18.554 1.00 62.19 ? 26  G   B "C5'" 1 
ATOM   474  C  "C4'" . G   B 1 3  ? -8.619  -15.847 -19.499 1.00 56.02 ? 26  G   B "C4'" 1 
ATOM   475  O  "O4'" . G   B 1 3  ? -9.775  -16.540 -20.039 1.00 53.52 ? 26  G   B "O4'" 1 
ATOM   476  C  "C3'" . G   B 1 3  ? -9.141  -14.583 -18.836 1.00 54.15 ? 26  G   B "C3'" 1 
ATOM   477  O  "O3'" . G   B 1 3  ? -8.262  -13.510 -19.124 1.00 52.63 ? 26  G   B "O3'" 1 
ATOM   478  C  "C2'" . G   B 1 3  ? -10.535 -14.397 -19.433 1.00 52.33 ? 26  G   B "C2'" 1 
ATOM   479  O  "O2'" . G   B 1 3  ? -10.565 -13.628 -20.615 1.00 53.54 ? 26  G   B "O2'" 1 
ATOM   480  C  "C1'" . G   B 1 3  ? -10.956 -15.841 -19.693 1.00 50.81 ? 26  G   B "C1'" 1 
ATOM   481  N  N9    . G   B 1 3  ? -11.537 -16.482 -18.516 1.00 46.66 ? 26  G   B N9    1 
ATOM   482  C  C8    . G   B 1 3  ? -11.046 -17.579 -17.850 1.00 45.95 ? 26  G   B C8    1 
ATOM   483  N  N7    . G   B 1 3  ? -11.769 -17.917 -16.817 1.00 45.94 ? 26  G   B N7    1 
ATOM   484  C  C5    . G   B 1 3  ? -12.807 -16.994 -16.806 1.00 43.61 ? 26  G   B C5    1 
ATOM   485  C  C6    . G   B 1 3  ? -13.908 -16.858 -15.920 1.00 41.91 ? 26  G   B C6    1 
ATOM   486  O  O6    . G   B 1 3  ? -14.198 -17.551 -14.935 1.00 41.32 ? 26  G   B O6    1 
ATOM   487  N  N1    . G   B 1 3  ? -14.717 -15.783 -16.272 1.00 41.14 ? 26  G   B N1    1 
ATOM   488  C  C2    . G   B 1 3  ? -14.500 -14.947 -17.336 1.00 41.40 ? 26  G   B C2    1 
ATOM   489  N  N2    . G   B 1 3  ? -15.392 -13.962 -17.501 1.00 41.63 ? 26  G   B N2    1 
ATOM   490  N  N3    . G   B 1 3  ? -13.483 -15.065 -18.174 1.00 42.94 ? 26  G   B N3    1 
ATOM   491  C  C4    . G   B 1 3  ? -12.680 -16.101 -17.850 1.00 44.49 ? 26  G   B C4    1 
ATOM   492  P  P     . C   B 1 4  ? -7.809  -12.531 -17.942 1.00 50.53 ? 27  C   B P     1 
ATOM   493  O  OP1   . C   B 1 4  ? -6.718  -11.668 -18.462 1.00 54.37 ? 27  C   B OP1   1 
ATOM   494  O  OP2   . C   B 1 4  ? -7.586  -13.349 -16.723 1.00 53.20 ? 27  C   B OP2   1 
ATOM   495  O  "O5'" . C   B 1 4  ? -9.092  -11.624 -17.702 1.00 50.88 ? 27  C   B "O5'" 1 
ATOM   496  C  "C5'" . C   B 1 4  ? -9.616  -10.827 -18.753 1.00 49.13 ? 27  C   B "C5'" 1 
ATOM   497  C  "C4'" . C   B 1 4  ? -10.953 -10.264 -18.352 1.00 46.97 ? 27  C   B "C4'" 1 
ATOM   498  O  "O4'" . C   B 1 4  ? -11.950 -11.321 -18.287 1.00 45.90 ? 27  C   B "O4'" 1 
ATOM   499  C  "C3'" . C   B 1 4  ? -11.002 -9.650  -16.969 1.00 45.65 ? 27  C   B "C3'" 1 
ATOM   500  O  "O3'" . C   B 1 4  ? -10.416 -8.357  -16.951 1.00 45.46 ? 27  C   B "O3'" 1 
ATOM   501  C  "C2'" . C   B 1 4  ? -12.500 -9.652  -16.709 1.00 43.80 ? 27  C   B "C2'" 1 
ATOM   502  O  "O2'" . C   B 1 4  ? -13.185 -8.675  -17.461 1.00 44.87 ? 27  C   B "O2'" 1 
ATOM   503  C  "C1'" . C   B 1 4  ? -12.873 -11.034 -17.246 1.00 43.65 ? 27  C   B "C1'" 1 
ATOM   504  N  N1    . C   B 1 4  ? -12.763 -12.086 -16.225 1.00 41.91 ? 27  C   B N1    1 
ATOM   505  C  C2    . C   B 1 4  ? -13.726 -12.144 -15.220 1.00 41.84 ? 27  C   B C2    1 
ATOM   506  O  O2    . C   B 1 4  ? -14.658 -11.325 -15.240 1.00 42.01 ? 27  C   B O2    1 
ATOM   507  N  N3    . C   B 1 4  ? -13.621 -13.087 -14.254 1.00 39.70 ? 27  C   B N3    1 
ATOM   508  C  C4    . C   B 1 4  ? -12.607 -13.954 -14.278 1.00 40.59 ? 27  C   B C4    1 
ATOM   509  N  N4    . C   B 1 4  ? -12.533 -14.866 -13.298 1.00 39.02 ? 27  C   B N4    1 
ATOM   510  C  C5    . C   B 1 4  ? -11.618 -13.927 -15.303 1.00 39.67 ? 27  C   B C5    1 
ATOM   511  C  C6    . C   B 1 4  ? -11.734 -12.986 -16.248 1.00 41.91 ? 27  C   B C6    1 
ATOM   512  P  P     . G   B 1 5  ? -9.530  -7.905  -15.688 1.00 45.66 ? 28  G   B P     1 
ATOM   513  O  OP1   . G   B 1 5  ? -8.809  -6.660  -16.057 1.00 46.60 ? 28  G   B OP1   1 
ATOM   514  O  OP2   . G   B 1 5  ? -8.766  -9.085  -15.214 1.00 46.04 ? 28  G   B OP2   1 
ATOM   515  O  "O5'" . G   B 1 5  ? -10.602 -7.523  -14.576 1.00 44.44 ? 28  G   B "O5'" 1 
ATOM   516  C  "C5'" . G   B 1 5  ? -11.421 -6.376  -14.735 1.00 42.93 ? 28  G   B "C5'" 1 
ATOM   517  C  "C4'" . G   B 1 5  ? -12.551 -6.398  -13.742 1.00 41.37 ? 28  G   B "C4'" 1 
ATOM   518  O  "O4'" . G   B 1 5  ? -13.380 -7.570  -13.976 1.00 41.25 ? 28  G   B "O4'" 1 
ATOM   519  C  "C3'" . G   B 1 5  ? -12.168 -6.519  -12.279 1.00 41.96 ? 28  G   B "C3'" 1 
ATOM   520  O  "O3'" . G   B 1 5  ? -11.763 -5.270  -11.728 1.00 43.63 ? 28  G   B "O3'" 1 
ATOM   521  C  "C2'" . G   B 1 5  ? -13.476 -7.011  -11.678 1.00 41.35 ? 28  G   B "C2'" 1 
ATOM   522  O  "O2'" . G   B 1 5  ? -14.453 -6.009  -11.511 1.00 42.59 ? 28  G   B "O2'" 1 
ATOM   523  C  "C1'" . G   B 1 5  ? -13.921 -8.018  -12.739 1.00 40.80 ? 28  G   B "C1'" 1 
ATOM   524  N  N9    . G   B 1 5  ? -13.351 -9.324  -12.434 1.00 38.65 ? 28  G   B N9    1 
ATOM   525  C  C8    . G   B 1 5  ? -12.312 -9.947  -13.074 1.00 37.79 ? 28  G   B C8    1 
ATOM   526  N  N7    . G   B 1 5  ? -11.978 -11.079 -12.522 1.00 36.62 ? 28  G   B N7    1 
ATOM   527  C  C5    . G   B 1 5  ? -12.862 -11.217 -11.461 1.00 36.02 ? 28  G   B C5    1 
ATOM   528  C  C6    . G   B 1 5  ? -12.970 -12.240 -10.483 1.00 35.49 ? 28  G   B C6    1 
ATOM   529  O  O6    . G   B 1 5  ? -12.271 -13.254 -10.347 1.00 32.65 ? 28  G   B O6    1 
ATOM   530  N  N1    . G   B 1 5  ? -14.010 -11.989 -9.594  1.00 36.10 ? 28  G   B N1    1 
ATOM   531  C  C2    . G   B 1 5  ? -14.839 -10.893 -9.636  1.00 36.36 ? 28  G   B C2    1 
ATOM   532  N  N2    . G   B 1 5  ? -15.795 -10.841 -8.695  1.00 33.35 ? 28  G   B N2    1 
ATOM   533  N  N3    . G   B 1 5  ? -14.739 -9.925  -10.534 1.00 36.31 ? 28  G   B N3    1 
ATOM   534  C  C4    . G   B 1 5  ? -13.732 -10.152 -11.407 1.00 37.01 ? 28  G   B C4    1 
ATOM   535  P  P     . U   B 1 6  ? -10.851 -5.239  -10.402 1.00 44.93 ? 29  U   B P     1 
ATOM   536  O  OP1   . U   B 1 6  ? -10.450 -3.835  -10.130 1.00 44.99 ? 29  U   B OP1   1 
ATOM   537  O  OP2   . U   B 1 6  ? -9.810  -6.276  -10.565 1.00 43.92 ? 29  U   B OP2   1 
ATOM   538  O  "O5'" . U   B 1 6  ? -11.851 -5.663  -9.236  1.00 43.24 ? 29  U   B "O5'" 1 
ATOM   539  C  "C5'" . U   B 1 6  ? -12.967 -4.842  -8.915  1.00 44.12 ? 29  U   B "C5'" 1 
ATOM   540  C  "C4'" . U   B 1 6  ? -13.743 -5.434  -7.765  1.00 44.62 ? 29  U   B "C4'" 1 
ATOM   541  O  "O4'" . U   B 1 6  ? -14.277 -6.734  -8.137  1.00 44.59 ? 29  U   B "O4'" 1 
ATOM   542  C  "C3'" . U   B 1 6  ? -12.952 -5.756  -6.511  1.00 44.39 ? 29  U   B "C3'" 1 
ATOM   543  O  "O3'" . U   B 1 6  ? -12.697 -4.608  -5.724  1.00 44.15 ? 29  U   B "O3'" 1 
ATOM   544  C  "C2'" . U   B 1 6  ? -13.908 -6.693  -5.798  1.00 43.03 ? 29  U   B "C2'" 1 
ATOM   545  O  "O2'" . U   B 1 6  ? -14.967 -6.013  -5.162  1.00 43.73 ? 29  U   B "O2'" 1 
ATOM   546  C  "C1'" . U   B 1 6  ? -14.408 -7.536  -6.971  1.00 42.33 ? 29  U   B "C1'" 1 
ATOM   547  N  N1    . U   B 1 6  ? -13.564 -8.726  -7.121  1.00 41.60 ? 29  U   B N1    1 
ATOM   548  C  C2    . U   B 1 6  ? -13.778 -9.758  -6.233  1.00 40.34 ? 29  U   B C2    1 
ATOM   549  O  O2    . U   B 1 6  ? -14.656 -9.725  -5.388  1.00 41.11 ? 29  U   B O2    1 
ATOM   550  N  N3    . U   B 1 6  ? -12.930 -10.826 -6.367  1.00 38.86 ? 29  U   B N3    1 
ATOM   551  C  C4    . U   B 1 6  ? -11.913 -10.965 -7.286  1.00 40.04 ? 29  U   B C4    1 
ATOM   552  O  O4    . U   B 1 6  ? -11.192 -11.957 -7.236  1.00 38.69 ? 29  U   B O4    1 
ATOM   553  C  C5    . U   B 1 6  ? -11.767 -9.862  -8.193  1.00 39.82 ? 29  U   B C5    1 
ATOM   554  C  C6    . U   B 1 6  ? -12.582 -8.806  -8.083  1.00 41.11 ? 29  U   B C6    1 
ATOM   555  P  P     . C   B 1 7  ? -11.322 -4.512  -4.911  1.00 42.79 ? 30  C   B P     1 
ATOM   556  O  OP1   . C   B 1 7  ? -11.316 -3.237  -4.161  1.00 43.78 ? 30  C   B OP1   1 
ATOM   557  O  OP2   . C   B 1 7  ? -10.240 -4.804  -5.885  1.00 39.43 ? 30  C   B OP2   1 
ATOM   558  O  "O5'" . C   B 1 7  ? -11.425 -5.683  -3.839  1.00 43.17 ? 30  C   B "O5'" 1 
ATOM   559  C  "C5'" . C   B 1 7  ? -12.432 -5.648  -2.837  1.00 45.00 ? 30  C   B "C5'" 1 
ATOM   560  C  "C4'" . C   B 1 7  ? -12.369 -6.887  -1.979  1.00 44.83 ? 30  C   B "C4'" 1 
ATOM   561  O  "O4'" . C   B 1 7  ? -12.619 -8.074  -2.784  1.00 44.05 ? 30  C   B "O4'" 1 
ATOM   562  C  "C3'" . C   B 1 7  ? -11.036 -7.192  -1.319  1.00 45.40 ? 30  C   B "C3'" 1 
ATOM   563  O  "O3'" . C   B 1 7  ? -10.820 -6.398  -0.158  1.00 47.09 ? 30  C   B "O3'" 1 
ATOM   564  C  "C2'" . C   B 1 7  ? -11.220 -8.657  -0.964  1.00 43.72 ? 30  C   B "C2'" 1 
ATOM   565  O  "O2'" . C   B 1 7  ? -12.066 -8.827  0.153   1.00 45.43 ? 30  C   B "O2'" 1 
ATOM   566  C  "C1'" . C   B 1 7  ? -11.910 -9.174  -2.227  1.00 43.03 ? 30  C   B "C1'" 1 
ATOM   567  N  N1    . C   B 1 7  ? -10.949 -9.666  -3.228  1.00 40.42 ? 30  C   B N1    1 
ATOM   568  C  C2    . C   B 1 7  ? -10.270 -10.861 -2.972  1.00 39.77 ? 30  C   B C2    1 
ATOM   569  O  O2    . C   B 1 7  ? -10.518 -11.481 -1.917  1.00 40.35 ? 30  C   B O2    1 
ATOM   570  N  N3    . C   B 1 7  ? -9.370  -11.316 -3.873  1.00 37.18 ? 30  C   B N3    1 
ATOM   571  C  C4    . C   B 1 7  ? -9.149  -10.633 -4.999  1.00 38.50 ? 30  C   B C4    1 
ATOM   572  N  N4    . C   B 1 7  ? -8.249  -11.123 -5.862  1.00 35.06 ? 30  C   B N4    1 
ATOM   573  C  C5    . C   B 1 7  ? -9.837  -9.416  -5.291  1.00 37.88 ? 30  C   B C5    1 
ATOM   574  C  C6    . C   B 1 7  ? -10.719 -8.974  -4.385  1.00 39.32 ? 30  C   B C6    1 
ATOM   575  P  P     . C   B 1 8  ? -9.316  -6.094  0.322   1.00 48.85 ? 31  C   B P     1 
ATOM   576  O  OP1   . C   B 1 8  ? -9.377  -5.152  1.470   1.00 49.09 ? 31  C   B OP1   1 
ATOM   577  O  OP2   . C   B 1 8  ? -8.503  -5.745  -0.873  1.00 46.92 ? 31  C   B OP2   1 
ATOM   578  O  "O5'" . C   B 1 8  ? -8.812  -7.491  0.897   1.00 48.24 ? 31  C   B "O5'" 1 
ATOM   579  C  "C5'" . C   B 1 8  ? -9.494  -8.106  1.987   1.00 48.37 ? 31  C   B "C5'" 1 
ATOM   580  C  "C4'" . C   B 1 8  ? -8.825  -9.405  2.359   1.00 47.69 ? 31  C   B "C4'" 1 
ATOM   581  O  "O4'" . C   B 1 8  ? -8.914  -10.355 1.267   1.00 46.29 ? 31  C   B "O4'" 1 
ATOM   582  C  "C3'" . C   B 1 8  ? -7.333  -9.333  2.628   1.00 48.08 ? 31  C   B "C3'" 1 
ATOM   583  O  "O3'" . C   B 1 8  ? -7.083  -8.855  3.939   1.00 48.47 ? 31  C   B "O3'" 1 
ATOM   584  C  "C2'" . C   B 1 8  ? -6.939  -10.799 2.512   1.00 48.22 ? 31  C   B "C2'" 1 
ATOM   585  O  "O2'" . C   B 1 8  ? -7.254  -11.534 3.677   1.00 50.39 ? 31  C   B "O2'" 1 
ATOM   586  C  "C1'" . C   B 1 8  ? -7.824  -11.259 1.350   1.00 45.88 ? 31  C   B "C1'" 1 
ATOM   587  N  N1    . C   B 1 8  ? -7.105  -11.254 0.069   1.00 45.08 ? 31  C   B N1    1 
ATOM   588  C  C2    . C   B 1 8  ? -6.245  -12.319 -0.212  1.00 44.62 ? 31  C   B C2    1 
ATOM   589  O  O2    . C   B 1 8  ? -6.106  -13.213 0.633   1.00 46.56 ? 31  C   B O2    1 
ATOM   590  N  N3    . C   B 1 8  ? -5.588  -12.347 -1.390  1.00 43.40 ? 31  C   B N3    1 
ATOM   591  C  C4    . C   B 1 8  ? -5.757  -11.360 -2.269  1.00 44.08 ? 31  C   B C4    1 
ATOM   592  N  N4    . C   B 1 8  ? -5.092  -11.439 -3.422  1.00 43.62 ? 31  C   B N4    1 
ATOM   593  C  C5    . C   B 1 8  ? -6.619  -10.252 -2.006  1.00 42.77 ? 31  C   B C5    1 
ATOM   594  C  C6    . C   B 1 8  ? -7.267  -10.240 -0.834  1.00 43.18 ? 31  C   B C6    1 
ATOM   595  P  P     . C   B 1 9  ? -5.860  -7.850  4.199   1.00 49.85 ? 32  C   B P     1 
ATOM   596  O  OP1   . C   B 1 9  ? -5.895  -7.522  5.646   1.00 49.76 ? 32  C   B OP1   1 
ATOM   597  O  OP2   . C   B 1 9  ? -5.915  -6.754  3.193   1.00 47.64 ? 32  C   B OP2   1 
ATOM   598  O  "O5'" . C   B 1 9  ? -4.569  -8.741  3.929   1.00 48.26 ? 32  C   B "O5'" 1 
ATOM   599  C  "C5'" . C   B 1 9  ? -4.197  -9.765  4.846   1.00 48.34 ? 32  C   B "C5'" 1 
ATOM   600  C  "C4'" . C   B 1 9  ? -2.884  -10.390 4.437   1.00 47.02 ? 32  C   B "C4'" 1 
ATOM   601  O  "O4'" . C   B 1 9  ? -3.058  -11.186 3.233   1.00 45.03 ? 32  C   B "O4'" 1 
ATOM   602  C  "C3'" . C   B 1 9  ? -1.764  -9.427  4.079   1.00 46.08 ? 32  C   B "C3'" 1 
ATOM   603  O  "O3'" . C   B 1 9  ? -1.110  -8.907  5.228   1.00 46.20 ? 32  C   B "O3'" 1 
ATOM   604  C  "C2'" . C   B 1 9  ? -0.857  -10.323 3.256   1.00 43.29 ? 32  C   B "C2'" 1 
ATOM   605  O  "O2'" . C   B 1 9  ? -0.115  -11.215 4.062   1.00 46.26 ? 32  C   B "O2'" 1 
ATOM   606  C  "C1'" . C   B 1 9  ? -1.889  -11.093 2.432   1.00 41.92 ? 32  C   B "C1'" 1 
ATOM   607  N  N1    . C   B 1 9  ? -2.238  -10.407 1.179   1.00 39.39 ? 32  C   B N1    1 
ATOM   608  C  C2    . C   B 1 9  ? -1.354  -10.486 0.099   1.00 36.58 ? 32  C   B C2    1 
ATOM   609  O  O2    . C   B 1 9  ? -0.312  -11.142 0.227   1.00 34.26 ? 32  C   B O2    1 
ATOM   610  N  N3    . C   B 1 9  ? -1.655  -9.852  -1.054  1.00 35.25 ? 32  C   B N3    1 
ATOM   611  C  C4    . C   B 1 9  ? -2.792  -9.164  -1.157  1.00 35.96 ? 32  C   B C4    1 
ATOM   612  N  N4    . C   B 1 9  ? -3.049  -8.556  -2.322  1.00 33.96 ? 32  C   B N4    1 
ATOM   613  C  C5    . C   B 1 9  ? -3.717  -9.069  -0.075  1.00 37.15 ? 32  C   B C5    1 
ATOM   614  C  C6    . C   B 1 9  ? -3.403  -9.699  1.065   1.00 37.97 ? 32  C   B C6    1 
ATOM   615  P  P     . G   B 1 10 ? -0.534  -7.407  5.193   1.00 47.89 ? 33  G   B P     1 
ATOM   616  O  OP1   . G   B 1 10 ? -0.070  -7.093  6.564   1.00 51.07 ? 33  G   B OP1   1 
ATOM   617  O  OP2   . G   B 1 10 ? -1.536  -6.532  4.535   1.00 47.08 ? 33  G   B OP2   1 
ATOM   618  O  "O5'" . G   B 1 10 ? 0.747   -7.503  4.251   1.00 46.50 ? 33  G   B "O5'" 1 
ATOM   619  C  "C5'" . G   B 1 10 ? 1.817   -8.386  4.578   1.00 44.56 ? 33  G   B "C5'" 1 
ATOM   620  C  "C4'" . G   B 1 10 ? 2.729   -8.578  3.390   1.00 42.55 ? 33  G   B "C4'" 1 
ATOM   621  O  "O4'" . G   B 1 10 ? 1.955   -9.062  2.259   1.00 41.96 ? 33  G   B "O4'" 1 
ATOM   622  C  "C3'" . G   B 1 10 ? 3.390   -7.331  2.834   1.00 42.72 ? 33  G   B "C3'" 1 
ATOM   623  O  "O3'" . G   B 1 10 ? 4.524   -6.952  3.601   1.00 41.16 ? 33  G   B "O3'" 1 
ATOM   624  C  "C2'" . G   B 1 10 ? 3.787   -7.799  1.440   1.00 41.82 ? 33  G   B "C2'" 1 
ATOM   625  O  "O2'" . G   B 1 10 ? 4.930   -8.624  1.439   1.00 41.94 ? 33  G   B "O2'" 1 
ATOM   626  C  "C1'" . G   B 1 10 ? 2.566   -8.631  1.053   1.00 40.93 ? 33  G   B "C1'" 1 
ATOM   627  N  N9    . G   B 1 10 ? 1.587   -7.882  0.268   1.00 37.90 ? 33  G   B N9    1 
ATOM   628  C  C8    . G   B 1 10 ? 0.371   -7.393  0.683   1.00 36.10 ? 33  G   B C8    1 
ATOM   629  N  N7    . G   B 1 10 ? -0.292  -6.794  -0.271  1.00 36.70 ? 33  G   B N7    1 
ATOM   630  C  C5    . G   B 1 10 ? 0.541   -6.889  -1.381  1.00 35.84 ? 33  G   B C5    1 
ATOM   631  C  C6    . G   B 1 10 ? 0.357   -6.437  -2.722  1.00 36.27 ? 33  G   B C6    1 
ATOM   632  O  O6    . G   B 1 10 ? -0.623  -5.852  -3.218  1.00 37.81 ? 33  G   B O6    1 
ATOM   633  N  N1    . G   B 1 10 ? 1.461   -6.737  -3.518  1.00 34.54 ? 33  G   B N1    1 
ATOM   634  C  C2    . G   B 1 10 ? 2.590   -7.394  -3.086  1.00 34.58 ? 33  G   B C2    1 
ATOM   635  N  N2    . G   B 1 10 ? 3.556   -7.583  -3.995  1.00 34.69 ? 33  G   B N2    1 
ATOM   636  N  N3    . G   B 1 10 ? 2.761   -7.831  -1.852  1.00 35.00 ? 33  G   B N3    1 
ATOM   637  C  C4    . G   B 1 10 ? 1.708   -7.546  -1.060  1.00 35.09 ? 33  G   B C4    1 
HETATM 638  P  P     . 5BU B 1 11 ? 5.097   -5.453  3.485   1.00 41.29 ? 34  5BU B P     1 
HETATM 639  O  OP1   . 5BU B 1 11 ? 6.201   -5.349  4.465   1.00 42.95 ? 34  5BU B OP1   1 
HETATM 640  O  OP2   . 5BU B 1 11 ? 3.968   -4.487  3.543   1.00 39.27 ? 34  5BU B OP2   1 
HETATM 641  O  "O5'" . 5BU B 1 11 ? 5.736   -5.390  2.027   1.00 39.95 ? 34  5BU B "O5'" 1 
HETATM 642  C  "C5'" . 5BU B 1 11 ? 6.937   -6.089  1.735   1.00 40.25 ? 34  5BU B "C5'" 1 
HETATM 643  C  "C4'" . 5BU B 1 11 ? 7.371   -5.825  0.313   1.00 39.60 ? 34  5BU B "C4'" 1 
HETATM 644  O  "O4'" . 5BU B 1 11 ? 6.382   -6.336  -0.624  1.00 38.55 ? 34  5BU B "O4'" 1 
HETATM 645  C  "C3'" . 5BU B 1 11 ? 7.531   -4.374  -0.104  1.00 38.20 ? 34  5BU B "C3'" 1 
HETATM 646  O  "O3'" . 5BU B 1 11 ? 8.765   -3.850  0.373   1.00 40.09 ? 34  5BU B "O3'" 1 
HETATM 647  C  "C2'" . 5BU B 1 11 ? 7.519   -4.517  -1.620  1.00 39.16 ? 34  5BU B "C2'" 1 
HETATM 648  O  "O2'" . 5BU B 1 11 ? 8.712   -5.077  -2.126  1.00 38.54 ? 34  5BU B "O2'" 1 
HETATM 649  C  "C1'" . 5BU B 1 11 ? 6.400   -5.541  -1.803  1.00 37.93 ? 34  5BU B "C1'" 1 
HETATM 650  N  N1    . 5BU B 1 11 ? 5.083   -4.913  -1.948  1.00 36.41 ? 34  5BU B N1    1 
HETATM 651  C  C2    . 5BU B 1 11 ? 4.760   -4.363  -3.171  1.00 35.54 ? 34  5BU B C2    1 
HETATM 652  O  O2    . 5BU B 1 11 ? 5.516   -4.379  -4.121  1.00 33.00 ? 34  5BU B O2    1 
HETATM 653  N  N3    . 5BU B 1 11 ? 3.512   -3.798  -3.238  1.00 34.28 ? 34  5BU B N3    1 
HETATM 654  C  C4    . 5BU B 1 11 ? 2.581   -3.735  -2.228  1.00 36.43 ? 34  5BU B C4    1 
HETATM 655  O  O4    . 5BU B 1 11 ? 1.473   -3.262  -2.461  1.00 34.10 ? 34  5BU B O4    1 
HETATM 656  C  C5    . 5BU B 1 11 ? 3.000   -4.320  -0.993  1.00 38.00 ? 34  5BU B C5    1 
HETATM 657  C  C6    . 5BU B 1 11 ? 4.204   -4.874  -0.900  1.00 37.43 ? 34  5BU B C6    1 
HETATM 658  BR BR    . 5BU B 1 11 ? 1.891   -4.173  0.572   1.00 48.92 ? 34  5BU B BR    1 
ATOM   659  P  P     . C   B 1 12 ? 8.866   -2.301  0.803   1.00 39.86 ? 35  C   B P     1 
ATOM   660  O  OP1   . C   B 1 12 ? 10.165  -2.147  1.497   1.00 38.62 ? 35  C   B OP1   1 
ATOM   661  O  OP2   . C   B 1 12 ? 7.616   -1.899  1.496   1.00 39.55 ? 35  C   B OP2   1 
ATOM   662  O  "O5'" . C   B 1 12 ? 8.932   -1.534  -0.590  1.00 36.71 ? 35  C   B "O5'" 1 
ATOM   663  C  "C5'" . C   B 1 12 ? 9.995   -1.788  -1.501  1.00 34.87 ? 35  C   B "C5'" 1 
ATOM   664  C  "C4'" . C   B 1 12 ? 9.685   -1.188  -2.849  1.00 35.71 ? 35  C   B "C4'" 1 
ATOM   665  O  "O4'" . C   B 1 12 ? 8.519   -1.846  -3.412  1.00 35.46 ? 35  C   B "O4'" 1 
ATOM   666  C  "C3'" . C   B 1 12 ? 9.286   0.278   -2.862  1.00 36.97 ? 35  C   B "C3'" 1 
ATOM   667  O  "O3'" . C   B 1 12 ? 10.401  1.160   -2.769  1.00 38.68 ? 35  C   B "O3'" 1 
ATOM   668  C  "C2'" . C   B 1 12 ? 8.602   0.376   -4.214  1.00 35.97 ? 35  C   B "C2'" 1 
ATOM   669  O  "O2'" . C   B 1 12 ? 9.531   0.343   -5.274  1.00 40.43 ? 35  C   B "O2'" 1 
ATOM   670  C  "C1'" . C   B 1 12 ? 7.808   -0.929  -4.225  1.00 34.66 ? 35  C   B "C1'" 1 
ATOM   671  N  N1    . C   B 1 12 ? 6.442   -0.782  -3.695  1.00 31.56 ? 35  C   B N1    1 
ATOM   672  C  C2    . C   B 1 12 ? 5.449   -0.303  -4.552  1.00 33.47 ? 35  C   B C2    1 
ATOM   673  O  O2    . C   B 1 12 ? 5.761   -0.002  -5.722  1.00 33.56 ? 35  C   B O2    1 
ATOM   674  N  N3    . C   B 1 12 ? 4.177   -0.175  -4.093  1.00 31.71 ? 35  C   B N3    1 
ATOM   675  C  C4    . C   B 1 12 ? 3.893   -0.492  -2.830  1.00 30.95 ? 35  C   B C4    1 
ATOM   676  N  N4    . C   B 1 12 ? 2.632   -0.338  -2.420  1.00 28.61 ? 35  C   B N4    1 
ATOM   677  C  C5    . C   B 1 12 ? 4.891   -0.979  -1.931  1.00 29.27 ? 35  C   B C5    1 
ATOM   678  C  C6    . C   B 1 12 ? 6.141   -1.106  -2.402  1.00 28.74 ? 35  C   B C6    1 
ATOM   679  P  P     . G   B 1 13 ? 10.197  2.618   -2.120  1.00 40.20 ? 36  G   B P     1 
ATOM   680  O  OP1   . G   B 1 13 ? 11.523  3.273   -2.015  1.00 41.44 ? 36  G   B OP1   1 
ATOM   681  O  OP2   . G   B 1 13 ? 9.364   2.450   -0.909  1.00 37.15 ? 36  G   B OP2   1 
ATOM   682  O  "O5'" . G   B 1 13 ? 9.317   3.402   -3.197  1.00 38.81 ? 36  G   B "O5'" 1 
ATOM   683  C  "C5'" . G   B 1 13 ? 9.816   3.649   -4.511  1.00 38.29 ? 36  G   B "C5'" 1 
ATOM   684  C  "C4'" . G   B 1 13 ? 8.738   4.249   -5.389  1.00 36.53 ? 36  G   B "C4'" 1 
ATOM   685  O  "O4'" . G   B 1 13 ? 7.669   3.291   -5.624  1.00 38.14 ? 36  G   B "O4'" 1 
ATOM   686  C  "C3'" . G   B 1 13 ? 8.006   5.481   -4.878  1.00 35.31 ? 36  G   B "C3'" 1 
ATOM   687  O  "O3'" . G   B 1 13 ? 8.781   6.656   -5.083  1.00 34.97 ? 36  G   B "O3'" 1 
ATOM   688  C  "C2'" . G   B 1 13 ? 6.779   5.482   -5.778  1.00 35.43 ? 36  G   B "C2'" 1 
ATOM   689  O  "O2'" . G   B 1 13 ? 7.073   5.927   -7.085  1.00 37.16 ? 36  G   B "O2'" 1 
ATOM   690  C  "C1'" . G   B 1 13 ? 6.447   3.991   -5.824  1.00 34.40 ? 36  G   B "C1'" 1 
ATOM   691  N  N9    . G   B 1 13 ? 5.517   3.620   -4.764  1.00 32.51 ? 36  G   B N9    1 
ATOM   692  C  C8    . G   B 1 13 ? 5.819   3.039   -3.552  1.00 31.94 ? 36  G   B C8    1 
ATOM   693  N  N7    . G   B 1 13 ? 4.768   2.860   -2.795  1.00 29.86 ? 36  G   B N7    1 
ATOM   694  C  C5    . G   B 1 13 ? 3.710   3.346   -3.555  1.00 28.92 ? 36  G   B C5    1 
ATOM   695  C  C6    . G   B 1 13 ? 2.327   3.426   -3.259  1.00 27.24 ? 36  G   B C6    1 
ATOM   696  O  O6    . G   B 1 13 ? 1.740   3.074   -2.234  1.00 27.06 ? 36  G   B O6    1 
ATOM   697  N  N1    . G   B 1 13 ? 1.610   3.988   -4.304  1.00 26.66 ? 36  G   B N1    1 
ATOM   698  C  C2    . G   B 1 13 ? 2.148   4.424   -5.485  1.00 29.94 ? 36  G   B C2    1 
ATOM   699  N  N2    . G   B 1 13 ? 1.284   4.957   -6.366  1.00 32.40 ? 36  G   B N2    1 
ATOM   700  N  N3    . G   B 1 13 ? 3.435   4.350   -5.782  1.00 30.53 ? 36  G   B N3    1 
ATOM   701  C  C4    . G   B 1 13 ? 4.153   3.809   -4.775  1.00 31.01 ? 36  G   B C4    1 
ATOM   702  P  P     . A   B 1 14 ? 8.455   7.988   -4.243  1.00 36.46 ? 37  A   B P     1 
ATOM   703  O  OP1   . A   B 1 14 ? 9.542   8.960   -4.521  1.00 36.31 ? 37  A   B OP1   1 
ATOM   704  O  OP2   . A   B 1 14 ? 8.155   7.614   -2.841  1.00 36.08 ? 37  A   B OP2   1 
ATOM   705  O  "O5'" . A   B 1 14 ? 7.113   8.544   -4.900  1.00 35.23 ? 37  A   B "O5'" 1 
ATOM   706  C  "C5'" . A   B 1 14 ? 7.113   9.090   -6.218  1.00 34.45 ? 37  A   B "C5'" 1 
ATOM   707  C  "C4'" . A   B 1 14 ? 5.734   9.591   -6.580  1.00 33.34 ? 37  A   B "C4'" 1 
ATOM   708  O  "O4'" . A   B 1 14 ? 4.797   8.477   -6.669  1.00 33.19 ? 37  A   B "O4'" 1 
ATOM   709  C  "C3'" . A   B 1 14 ? 5.076   10.540  -5.592  1.00 32.78 ? 37  A   B "C3'" 1 
ATOM   710  O  "O3'" . A   B 1 14 ? 5.546   11.878  -5.759  1.00 33.29 ? 37  A   B "O3'" 1 
ATOM   711  C  "C2'" . A   B 1 14 ? 3.618   10.402  -6.003  1.00 33.20 ? 37  A   B "C2'" 1 
ATOM   712  O  "O2'" . A   B 1 14 ? 3.362   11.023  -7.244  1.00 32.47 ? 37  A   B "O2'" 1 
ATOM   713  C  "C1'" . A   B 1 14 ? 3.517   8.888   -6.197  1.00 32.20 ? 37  A   B "C1'" 1 
ATOM   714  N  N9    . A   B 1 14 ? 3.222   8.171   -4.952  1.00 32.69 ? 37  A   B N9    1 
ATOM   715  C  C8    . A   B 1 14 ? 4.130   7.613   -4.084  1.00 32.57 ? 37  A   B C8    1 
ATOM   716  N  N7    . A   B 1 14 ? 3.579   7.043   -3.038  1.00 31.53 ? 37  A   B N7    1 
ATOM   717  C  C5    . A   B 1 14 ? 2.219   7.231   -3.230  1.00 30.00 ? 37  A   B C5    1 
ATOM   718  C  C6    . A   B 1 14 ? 1.096   6.852   -2.465  1.00 31.56 ? 37  A   B C6    1 
ATOM   719  N  N6    . A   B 1 14 ? 1.181   6.163   -1.323  1.00 29.95 ? 37  A   B N6    1 
ATOM   720  N  N1    . A   B 1 14 ? -0.128  7.206   -2.925  1.00 30.29 ? 37  A   B N1    1 
ATOM   721  C  C2    . A   B 1 14 ? -0.202  7.881   -4.082  1.00 28.85 ? 37  A   B C2    1 
ATOM   722  N  N3    . A   B 1 14 ? 0.781   8.282   -4.892  1.00 29.16 ? 37  A   B N3    1 
ATOM   723  C  C4    . A   B 1 14 ? 1.981   7.924   -4.403  1.00 29.87 ? 37  A   B C4    1 
ATOM   724  P  P     . C   B 1 15 ? 5.512   12.898  -4.512  1.00 34.78 ? 38  C   B P     1 
ATOM   725  O  OP1   . C   B 1 15 ? 6.042   14.205  -4.982  1.00 34.46 ? 38  C   B OP1   1 
ATOM   726  O  OP2   . C   B 1 15 ? 6.130   12.236  -3.330  1.00 32.81 ? 38  C   B OP2   1 
ATOM   727  O  "O5'" . C   B 1 15 ? 3.961   13.092  -4.212  1.00 31.92 ? 38  C   B "O5'" 1 
ATOM   728  C  "C5'" . C   B 1 15 ? 3.113   13.722  -5.158  1.00 31.23 ? 38  C   B "C5'" 1 
ATOM   729  C  "C4'" . C   B 1 15 ? 1.683   13.688  -4.677  1.00 32.43 ? 38  C   B "C4'" 1 
ATOM   730  O  "O4'" . C   B 1 15 ? 1.187   12.319  -4.666  1.00 31.64 ? 38  C   B "O4'" 1 
ATOM   731  C  "C3'" . C   B 1 15 ? 1.453   14.169  -3.255  1.00 31.19 ? 38  C   B "C3'" 1 
ATOM   732  O  "O3'" . C   B 1 15 ? 1.399   15.586  -3.205  1.00 31.46 ? 38  C   B "O3'" 1 
ATOM   733  C  "C2'" . C   B 1 15 ? 0.106   13.533  -2.939  1.00 30.76 ? 38  C   B "C2'" 1 
ATOM   734  O  "O2'" . C   B 1 15 ? -0.995  14.228  -3.492  1.00 30.42 ? 38  C   B "O2'" 1 
ATOM   735  C  "C1'" . C   B 1 15 ? 0.268   12.160  -3.595  1.00 30.12 ? 38  C   B "C1'" 1 
ATOM   736  N  N1    . C   B 1 15 ? 0.835   11.220  -2.626  1.00 31.48 ? 38  C   B N1    1 
ATOM   737  C  C2    . C   B 1 15 ? -0.025  10.592  -1.741  1.00 29.24 ? 38  C   B C2    1 
ATOM   738  O  O2    . C   B 1 15 ? -1.237  10.786  -1.862  1.00 28.67 ? 38  C   B O2    1 
ATOM   739  N  N3    . C   B 1 15 ? 0.480   9.794   -0.778  1.00 29.97 ? 38  C   B N3    1 
ATOM   740  C  C4    . C   B 1 15 ? 1.800   9.613   -0.691  1.00 30.42 ? 38  C   B C4    1 
ATOM   741  N  N4    . C   B 1 15 ? 2.267   8.853   0.305   1.00 25.68 ? 38  C   B N4    1 
ATOM   742  C  C5    . C   B 1 15 ? 2.702   10.212  -1.616  1.00 29.78 ? 38  C   B C5    1 
ATOM   743  C  C6    . C   B 1 15 ? 2.182   10.993  -2.562  1.00 29.79 ? 38  C   B C6    1 
ATOM   744  P  P     . G   B 1 16 ? 1.785   16.352  -1.846  1.00 33.95 ? 39  G   B P     1 
ATOM   745  O  OP1   . G   B 1 16 ? 1.716   17.801  -2.129  1.00 36.93 ? 39  G   B OP1   1 
ATOM   746  O  OP2   . G   B 1 16 ? 3.040   15.768  -1.300  1.00 35.52 ? 39  G   B OP2   1 
ATOM   747  O  "O5'" . G   B 1 16 ? 0.605   16.009  -0.837  1.00 32.55 ? 39  G   B "O5'" 1 
ATOM   748  C  "C5'" . G   B 1 16 ? -0.749  16.293  -1.169  1.00 31.20 ? 39  G   B "C5'" 1 
ATOM   749  C  "C4'" . G   B 1 16 ? -1.674  15.728  -0.114  1.00 30.39 ? 39  G   B "C4'" 1 
ATOM   750  O  "O4'" . G   B 1 16 ? -1.720  14.275  -0.144  1.00 29.16 ? 39  G   B "O4'" 1 
ATOM   751  C  "C3'" . G   B 1 16 ? -1.276  16.016  1.318   1.00 30.63 ? 39  G   B "C3'" 1 
ATOM   752  O  "O3'" . G   B 1 16 ? -1.595  17.355  1.631   1.00 33.85 ? 39  G   B "O3'" 1 
ATOM   753  C  "C2'" . G   B 1 16 ? -2.151  15.022  2.066   1.00 30.42 ? 39  G   B "C2'" 1 
ATOM   754  O  "O2'" . G   B 1 16 ? -3.495  15.441  2.155   1.00 29.21 ? 39  G   B "O2'" 1 
ATOM   755  C  "C1'" . G   B 1 16 ? -2.041  13.792  1.157   1.00 29.35 ? 39  G   B "C1'" 1 
ATOM   756  N  N9    . G   B 1 16 ? -0.980  12.897  1.613   1.00 28.95 ? 39  G   B N9    1 
ATOM   757  C  C8    . G   B 1 16 ? 0.337   12.884  1.210   1.00 28.33 ? 39  G   B C8    1 
ATOM   758  N  N7    . G   B 1 16 ? 1.065   12.013  1.860   1.00 24.63 ? 39  G   B N7    1 
ATOM   759  C  C5    . G   B 1 16 ? 0.174   11.403  2.730   1.00 25.83 ? 39  G   B C5    1 
ATOM   760  C  C6    . G   B 1 16 ? 0.386   10.389  3.701   1.00 25.29 ? 39  G   B C6    1 
ATOM   761  O  O6    . G   B 1 16 ? 1.436   9.823   3.998   1.00 27.80 ? 39  G   B O6    1 
ATOM   762  N  N1    . G   B 1 16 ? -0.794  10.052  4.361   1.00 24.46 ? 39  G   B N1    1 
ATOM   763  C  C2    . G   B 1 16 ? -2.027  10.622  4.122   1.00 24.15 ? 39  G   B C2    1 
ATOM   764  N  N2    . G   B 1 16 ? -3.058  10.149  4.853   1.00 19.01 ? 39  G   B N2    1 
ATOM   765  N  N3    . G   B 1 16 ? -2.234  11.582  3.230   1.00 24.87 ? 39  G   B N3    1 
ATOM   766  C  C4    . G   B 1 16 ? -1.100  11.920  2.576   1.00 27.12 ? 39  G   B C4    1 
ATOM   767  P  P     . A   B 1 17 ? -0.627  18.212  2.586   1.00 35.66 ? 40  A   B P     1 
ATOM   768  O  OP1   . A   B 1 17 ? -0.333  19.479  1.883   1.00 35.32 ? 40  A   B OP1   1 
ATOM   769  O  OP2   . A   B 1 17 ? 0.492   17.384  3.095   1.00 34.32 ? 40  A   B OP2   1 
ATOM   770  O  "O5'" . A   B 1 17 ? -1.590  18.532  3.812   1.00 38.76 ? 40  A   B "O5'" 1 
ATOM   771  C  "C5'" . A   B 1 17 ? -1.567  19.801  4.428   1.00 40.24 ? 40  A   B "C5'" 1 
ATOM   772  C  "C4'" . A   B 1 17 ? -0.811  19.728  5.727   1.00 38.57 ? 40  A   B "C4'" 1 
ATOM   773  O  "O4'" . A   B 1 17 ? -0.685  21.088  6.198   1.00 39.34 ? 40  A   B "O4'" 1 
ATOM   774  C  "C3'" . A   B 1 17 ? -1.506  18.986  6.866   1.00 39.11 ? 40  A   B "C3'" 1 
ATOM   775  O  "O3'" . A   B 1 17 ? -0.566  18.682  7.903   1.00 38.71 ? 40  A   B "O3'" 1 
ATOM   776  C  "C2'" . A   B 1 17 ? -2.459  20.060  7.365   1.00 38.78 ? 40  A   B "C2'" 1 
ATOM   777  O  "O2'" . A   B 1 17 ? -2.877  19.876  8.694   1.00 38.08 ? 40  A   B "O2'" 1 
ATOM   778  C  "C1'" . A   B 1 17 ? -1.555  21.287  7.293   1.00 39.62 ? 40  A   B "C1'" 1 
ATOM   779  N  N9    . A   B 1 17 ? -2.285  22.528  7.079   1.00 40.43 ? 40  A   B N9    1 
ATOM   780  C  C8    . A   B 1 17 ? -3.274  22.793  6.163   1.00 40.80 ? 40  A   B C8    1 
ATOM   781  N  N7    . A   B 1 17 ? -3.757  24.008  6.248   1.00 40.94 ? 40  A   B N7    1 
ATOM   782  C  C5    . A   B 1 17 ? -3.031  24.582  7.283   1.00 41.91 ? 40  A   B C5    1 
ATOM   783  C  C6    . A   B 1 17 ? -3.060  25.862  7.865   1.00 43.06 ? 40  A   B C6    1 
ATOM   784  N  N6    . A   B 1 17 ? -3.890  26.835  7.478   1.00 44.89 ? 40  A   B N6    1 
ATOM   785  N  N1    . A   B 1 17 ? -2.193  26.111  8.874   1.00 41.94 ? 40  A   B N1    1 
ATOM   786  C  C2    . A   B 1 17 ? -1.366  25.134  9.265   1.00 39.88 ? 40  A   B C2    1 
ATOM   787  N  N3    . A   B 1 17 ? -1.246  23.897  8.800   1.00 39.88 ? 40  A   B N3    1 
ATOM   788  C  C4    . A   B 1 17 ? -2.116  23.683  7.798   1.00 40.74 ? 40  A   B C4    1 
ATOM   789  P  P     . A   B 1 18 ? -0.686  17.300  8.733   1.00 37.20 ? 41  A   B P     1 
ATOM   790  O  OP1   . A   B 1 18 ? 0.658   16.672  8.669   1.00 37.84 ? 41  A   B OP1   1 
ATOM   791  O  OP2   . A   B 1 18 ? -1.874  16.535  8.302   1.00 37.81 ? 41  A   B OP2   1 
ATOM   792  O  "O5'" . A   B 1 18 ? -0.925  17.762  10.240  1.00 38.52 ? 41  A   B "O5'" 1 
ATOM   793  C  "C5'" . A   B 1 18 ? 0.084   18.475  10.949  1.00 37.60 ? 41  A   B "C5'" 1 
ATOM   794  C  "C4'" . A   B 1 18 ? -0.295  18.611  12.403  1.00 38.01 ? 41  A   B "C4'" 1 
ATOM   795  O  "O4'" . A   B 1 18 ? -1.415  19.527  12.527  1.00 37.53 ? 41  A   B "O4'" 1 
ATOM   796  C  "C3'" . A   B 1 18 ? -0.724  17.327  13.104  1.00 38.94 ? 41  A   B "C3'" 1 
ATOM   797  O  "O3'" . A   B 1 18 ? -0.382  17.410  14.482  1.00 41.08 ? 41  A   B "O3'" 1 
ATOM   798  C  "C2'" . A   B 1 18 ? -2.239  17.371  12.953  1.00 39.42 ? 41  A   B "C2'" 1 
ATOM   799  O  "O2'" . A   B 1 18 ? -2.903  16.631  13.956  1.00 38.75 ? 41  A   B "O2'" 1 
ATOM   800  C  "C1'" . A   B 1 18 ? -2.506  18.865  13.134  1.00 38.15 ? 41  A   B "C1'" 1 
ATOM   801  N  N9    . A   B 1 18 ? -3.724  19.350  12.491  1.00 39.06 ? 41  A   B N9    1 
ATOM   802  C  C8    . A   B 1 18 ? -4.258  18.973  11.282  1.00 37.32 ? 41  A   B C8    1 
ATOM   803  N  N7    . A   B 1 18 ? -5.340  19.638  10.956  1.00 37.68 ? 41  A   B N7    1 
ATOM   804  C  C5    . A   B 1 18 ? -5.535  20.506  12.025  1.00 37.84 ? 41  A   B C5    1 
ATOM   805  C  C6    . A   B 1 18 ? -6.506  21.493  12.281  1.00 40.08 ? 41  A   B C6    1 
ATOM   806  N  N6    . A   B 1 18 ? -7.479  21.817  11.427  1.00 41.37 ? 41  A   B N6    1 
ATOM   807  N  N1    . A   B 1 18 ? -6.430  22.159  13.458  1.00 40.15 ? 41  A   B N1    1 
ATOM   808  C  C2    . A   B 1 18 ? -5.433  21.864  14.297  1.00 38.61 ? 41  A   B C2    1 
ATOM   809  N  N3    . A   B 1 18 ? -4.450  20.977  14.157  1.00 39.74 ? 41  A   B N3    1 
ATOM   810  C  C4    . A   B 1 18 ? -4.561  20.323  12.986  1.00 38.35 ? 41  A   B C4    1 
ATOM   811  P  P     . G   B 1 19 ? 0.957   16.702  15.016  1.00 41.41 ? 42  G   B P     1 
ATOM   812  O  OP1   . G   B 1 19 ? 1.206   17.223  16.384  1.00 41.94 ? 42  G   B OP1   1 
ATOM   813  O  OP2   . G   B 1 19 ? 2.005   16.850  13.970  1.00 41.06 ? 42  G   B OP2   1 
ATOM   814  O  "O5'" . G   B 1 19 ? 0.573   15.155  15.100  1.00 40.43 ? 42  G   B "O5'" 1 
ATOM   815  C  "C5'" . G   B 1 19 ? -0.408  14.683  16.021  1.00 36.84 ? 42  G   B "C5'" 1 
ATOM   816  C  "C4'" . G   B 1 19 ? -0.345  13.171  16.130  1.00 35.53 ? 42  G   B "C4'" 1 
ATOM   817  O  "O4'" . G   B 1 19 ? -0.751  12.536  14.881  1.00 33.52 ? 42  G   B "O4'" 1 
ATOM   818  C  "C3'" . G   B 1 19 ? 1.020   12.571  16.407  1.00 34.70 ? 42  G   B "C3'" 1 
ATOM   819  O  "O3'" . G   B 1 19 ? 1.349   12.669  17.780  1.00 35.22 ? 42  G   B "O3'" 1 
ATOM   820  C  "C2'" . G   B 1 19 ? 0.809   11.136  15.950  1.00 35.37 ? 42  G   B "C2'" 1 
ATOM   821  O  "O2'" . G   B 1 19 ? 0.037   10.354  16.846  1.00 36.55 ? 42  G   B "O2'" 1 
ATOM   822  C  "C1'" . G   B 1 19 ? 0.034   11.372  14.654  1.00 32.41 ? 42  G   B "C1'" 1 
ATOM   823  N  N9    . G   B 1 19 ? 0.937   11.633  13.539  1.00 30.47 ? 42  G   B N9    1 
ATOM   824  C  C8    . G   B 1 19 ? 1.000   12.765  12.767  1.00 29.48 ? 42  G   B C8    1 
ATOM   825  N  N7    . G   B 1 19 ? 1.949   12.719  11.868  1.00 29.63 ? 42  G   B N7    1 
ATOM   826  C  C5    . G   B 1 19 ? 2.542   11.481  12.054  1.00 27.83 ? 42  G   B C5    1 
ATOM   827  C  C6    . G   B 1 19 ? 3.640   10.874  11.383  1.00 29.73 ? 42  G   B C6    1 
ATOM   828  O  O6    . G   B 1 19 ? 4.343   11.337  10.467  1.00 30.43 ? 42  G   B O6    1 
ATOM   829  N  N1    . G   B 1 19 ? 3.905   9.602   11.882  1.00 25.91 ? 42  G   B N1    1 
ATOM   830  C  C2    . G   B 1 19 ? 3.213   8.999   12.902  1.00 26.90 ? 42  G   B C2    1 
ATOM   831  N  N2    . G   B 1 19 ? 3.615   7.774   13.242  1.00 25.61 ? 42  G   B N2    1 
ATOM   832  N  N3    . G   B 1 19 ? 2.198   9.559   13.544  1.00 28.24 ? 42  G   B N3    1 
ATOM   833  C  C4    . G   B 1 19 ? 1.920   10.790  13.071  1.00 29.67 ? 42  G   B C4    1 
ATOM   834  P  P     . U   B 1 20 ? 2.864   12.978  18.211  1.00 35.86 ? 43  U   B P     1 
ATOM   835  O  OP1   . U   B 1 20 ? 2.845   13.067  19.687  1.00 35.14 ? 43  U   B OP1   1 
ATOM   836  O  OP2   . U   B 1 20 ? 3.400   14.113  17.415  1.00 36.46 ? 43  U   B OP2   1 
ATOM   837  O  "O5'" . U   B 1 20 ? 3.645   11.669  17.755  1.00 35.03 ? 43  U   B "O5'" 1 
ATOM   838  C  "C5'" . U   B 1 20 ? 3.237   10.383  18.205  1.00 31.78 ? 43  U   B "C5'" 1 
ATOM   839  C  "C4'" . U   B 1 20 ? 4.242   9.344   17.778  1.00 29.75 ? 43  U   B "C4'" 1 
ATOM   840  O  "O4'" . U   B 1 20 ? 4.181   9.152   16.340  1.00 27.88 ? 43  U   B "O4'" 1 
ATOM   841  C  "C3'" . U   B 1 20 ? 5.701   9.680   18.048  1.00 28.79 ? 43  U   B "C3'" 1 
ATOM   842  O  "O3'" . U   B 1 20 ? 6.038   9.362   19.390  1.00 28.55 ? 43  U   B "O3'" 1 
ATOM   843  C  "C2'" . U   B 1 20 ? 6.406   8.761   17.062  1.00 27.74 ? 43  U   B "C2'" 1 
ATOM   844  O  "O2'" . U   B 1 20 ? 6.407   7.424   17.502  1.00 29.23 ? 43  U   B "O2'" 1 
ATOM   845  C  "C1'" . U   B 1 20 ? 5.483   8.870   15.844  1.00 29.14 ? 43  U   B "C1'" 1 
ATOM   846  N  N1    . U   B 1 20 ? 5.871   9.944   14.919  1.00 29.02 ? 43  U   B N1    1 
ATOM   847  C  C2    . U   B 1 20 ? 6.949   9.723   14.086  1.00 30.10 ? 43  U   B C2    1 
ATOM   848  O  O2    . U   B 1 20 ? 7.596   8.691   14.104  1.00 31.18 ? 43  U   B O2    1 
ATOM   849  N  N3    . U   B 1 20 ? 7.243   10.757  13.233  1.00 28.99 ? 43  U   B N3    1 
ATOM   850  C  C4    . U   B 1 20 ? 6.585   11.966  13.148  1.00 30.36 ? 43  U   B C4    1 
ATOM   851  O  O4    . U   B 1 20 ? 6.937   12.790  12.310  1.00 30.90 ? 43  U   B O4    1 
ATOM   852  C  C5    . U   B 1 20 ? 5.495   12.117  14.054  1.00 29.07 ? 43  U   B C5    1 
ATOM   853  C  C6    . U   B 1 20 ? 5.181   11.128  14.882  1.00 29.43 ? 43  U   B C6    1 
ATOM   854  P  P     . C   B 1 21 ? 6.956   10.368  20.255  1.00 30.93 ? 44  C   B P     1 
ATOM   855  O  OP1   . C   B 1 21 ? 6.539   10.169  21.667  1.00 32.02 ? 44  C   B OP1   1 
ATOM   856  O  OP2   . C   B 1 21 ? 6.946   11.732  19.673  1.00 32.42 ? 44  C   B OP2   1 
ATOM   857  O  "O5'" . C   B 1 21 ? 8.427   9.781   20.085  1.00 30.92 ? 44  C   B "O5'" 1 
ATOM   858  C  "C5'" . C   B 1 21 ? 8.683   8.402   20.309  1.00 27.26 ? 44  C   B "C5'" 1 
ATOM   859  C  "C4'" . C   B 1 21 ? 9.716   7.901   19.333  1.00 29.36 ? 44  C   B "C4'" 1 
ATOM   860  O  "O4'" . C   B 1 21 ? 9.221   8.058   17.977  1.00 25.50 ? 44  C   B "O4'" 1 
ATOM   861  C  "C3'" . C   B 1 21 ? 11.042  8.646   19.299  1.00 28.83 ? 44  C   B "C3'" 1 
ATOM   862  O  "O3'" . C   B 1 21 ? 11.902  8.245   20.356  1.00 32.69 ? 44  C   B "O3'" 1 
ATOM   863  C  "C2'" . C   B 1 21 ? 11.587  8.206   17.949  1.00 28.16 ? 44  C   B "C2'" 1 
ATOM   864  O  "O2'" . C   B 1 21 ? 12.099  6.886   17.978  1.00 28.77 ? 44  C   B "O2'" 1 
ATOM   865  C  "C1'" . C   B 1 21 ? 10.317  8.252   17.096  1.00 26.94 ? 44  C   B "C1'" 1 
ATOM   866  N  N1    . C   B 1 21 ? 10.125  9.533   16.400  1.00 26.12 ? 44  C   B N1    1 
ATOM   867  C  C2    . C   B 1 21 ? 10.795  9.752   15.201  1.00 26.38 ? 44  C   B C2    1 
ATOM   868  O  O2    . C   B 1 21 ? 11.588  8.884   14.789  1.00 23.04 ? 44  C   B O2    1 
ATOM   869  N  N3    . C   B 1 21 ? 10.571  10.903  14.519  1.00 26.79 ? 44  C   B N3    1 
ATOM   870  C  C4    . C   B 1 21 ? 9.726   11.815  15.009  1.00 27.42 ? 44  C   B C4    1 
ATOM   871  N  N4    . C   B 1 21 ? 9.505   12.920  14.289  1.00 24.87 ? 44  C   B N4    1 
ATOM   872  C  C5    . C   B 1 21 ? 9.063   11.633  16.255  1.00 26.71 ? 44  C   B C5    1 
ATOM   873  C  C6    . C   B 1 21 ? 9.290   10.488  16.910  1.00 28.08 ? 44  C   B C6    1 
ATOM   874  P  P     . G   B 1 22 ? 13.145  9.177   20.763  1.00 34.62 ? 45  G   B P     1 
ATOM   875  O  OP1   . G   B 1 22 ? 13.730  8.622   22.006  1.00 36.93 ? 45  G   B OP1   1 
ATOM   876  O  OP2   . G   B 1 22 ? 12.674  10.580  20.735  1.00 39.09 ? 45  G   B OP2   1 
ATOM   877  O  "O5'" . G   B 1 22 ? 14.188  8.987   19.576  1.00 33.62 ? 45  G   B "O5'" 1 
ATOM   878  C  "C5'" . G   B 1 22 ? 14.833  7.738   19.368  1.00 32.89 ? 45  G   B "C5'" 1 
ATOM   879  C  "C4'" . G   B 1 22 ? 15.821  7.846   18.231  1.00 33.40 ? 45  G   B "C4'" 1 
ATOM   880  O  "O4'" . G   B 1 22 ? 15.116  8.080   16.981  1.00 31.22 ? 45  G   B "O4'" 1 
ATOM   881  C  "C3'" . G   B 1 22 ? 16.815  8.995   18.305  1.00 32.94 ? 45  G   B "C3'" 1 
ATOM   882  O  "O3'" . G   B 1 22 ? 17.928  8.663   19.112  1.00 36.71 ? 45  G   B "O3'" 1 
ATOM   883  C  "C2'" . G   B 1 22 ? 17.242  9.108   16.856  1.00 32.37 ? 45  G   B "C2'" 1 
ATOM   884  O  "O2'" . G   B 1 22 ? 18.139  8.078   16.515  1.00 30.65 ? 45  G   B "O2'" 1 
ATOM   885  C  "C1'" . G   B 1 22 ? 15.899  8.925   16.148  1.00 31.34 ? 45  G   B "C1'" 1 
ATOM   886  N  N9    . G   B 1 22 ? 15.175  10.182  15.985  1.00 30.24 ? 45  G   B N9    1 
ATOM   887  C  C8    . G   B 1 22 ? 14.134  10.638  16.761  1.00 31.37 ? 45  G   B C8    1 
ATOM   888  N  N7    . G   B 1 22 ? 13.654  11.779  16.351  1.00 30.94 ? 45  G   B N7    1 
ATOM   889  C  C5    . G   B 1 22 ? 14.427  12.097  15.242  1.00 29.97 ? 45  G   B C5    1 
ATOM   890  C  C6    . G   B 1 22 ? 14.362  13.212  14.369  1.00 29.48 ? 45  G   B C6    1 
ATOM   891  O  O6    . G   B 1 22 ? 13.562  14.157  14.390  1.00 31.18 ? 45  G   B O6    1 
ATOM   892  N  N1    . G   B 1 22 ? 15.348  13.153  13.387  1.00 25.43 ? 45  G   B N1    1 
ATOM   893  C  C2    . G   B 1 22 ? 16.266  12.140  13.255  1.00 26.71 ? 45  G   B C2    1 
ATOM   894  N  N2    . G   B 1 22 ? 17.139  12.250  12.242  1.00 24.40 ? 45  G   B N2    1 
ATOM   895  N  N3    . G   B 1 22 ? 16.324  11.088  14.053  1.00 29.07 ? 45  G   B N3    1 
ATOM   896  C  C4    . G   B 1 22 ? 15.382  11.130  15.017  1.00 28.33 ? 45  G   B C4    1 
ATOM   897  P  P     . C   B 1 23 ? 18.667  9.809   19.964  1.00 38.24 ? 46  C   B P     1 
ATOM   898  O  OP1   . C   B 1 23 ? 19.734  9.111   20.717  1.00 40.90 ? 46  C   B OP1   1 
ATOM   899  O  OP2   . C   B 1 23 ? 17.654  10.608  20.701  1.00 40.11 ? 46  C   B OP2   1 
ATOM   900  O  "O5'" . C   B 1 23 ? 19.336  10.753  18.869  1.00 33.12 ? 46  C   B "O5'" 1 
ATOM   901  C  "C5'" . C   B 1 23 ? 20.353  10.262  18.000  1.00 35.23 ? 46  C   B "C5'" 1 
ATOM   902  C  "C4'" . C   B 1 23 ? 20.697  11.308  16.967  1.00 35.80 ? 46  C   B "C4'" 1 
ATOM   903  O  "O4'" . C   B 1 23 ? 19.559  11.534  16.089  1.00 36.20 ? 46  C   B "O4'" 1 
ATOM   904  C  "C3'" . C   B 1 23 ? 20.984  12.691  17.523  1.00 36.92 ? 46  C   B "C3'" 1 
ATOM   905  O  "O3'" . C   B 1 23 ? 22.193  12.859  18.257  1.00 40.90 ? 46  C   B "O3'" 1 
ATOM   906  C  "C2'" . C   B 1 23 ? 20.758  13.578  16.305  1.00 37.17 ? 46  C   B "C2'" 1 
ATOM   907  O  "O2'" . C   B 1 23 ? 21.856  13.610  15.411  1.00 38.44 ? 46  C   B "O2'" 1 
ATOM   908  C  "C1'" . C   B 1 23 ? 19.546  12.893  15.663  1.00 35.20 ? 46  C   B "C1'" 1 
ATOM   909  N  N1    . C   B 1 23 ? 18.280  13.506  16.091  1.00 32.69 ? 46  C   B N1    1 
ATOM   910  C  C2    . C   B 1 23 ? 17.767  14.569  15.348  1.00 33.28 ? 46  C   B C2    1 
ATOM   911  O  O2    . C   B 1 23 ? 18.372  14.923  14.322  1.00 33.05 ? 46  C   B O2    1 
ATOM   912  N  N3    . C   B 1 23 ? 16.626  15.177  15.758  1.00 31.33 ? 46  C   B N3    1 
ATOM   913  C  C4    . C   B 1 23 ? 15.998  14.742  16.855  1.00 33.40 ? 46  C   B C4    1 
ATOM   914  N  N4    . C   B 1 23 ? 14.875  15.374  17.236  1.00 34.40 ? 46  C   B N4    1 
ATOM   915  C  C5    . C   B 1 23 ? 16.487  13.639  17.614  1.00 32.79 ? 46  C   B C5    1 
ATOM   916  C  C6    . C   B 1 23 ? 17.620  13.057  17.201  1.00 31.98 ? 46  C   B C6    1 
HETATM 917  C  C11   . GET C 2 .  ? 2.392   12.924  6.906   1.00 34.65 ? 101 GET A C11   1 
HETATM 918  O  O11   . GET C 2 .  ? 2.821   14.090  7.640   1.00 33.85 ? 101 GET A O11   1 
HETATM 919  C  C21   . GET C 2 .  ? 2.026   13.386  5.436   1.00 35.78 ? 101 GET A C21   1 
HETATM 920  N  N21   . GET C 2 .  ? 3.194   13.965  4.752   1.00 36.32 ? 101 GET A N21   1 
HETATM 921  C  C31   . GET C 2 .  ? 0.871   14.439  5.493   1.00 37.62 ? 101 GET A C31   1 
HETATM 922  O  O31   . GET C 2 .  ? 0.518   14.880  4.167   1.00 38.88 ? 101 GET A O31   1 
HETATM 923  C  C41   . GET C 2 .  ? -0.338  13.798  6.208   1.00 36.92 ? 101 GET A C41   1 
HETATM 924  O  O41   . GET C 2 .  ? -1.420  14.753  6.276   1.00 39.04 ? 101 GET A O41   1 
HETATM 925  C  C51   . GET C 2 .  ? 0.092   13.324  7.659   1.00 37.45 ? 101 GET A C51   1 
HETATM 926  O  O51   . GET C 2 .  ? 1.216   12.361  7.587   1.00 37.65 ? 101 GET A O51   1 
HETATM 927  C  C61   . GET C 2 .  ? -1.084  12.645  8.406   1.00 38.96 ? 101 GET A C61   1 
HETATM 928  O  O61   . GET C 2 .  ? -0.670  12.243  9.707   1.00 40.06 ? 101 GET A O61   1 
HETATM 929  C  C71   . GET C 2 .  ? -1.563  11.409  7.659   1.00 39.22 ? 101 GET A C71   1 
HETATM 930  C  C12   . GET C 2 .  ? 6.237   15.053  10.019  1.00 30.09 ? 101 GET A C12   1 
HETATM 931  N  N12   . GET C 2 .  ? 7.269   15.001  11.051  1.00 31.74 ? 101 GET A N12   1 
HETATM 932  C  C22   . GET C 2 .  ? 4.839   15.045  10.724  1.00 30.03 ? 101 GET A C22   1 
HETATM 933  C  C32   . GET C 2 .  ? 3.743   15.110  9.613   1.00 31.38 ? 101 GET A C32   1 
HETATM 934  N  N32   . GET C 2 .  ? 2.400   15.092  10.225  1.00 31.93 ? 101 GET A N32   1 
HETATM 935  C  C42   . GET C 2 .  ? 3.867   13.913  8.641   1.00 30.52 ? 101 GET A C42   1 
HETATM 936  C  C52   . GET C 2 .  ? 5.281   13.922  7.999   1.00 29.58 ? 101 GET A C52   1 
HETATM 937  O  O52   . GET C 2 .  ? 5.393   12.805  7.117   1.00 26.76 ? 101 GET A O52   1 
HETATM 938  C  C62   . GET C 2 .  ? 6.379   13.802  9.076   1.00 29.74 ? 101 GET A C62   1 
HETATM 939  O  O62   . GET C 2 .  ? 7.644   13.823  8.411   1.00 34.07 ? 101 GET A O62   1 
HETATM 940  C  C13   . GET C 2 .  ? 8.606   12.839  8.871   1.00 30.55 ? 101 GET A C13   1 
HETATM 941  C  C23   . GET C 2 .  ? 9.977   13.595  8.921   1.00 30.67 ? 101 GET A C23   1 
HETATM 942  O  O23   . GET C 2 .  ? 9.920   14.654  9.869   1.00 25.67 ? 101 GET A O23   1 
HETATM 943  C  C33   . GET C 2 .  ? 10.293  14.142  7.480   1.00 30.75 ? 101 GET A C33   1 
HETATM 944  N  N33   . GET C 2 .  ? 11.584  14.890  7.466   1.00 33.53 ? 101 GET A N33   1 
HETATM 945  C  C93   . GET C 2 .  ? 11.275  16.341  7.451   1.00 29.99 ? 101 GET A C93   1 
HETATM 946  C  C43   . GET C 2 .  ? 10.346  12.947  6.474   1.00 31.47 ? 101 GET A C43   1 
HETATM 947  O  O43   . GET C 2 .  ? 11.384  12.044  6.850   1.00 32.21 ? 101 GET A O43   1 
HETATM 948  C  C83   . GET C 2 .  ? 10.628  13.414  5.051   1.00 30.94 ? 101 GET A C83   1 
HETATM 949  C  C53   . GET C 2 .  ? 8.981   12.203  6.524   1.00 31.99 ? 101 GET A C53   1 
HETATM 950  O  O53   . GET C 2 .  ? 8.687   11.747  7.900   1.00 29.59 ? 101 GET A O53   1 
HETATM 951  C  C11   . GET D 2 .  ? -2.621  -12.369 -6.674  1.00 27.14 ? 102 GET A C11   1 
HETATM 952  O  O11   . GET D 2 .  ? -3.051  -13.535 -7.384  1.00 27.07 ? 102 GET A O11   1 
HETATM 953  C  C21   . GET D 2 .  ? -1.199  -11.964 -7.216  1.00 27.51 ? 102 GET A C21   1 
HETATM 954  N  N21   . GET D 2 .  ? -1.245  -11.695 -8.663  1.00 26.15 ? 102 GET A N21   1 
HETATM 955  C  C31   . GET D 2 .  ? -0.167  -13.093 -6.915  1.00 28.43 ? 102 GET A C31   1 
HETATM 956  O  O31   . GET D 2 .  ? 1.135   -12.727 -7.409  1.00 27.85 ? 102 GET A O31   1 
HETATM 957  C  C41   . GET D 2 .  ? -0.148  -13.342 -5.389  1.00 27.55 ? 102 GET A C41   1 
HETATM 958  O  O41   . GET D 2 .  ? 0.803   -14.368 -5.089  1.00 30.06 ? 102 GET A O41   1 
HETATM 959  C  C51   . GET D 2 .  ? -1.611  -13.746 -4.919  1.00 30.11 ? 102 GET A C51   1 
HETATM 960  O  O51   . GET D 2 .  ? -2.581  -12.678 -5.247  1.00 28.94 ? 102 GET A O51   1 
HETATM 961  C  C61   . GET D 2 .  ? -1.696  -14.015 -3.389  1.00 30.28 ? 102 GET A C61   1 
HETATM 962  O  O61   . GET D 2 .  ? -3.043  -14.360 -3.044  1.00 33.72 ? 102 GET A O61   1 
HETATM 963  C  C71   . GET D 2 .  ? -1.307  -12.801 -2.573  1.00 29.30 ? 102 GET A C71   1 
HETATM 964  C  C12   . GET D 2 .  ? -6.758  -14.846 -9.099  1.00 27.97 ? 102 GET A C12   1 
HETATM 965  N  N12   . GET D 2 .  ? -8.156  -15.271 -9.248  1.00 28.07 ? 102 GET A N12   1 
HETATM 966  C  C22   . GET D 2 .  ? -6.088  -15.774 -8.023  1.00 24.91 ? 102 GET A C22   1 
HETATM 967  C  C32   . GET D 2 .  ? -4.589  -15.331 -7.879  1.00 26.64 ? 102 GET A C32   1 
HETATM 968  N  N32   . GET D 2 .  ? -3.889  -16.169 -6.864  1.00 21.34 ? 102 GET A N32   1 
HETATM 969  C  C42   . GET D 2 .  ? -4.491  -13.836 -7.449  1.00 26.54 ? 102 GET A C42   1 
HETATM 970  C  C52   . GET D 2 .  ? -5.221  -12.956 -8.500  1.00 27.84 ? 102 GET A C52   1 
HETATM 971  O  O52   . GET D 2 .  ? -5.143  -11.599 -8.068  1.00 28.76 ? 102 GET A O52   1 
HETATM 972  C  C62   . GET D 2 .  ? -6.718  -13.330 -8.625  1.00 28.44 ? 102 GET A C62   1 
HETATM 973  O  O62   . GET D 2 .  ? -7.308  -12.476 -9.644  1.00 27.05 ? 102 GET A O62   1 
HETATM 974  C  C13   . GET D 2 .  ? -8.529  -11.751 -9.291  1.00 28.36 ? 102 GET A C13   1 
HETATM 975  C  C23   . GET D 2 .  ? -9.355  -11.678 -10.636 1.00 30.59 ? 102 GET A C23   1 
HETATM 976  O  O23   . GET D 2 .  ? -9.700  -12.982 -11.072 1.00 32.24 ? 102 GET A O23   1 
HETATM 977  C  C33   . GET D 2 .  ? -8.468  -10.956 -11.719 1.00 32.53 ? 102 GET A C33   1 
HETATM 978  N  N33   . GET D 2 .  ? -9.172  -10.888 -13.015 1.00 33.40 ? 102 GET A N33   1 
HETATM 979  C  C93   . GET D 2 .  ? -8.546  -11.889 -13.914 1.00 33.26 ? 102 GET A C93   1 
HETATM 980  C  C43   . GET D 2 .  ? -8.117  -9.521  -11.215 1.00 32.48 ? 102 GET A C43   1 
HETATM 981  O  O43   . GET D 2 .  ? -9.329  -8.791  -11.057 1.00 33.25 ? 102 GET A O43   1 
HETATM 982  C  C83   . GET D 2 .  ? -7.237  -8.759  -12.207 1.00 33.59 ? 102 GET A C83   1 
HETATM 983  C  C53   . GET D 2 .  ? -7.380  -9.634  -9.842  1.00 30.19 ? 102 GET A C53   1 
HETATM 984  O  O53   . GET D 2 .  ? -8.193  -10.382 -8.853  1.00 26.73 ? 102 GET A O53   1 
HETATM 985  C  C11   . GET E 2 .  ? 8.103   4.036   2.151   1.00 73.05 ? 103 GET A C11   1 
HETATM 986  O  O11   . GET E 2 .  ? 9.312   4.826   1.994   1.00 73.46 ? 103 GET A O11   1 
HETATM 987  C  C21   . GET E 2 .  ? 7.037   4.487   1.075   1.00 72.46 ? 103 GET A C21   1 
HETATM 988  N  N21   . GET E 2 .  ? 7.577   4.359   -0.286  1.00 72.10 ? 103 GET A N21   1 
HETATM 989  C  C31   . GET E 2 .  ? 6.597   5.954   1.345   1.00 73.07 ? 103 GET A C31   1 
HETATM 990  O  O31   . GET E 2 .  ? 5.624   6.372   0.369   1.00 73.80 ? 103 GET A O31   1 
HETATM 991  C  C41   . GET E 2 .  ? 6.018   6.039   2.783   1.00 73.15 ? 103 GET A C41   1 
HETATM 992  O  O41   . GET E 2 .  ? 5.591   7.386   3.065   1.00 74.17 ? 103 GET A O41   1 
HETATM 993  C  C51   . GET E 2 .  ? 7.108   5.575   3.822   1.00 73.33 ? 103 GET A C51   1 
HETATM 994  O  O51   . GET E 2 .  ? 7.559   4.192   3.525   1.00 73.18 ? 103 GET A O51   1 
HETATM 995  C  C61   . GET E 2 .  ? 6.557   5.629   5.279   1.00 73.52 ? 103 GET A C61   1 
HETATM 996  O  O61   . GET E 2 .  ? 7.545   5.227   6.210   1.00 74.02 ? 103 GET A O61   1 
HETATM 997  C  C71   . GET E 2 .  ? 5.360   4.710   5.446   1.00 73.47 ? 103 GET A C71   1 
HETATM 998  C  C12   . GET E 2 .  ? 13.494  3.934   2.581   1.00 74.76 ? 103 GET A C12   1 
HETATM 999  N  N12   . GET E 2 .  ? 14.727  3.449   3.196   1.00 75.36 ? 103 GET A N12   1 
HETATM 1000 C  C22   . GET E 2 .  ? 12.802  4.895   3.596   1.00 74.73 ? 103 GET A C22   1 
HETATM 1001 C  C32   . GET E 2 .  ? 11.479  5.429   2.945   1.00 74.15 ? 103 GET A C32   1 
HETATM 1002 N  N32   . GET E 2 .  ? 10.798  6.347   3.871   1.00 73.53 ? 103 GET A N32   1 
HETATM 1003 C  C42   . GET E 2 .  ? 10.526  4.248   2.592   1.00 73.99 ? 103 GET A C42   1 
HETATM 1004 C  C52   . GET E 2 .  ? 11.267  3.287   1.603   1.00 73.97 ? 103 GET A C52   1 
HETATM 1005 O  O52   . GET E 2 .  ? 10.405  2.202   1.289   1.00 73.36 ? 103 GET A O52   1 
HETATM 1006 C  C62   . GET E 2 .  ? 12.557  2.712   2.245   1.00 74.56 ? 103 GET A C62   1 
HETATM 1007 O  O62   . GET E 2 .  ? 13.198  1.850   1.276   1.00 75.09 ? 103 GET A O62   1 
HETATM 1008 C  C13   . GET E 2 .  ? 13.166  0.424   1.564   1.00 75.01 ? 103 GET A C13   1 
HETATM 1009 C  C23   . GET E 2 .  ? 14.657  -0.089  1.538   1.00 75.40 ? 103 GET A C23   1 
HETATM 1010 O  O23   . GET E 2 .  ? 15.421  0.577   2.541   1.00 75.39 ? 103 GET A O23   1 
HETATM 1011 C  C33   . GET E 2 .  ? 15.260  0.166   0.094   1.00 75.94 ? 103 GET A C33   1 
HETATM 1012 N  N33   . GET E 2 .  ? 16.678  -0.296  0.023   1.00 76.49 ? 103 GET A N33   1 
HETATM 1013 C  C93   . GET E 2 .  ? 17.550  0.897   -0.032  1.00 76.55 ? 103 GET A C93   1 
HETATM 1014 C  C43   . GET E 2 .  ? 14.389  -0.582  -0.978  1.00 75.33 ? 103 GET A C43   1 
HETATM 1015 O  O43   . GET E 2 .  ? 14.416  -1.987  -0.732  1.00 75.26 ? 103 GET A O43   1 
HETATM 1016 C  C83   . GET E 2 .  ? 14.908  -0.353  -2.397  1.00 75.49 ? 103 GET A C83   1 
HETATM 1017 C  C53   . GET E 2 .  ? 12.924  -0.062  -0.855  1.00 75.47 ? 103 GET A C53   1 
HETATM 1018 O  O53   . GET E 2 .  ? 12.396  -0.275  0.518   1.00 74.85 ? 103 GET A O53   1 
HETATM 1019 O  O     . HOH F 3 .  ? -3.331  8.941   -5.228  1.00 39.75 ? 201 HOH A O     1 
HETATM 1020 O  O     . HOH F 3 .  ? -11.148 5.030   -5.962  1.00 52.97 ? 202 HOH A O     1 
HETATM 1021 O  O     . HOH F 3 .  ? 1.127   -18.564 -10.353 1.00 48.75 ? 203 HOH A O     1 
HETATM 1022 O  O     . HOH F 3 .  ? 5.441   -20.869 0.341   1.00 41.79 ? 204 HOH A O     1 
HETATM 1023 O  O     . HOH F 3 .  ? 12.830  2.641   12.407  1.00 22.04 ? 205 HOH A O     1 
HETATM 1024 O  O     . HOH F 3 .  ? -1.940  -17.402 -3.737  1.00 34.95 ? 206 HOH A O     1 
HETATM 1025 O  O     . HOH F 3 .  ? 8.217   24.078  11.562  1.00 46.22 ? 207 HOH A O     1 
HETATM 1026 O  O     . HOH F 3 .  ? -1.434  14.558  10.893  1.00 38.47 ? 208 HOH A O     1 
HETATM 1027 O  O     . HOH F 3 .  ? -6.169  9.842   1.692   1.00 24.29 ? 209 HOH A O     1 
HETATM 1028 O  O     . HOH F 3 .  ? 13.362  1.794   8.815   1.00 50.16 ? 210 HOH A O     1 
HETATM 1029 O  O     . HOH F 3 .  ? -20.052 -17.655 -9.035  1.00 43.61 ? 211 HOH A O     1 
HETATM 1030 O  O     . HOH F 3 .  ? -1.314  6.638   -8.812  1.00 32.16 ? 212 HOH A O     1 
HETATM 1031 O  O     . HOH F 3 .  ? 5.450   4.302   14.299  1.00 25.18 ? 213 HOH A O     1 
HETATM 1032 O  O     . HOH F 3 .  ? 15.883  25.350  10.180  1.00 49.02 ? 214 HOH A O     1 
HETATM 1033 O  O     . HOH F 3 .  ? 3.804   -16.673 -12.262 1.00 55.21 ? 215 HOH A O     1 
HETATM 1034 O  O     . HOH F 3 .  ? 6.988   -17.671 -9.289  1.00 53.73 ? 216 HOH A O     1 
HETATM 1035 O  O     . HOH F 3 .  ? -11.921 5.455   2.831   1.00 41.14 ? 217 HOH A O     1 
HETATM 1036 O  O     . HOH F 3 .  ? -5.594  11.549  -0.475  1.00 56.76 ? 218 HOH A O     1 
HETATM 1037 O  O     . HOH F 3 .  ? -0.824  1.036   13.859  1.00 53.35 ? 219 HOH A O     1 
HETATM 1038 O  O     . HOH F 3 .  ? -9.843  -22.941 -7.303  1.00 59.54 ? 220 HOH A O     1 
HETATM 1039 O  O     . HOH F 3 .  ? -18.773 -20.404 -8.374  1.00 67.97 ? 221 HOH A O     1 
HETATM 1040 O  O     . HOH F 3 .  ? -6.600  1.880   -13.634 1.00 57.68 ? 222 HOH A O     1 
HETATM 1041 O  O     . HOH F 3 .  ? -8.161  -17.360 1.922   1.00 87.10 ? 223 HOH A O     1 
HETATM 1042 O  O     . HOH F 3 .  ? 3.238   -8.021  -16.590 1.00 65.31 ? 224 HOH A O     1 
HETATM 1043 O  O     . HOH F 3 .  ? -4.312  -17.504 0.644   1.00 30.78 ? 225 HOH A O     1 
HETATM 1044 O  O     . HOH F 3 .  ? -5.341  0.806   -16.372 0.50 35.01 ? 226 HOH A O     1 
HETATM 1045 O  O     . HOH F 3 .  ? -2.302  -20.704 -10.740 1.00 34.50 ? 227 HOH A O     1 
HETATM 1046 O  O     . HOH F 3 .  ? -15.069 -24.039 -5.712  1.00 66.66 ? 228 HOH A O     1 
HETATM 1047 O  O     . HOH F 3 .  ? 17.993  21.817  5.910   1.00 62.37 ? 229 HOH A O     1 
HETATM 1048 O  O     . HOH F 3 .  ? 1.028   -5.621  -18.507 1.00 66.33 ? 230 HOH A O     1 
HETATM 1049 O  O     . HOH F 3 .  ? 0.912   -11.383 -10.629 1.00 33.35 ? 231 HOH A O     1 
HETATM 1050 O  O     . HOH F 3 .  ? 0.027   4.154   3.939   1.00 31.00 ? 232 HOH A O     1 
HETATM 1051 O  O     . HOH F 3 .  ? -0.408  3.257   1.564   1.00 27.08 ? 233 HOH A O     1 
HETATM 1052 O  O     . HOH F 3 .  ? 2.107   5.573   2.525   1.00 31.77 ? 234 HOH A O     1 
HETATM 1053 O  O     . HOH F 3 .  ? -3.457  -10.551 -9.730  1.00 30.84 ? 235 HOH A O     1 
HETATM 1054 O  O     . HOH F 3 .  ? -3.922  -15.040 -0.688  1.00 31.06 ? 236 HOH A O     1 
HETATM 1055 O  O     . HOH F 3 .  ? 3.268   4.949   0.384   1.00 30.10 ? 237 HOH A O     1 
HETATM 1056 O  O     . HOH F 3 .  ? -3.121  -8.190  -6.348  1.00 34.21 ? 238 HOH A O     1 
HETATM 1057 O  O     . HOH F 3 .  ? 9.809   8.200   6.295   1.00 37.73 ? 239 HOH A O     1 
HETATM 1058 O  O     . HOH F 3 .  ? 9.362   8.178   1.842   1.00 36.99 ? 240 HOH A O     1 
HETATM 1059 O  O     . HOH F 3 .  ? 2.750   -14.363 -3.087  1.00 33.42 ? 241 HOH A O     1 
HETATM 1060 O  O     . HOH F 3 .  ? -2.529  -1.953  -8.097  1.00 40.97 ? 242 HOH A O     1 
HETATM 1061 O  O     . HOH F 3 .  ? 5.791   0.878   4.135   1.00 42.74 ? 243 HOH A O     1 
HETATM 1062 O  O     . HOH F 3 .  ? 3.302   4.793   5.139   1.00 70.94 ? 244 HOH A O     1 
HETATM 1063 O  O     . HOH F 3 .  ? -6.918  -1.234  -12.281 1.00 47.32 ? 245 HOH A O     1 
HETATM 1064 O  O     . HOH F 3 .  ? -0.373  -0.193  4.376   1.00 41.77 ? 246 HOH A O     1 
HETATM 1065 O  O     . HOH F 3 .  ? -1.111  2.440   5.904   1.00 50.68 ? 247 HOH A O     1 
HETATM 1066 O  O     . HOH F 3 .  ? -4.974  -14.562 -11.932 1.00 39.64 ? 248 HOH A O     1 
HETATM 1067 O  O     . HOH F 3 .  ? -14.317 -13.129 -1.412  1.00 56.26 ? 249 HOH A O     1 
HETATM 1068 O  O     . HOH F 3 .  ? 6.492   -6.825  -6.838  1.00 45.53 ? 250 HOH A O     1 
HETATM 1069 O  O     . HOH F 3 .  ? -1.079  9.833   10.989  1.00 53.98 ? 251 HOH A O     1 
HETATM 1070 O  O     . HOH F 3 .  ? -4.188  8.399   11.542  1.00 47.94 ? 252 HOH A O     1 
HETATM 1071 O  O     . HOH F 3 .  ? -7.281  4.673   10.325  1.00 45.84 ? 253 HOH A O     1 
HETATM 1072 O  O     . HOH F 3 .  ? 4.223   -12.501 -1.059  1.00 46.05 ? 254 HOH A O     1 
HETATM 1073 O  O     . HOH F 3 .  ? -4.248  -11.475 -12.090 1.00 36.10 ? 255 HOH A O     1 
HETATM 1074 O  O     . HOH F 3 .  ? -2.814  1.324   0.087   1.00 43.27 ? 256 HOH A O     1 
HETATM 1075 O  O     . HOH F 3 .  ? 5.767   -2.464  6.606   1.00 57.83 ? 257 HOH A O     1 
HETATM 1076 O  O     . HOH F 3 .  ? 1.016   -14.878 -1.108  1.00 40.34 ? 258 HOH A O     1 
HETATM 1077 O  O     . HOH F 3 .  ? -0.712  -8.719  -8.471  1.00 41.81 ? 259 HOH A O     1 
HETATM 1078 O  O     . HOH F 3 .  ? -4.445  -5.792  -5.755  1.00 41.57 ? 260 HOH A O     1 
HETATM 1079 O  O     . HOH F 3 .  ? -6.519  -2.758  -8.450  1.00 50.57 ? 261 HOH A O     1 
HETATM 1080 O  O     . HOH F 3 .  ? -4.735  -3.860  -12.027 1.00 50.84 ? 262 HOH A O     1 
HETATM 1081 O  O     . HOH F 3 .  ? 5.302   9.010   0.671   1.00 42.93 ? 263 HOH A O     1 
HETATM 1082 O  O     . HOH F 3 .  ? 6.398   13.856  4.879   1.00 46.52 ? 264 HOH A O     1 
HETATM 1083 O  O     . HOH F 3 .  ? 3.297   15.181  1.969   1.00 53.95 ? 265 HOH A O     1 
HETATM 1084 O  O     . HOH F 3 .  ? 11.465  17.389  -1.573  0.50 33.66 ? 266 HOH A O     1 
HETATM 1085 O  O     . HOH F 3 .  ? 5.850   16.272  13.833  1.00 35.80 ? 267 HOH A O     1 
HETATM 1086 O  O     . HOH F 3 .  ? -5.989  2.190   -0.432  1.00 36.23 ? 268 HOH A O     1 
HETATM 1087 O  O     . HOH F 3 .  ? 0.560   -2.410  8.783   1.00 61.69 ? 269 HOH A O     1 
HETATM 1088 O  O     . HOH F 3 .  ? -2.262  -1.288  7.227   1.00 57.85 ? 270 HOH A O     1 
HETATM 1089 O  O     . HOH F 3 .  ? -3.822  -1.820  -5.471  1.00 75.63 ? 271 HOH A O     1 
HETATM 1090 O  O     . HOH F 3 .  ? -21.494 -9.757  -6.121  1.00 54.88 ? 272 HOH A O     1 
HETATM 1091 O  O     . HOH G 3 .  ? 8.886   6.536   14.312  1.00 43.82 ? 101 HOH B O     1 
HETATM 1092 O  O     . HOH G 3 .  ? -4.413  16.472  8.381   1.00 29.92 ? 102 HOH B O     1 
HETATM 1093 O  O     . HOH G 3 .  ? -7.430  -23.732 -14.739 1.00 46.53 ? 103 HOH B O     1 
HETATM 1094 O  O     . HOH G 3 .  ? 1.984   -12.723 3.243   1.00 56.14 ? 104 HOH B O     1 
HETATM 1095 O  O     . HOH G 3 .  ? -3.931  15.397  4.860   1.00 42.13 ? 105 HOH B O     1 
HETATM 1096 O  O     . HOH G 3 .  ? -4.143  18.369  1.823   1.00 45.71 ? 106 HOH B O     1 
HETATM 1097 O  O     . HOH G 3 .  ? -0.041  9.918   -6.960  1.00 43.05 ? 107 HOH B O     1 
HETATM 1098 O  O     . HOH G 3 .  ? -5.133  15.578  -0.104  1.00 37.64 ? 108 HOH B O     1 
HETATM 1099 O  O     . HOH G 3 .  ? -5.752  24.786  4.453   1.00 50.21 ? 109 HOH B O     1 
HETATM 1100 O  O     . HOH G 3 .  ? -15.411 -11.852 -19.718 1.00 52.39 ? 110 HOH B O     1 
HETATM 1101 O  O     . HOH G 3 .  ? -10.114 -30.134 -20.029 1.00 58.27 ? 111 HOH B O     1 
HETATM 1102 O  O     . HOH G 3 .  ? 0.421   23.626  4.848   1.00 38.90 ? 112 HOH B O     1 
HETATM 1103 O  O     . HOH G 3 .  ? -4.544  -13.652 -19.502 1.00 54.11 ? 113 HOH B O     1 
HETATM 1104 O  O     . HOH G 3 .  ? -12.207 -5.535  2.777   1.00 52.14 ? 114 HOH B O     1 
HETATM 1105 O  O     . HOH G 3 .  ? 12.025  4.751   20.284  1.00 51.52 ? 115 HOH B O     1 
HETATM 1106 O  O     . HOH G 3 .  ? -6.091  10.930  5.301   1.00 41.42 ? 116 HOH B O     1 
HETATM 1107 O  O     . HOH G 3 .  ? 4.472   11.664  -10.238 1.00 82.52 ? 117 HOH B O     1 
HETATM 1108 O  O     . HOH G 3 .  ? 11.072  5.742   22.396  1.00 42.40 ? 118 HOH B O     1 
HETATM 1109 O  O     . HOH G 3 .  ? -11.486 -11.256 -22.857 1.00 44.63 ? 119 HOH B O     1 
HETATM 1110 O  O     . HOH G 3 .  ? 4.668   15.548  21.111  1.00 47.56 ? 120 HOH B O     1 
HETATM 1111 O  O     . HOH G 3 .  ? -1.729  20.547  16.199  1.00 54.96 ? 121 HOH B O     1 
HETATM 1112 O  O     . HOH G 3 .  ? 7.382   14.349  22.095  1.00 53.42 ? 122 HOH B O     1 
HETATM 1113 O  O     . HOH G 3 .  ? 23.713  13.633  21.520  1.00 48.84 ? 123 HOH B O     1 
HETATM 1114 O  O     . HOH G 3 .  ? -4.964  18.041  6.234   0.50 37.09 ? 124 HOH B O     1 
HETATM 1115 O  O     . HOH G 3 .  ? 19.861  12.672  23.383  1.00 45.50 ? 125 HOH B O     1 
HETATM 1116 O  O     . HOH G 3 .  ? 0.476   19.359  20.143  1.00 47.69 ? 126 HOH B O     1 
HETATM 1117 O  O     . HOH G 3 .  ? 7.147   18.033  -2.469  1.00 55.22 ? 127 HOH B O     1 
HETATM 1118 O  O     . HOH G 3 .  ? 3.563   22.226  1.324   1.00 41.56 ? 128 HOH B O     1 
HETATM 1119 O  O     . HOH G 3 .  ? 6.142   5.863   -2.304  1.00 37.21 ? 129 HOH B O     1 
HETATM 1120 O  O     . HOH G 3 .  ? 5.932   13.466  17.682  1.00 43.93 ? 130 HOH B O     1 
HETATM 1121 O  O     . HOH G 3 .  ? 14.977  12.140  20.626  1.00 43.11 ? 131 HOH B O     1 
HETATM 1122 O  O     . HOH G 3 .  ? 12.037  12.657  18.299  1.00 40.14 ? 132 HOH B O     1 
HETATM 1123 O  O     . HOH G 3 .  ? 6.407   -9.027  -3.450  1.00 37.10 ? 133 HOH B O     1 
HETATM 1124 O  O     . HOH G 3 .  ? 4.786   2.223   -0.137  1.00 39.69 ? 134 HOH B O     1 
HETATM 1125 O  O     . HOH G 3 .  ? 1.843   2.185   0.279   1.00 43.60 ? 135 HOH B O     1 
HETATM 1126 O  O     . HOH G 3 .  ? 3.922   11.139  4.163   1.00 31.03 ? 136 HOH B O     1 
HETATM 1127 O  O     . HOH G 3 .  ? 4.983   12.924  -0.653  1.00 44.81 ? 137 HOH B O     1 
HETATM 1128 O  O     . HOH G 3 .  ? 9.481   13.031  19.254  1.00 40.37 ? 138 HOH B O     1 
HETATM 1129 O  O     . HOH G 3 .  ? 0.191   8.064   14.933  1.00 45.18 ? 139 HOH B O     1 
HETATM 1130 O  O     . HOH G 3 .  ? 6.651   9.562   -1.403  1.00 45.63 ? 140 HOH B O     1 
HETATM 1131 O  O     . HOH G 3 .  ? 6.970   0.908   1.558   1.00 48.11 ? 141 HOH B O     1 
HETATM 1132 O  O     . HOH G 3 .  ? -7.126  -25.625 -17.929 1.00 63.62 ? 142 HOH B O     1 
HETATM 1133 O  O     . HOH G 3 .  ? 7.564   0.433   -7.713  1.00 45.51 ? 143 HOH B O     1 
HETATM 1134 O  O     . HOH G 3 .  ? -4.387  -5.591  7.063   1.00 47.78 ? 144 HOH B O     1 
HETATM 1135 O  O     . HOH G 3 .  ? 7.770   8.751   -10.003 1.00 51.73 ? 145 HOH B O     1 
HETATM 1136 O  O     . HOH G 3 .  ? -14.255 -11.827 -4.105  1.00 56.47 ? 146 HOH B O     1 
HETATM 1137 O  O     . HOH G 3 .  ? -4.959  -9.910  -5.435  1.00 36.87 ? 147 HOH B O     1 
HETATM 1138 O  O     . HOH G 3 .  ? 0.167   -1.069  0.903   1.00 42.49 ? 148 HOH B O     1 
HETATM 1139 O  O     . HOH G 3 .  ? -16.159 -8.001  -16.375 1.00 60.81 ? 149 HOH B O     1 
HETATM 1140 O  O     . HOH G 3 .  ? -17.995 -8.748  -8.097  1.00 61.54 ? 150 HOH B O     1 
HETATM 1141 O  O     . HOH G 3 .  ? 7.053   -4.014  -6.662  1.00 43.77 ? 151 HOH B O     1 
HETATM 1142 O  O     . HOH G 3 .  ? 2.504   21.394  7.773   1.00 64.18 ? 152 HOH B O     1 
HETATM 1143 O  O     . HOH G 3 .  ? 5.010   -2.400  1.999   1.00 54.36 ? 153 HOH B O     1 
HETATM 1144 O  O     . HOH G 3 .  ? -9.542  -2.635  -7.887  1.00 46.54 ? 154 HOH B O     1 
HETATM 1145 O  O     . HOH G 3 .  ? 5.608   16.377  2.105   1.00 58.88 ? 155 HOH B O     1 
HETATM 1146 O  O     . HOH G 3 .  ? 2.683   17.732  7.240   1.00 49.94 ? 156 HOH B O     1 
HETATM 1147 O  O     . HOH G 3 .  ? 2.367   20.089  4.231   1.00 72.09 ? 157 HOH B O     1 
HETATM 1148 O  O     . HOH G 3 .  ? 1.673   15.891  19.945  1.00 56.32 ? 158 HOH B O     1 
HETATM 1149 O  O     . HOH G 3 .  ? 11.429  15.023  15.747  1.00 39.55 ? 159 HOH B O     1 
HETATM 1150 O  O     . HOH G 3 .  ? 9.782   6.884   -0.730  1.00 37.68 ? 160 HOH B O     1 
HETATM 1151 O  O     . HOH G 3 .  ? 4.350   5.077   -8.127  1.00 47.12 ? 161 HOH B O     1 
HETATM 1152 O  O     . HOH G 3 .  ? -0.448  -3.669  2.298   1.00 51.12 ? 162 HOH B O     1 
HETATM 1153 O  O     . HOH G 3 .  ? 5.749   -9.488  3.982   1.00 40.08 ? 163 HOH B O     1 
HETATM 1154 O  O     . HOH G 3 .  ? -1.063  -2.525  -1.542  1.00 49.34 ? 164 HOH B O     1 
HETATM 1155 O  O     . HOH G 3 .  ? 1.887   6.529   -9.131  1.00 60.22 ? 165 HOH B O     1 
HETATM 1156 O  O     . HOH G 3 .  ? 8.035   11.803  -8.763  1.00 63.49 ? 166 HOH B O     1 
# 
